data_6Z8K
#
_entry.id   6Z8K
#
loop_
_entity.id
_entity.type
_entity.pdbx_description
1 polymer "La Crosse virus 5' vRNA 1-10"
2 polymer "La Crosse virus 5' vRNA (9-16)"
3 polymer "La Crosse virus 3' vRNA (1-16)"
4 polymer 'RNA-directed RNA polymerase L'
5 non-polymer 'ZINC ION'
6 non-polymer 'MAGNESIUM ION'
#
loop_
_entity_poly.entity_id
_entity_poly.type
_entity_poly.pdbx_seq_one_letter_code
_entity_poly.pdbx_strand_id
1 'polyribonucleotide' AGUAGUGUGC C,T
2 'polyribonucleotide' GCUACCAA X
3 'polyribonucleotide' UUGGUAGUACACUACU H,P
4 'polypeptide(L)'
;MGHHHHHHDYDIPTTENLYFQGMDYQEYQQFLARINTARDACVAKDIDVDLLMARHDYFGRELCKSLNIEYRNDVPFIDI
ILDIRPEVDPLTIDAPHITPDNYLYINNVLYIIDYKVSVSNESSVITYDKYYELTRDISDRLSIPIEIVIIRIDPVSRDL
HINSDRFKELYPTIVVDINFNQFFDLKQLLYEKFGDDEEFLLKVAHGDFTLTAPWCKTGCPEFWKHPIYKEFKMSMPVPE
RRLFEESVKFNAYESERWNTNLVKIREYTKKDYSEHISKSAKNIFLASGFYKQPNKNEISEGWTLMVERVQDQREISKSL
HDQKPSIHFIWGAHNPGNSNNATFKLILLSKSLQSIKGISTYTEAFKSLGKMMDIGDKAIEYEEFCMSLKSKARSSWKQI
MNKKLEPKQINNALVLWEQQFMINNDLIDKSEKLKLFKNFCGIGKHKQFKNKMLEDLEVSKPKILDFDDANMYLASLTMM
EQSKKILSKSNGLKPDNFILNEFGSRIKDANKETYDNMHKIFETGYWQCISDFSTLMKNILSVSQYNRHNTFRIAMCANN
NVFAIVFPSADIKTKKATVVYSIIVLHKEEENIFNPGCLHGTFKCMNGYISISRAIRLDKERCQRIVSSPGLFLTTCLLF
KHDNPTLVMSDIMNFSIYTSLSITKSVLSLTEPARYMIMNSLAISSNVKDYIAEKFSPYTKTLFSVYMTRLIKNACFDAY
DQRQRVQLRDIYLSDYDITQKGIKDNRELTSIWFPGSVTLKEYLTQIYLPFYFNAKGLHEKHHVMVDLAKTILEIECEQR
ENIKEIWSTNCTKQTVNLKILIHSLCKNLLADTSRHNHLRNRIENRNNFRRSITTISTFTSSKSCLKIGDFRKEKELQSV
KQKKILEVQSRKMRLANPMFVTDEQVCLEVGHCNYEMLRNAMPNYTDYISTKVFDRLYELLDKKVLTDKPVIEQIMDMMI
DHKKFYFTFFNKGQKTSKDREIFVGEYEAKMCMYAVERIAKERCKLNPDEMISEPGDGKLKVLEQKSEQEIRFLVETTRQ
KNREIDEAIEALATEGYESNLGKIEKLSLGKAKGLKMEINADMSKWSAQDVFYKYFWLIALDPILYPQEKERILYFMCNY
MDKELILPDELLFNLLDQKVAYQNDIIATMTNQLNSNTVLIKRNWLQGNFNYTSSYVHSCAMSVYKEILKEAITLLDGSI
LVNSLVHSDDNQTSITIVQDKMENDKIIDFAMKEFERACLTFGCQANMKKTYVTNCIKEFVSLFNLYGEPFSIYGRFLLT
SVGDCAYIGPYEDLASRISSAQTAIKHGCPPSLAWVSIAISHWMTSLTYNMLPGQSNDPIDYFPAENRKDIPIELNGVLD
APLSMISTVGLESGNLYFLIKLLSKYTPVMQKRESVVNQIAEVKNWKVEDLTDNEIFRLKILRYLVLDAEMDPSDIMGET
SDMRGRSILTPRKFTTAGSLRKLYSFSKYQDRLSSPGGMVELFTYLLEKPELLVTKGEDMKDYMESVIFRYNSKRFKESL
SIQNPAQLFIEQILFSHKPVIDFSGIRDKYINLHDSRALEKEPDILGKVTFTEAYRLLMRDLSSLELTNDDIQVIYSYII
LNDPMMITIANTHILSIYGSPQRRMGMSCSTMPEFRNLKLIHHSPALVLRAYSKNNPDIQGADPTEMARDLVHLKEFVEN
TNLEEKMKVRIAMNEAEKGQRDIVFELKEMTRFYQVCYEYVKSTEHKIKVFILPAKSYTTTDFCSLMQGNLIKDKEWYTV
HYLKQILSGGHKAIMQHNATSEQNIAFECFKLITHFADSFIDSLSRSAFLQLIIDEFSYKDVKVSKLYDIIKNGYNRTDF
IPLLFRTGDLRQADLDKYDAMKSHERVTWNDWQTSRHLDMGSINLTITGYNRSITIIGEDNKLTYAELCLTRKTPENITI
SGRKLLGSRHGLKFENMSKIQTYPGNYYITYRKKDRHQFVYQIHSHESITRRNEEHMAIRTRIYNEITPVCVVNVAEVDG
DQRILIRSLDYLNNDIFSLSRIKVGLDEFATIKKAHFSKMVSFEGPPIKTGLLDLTELMKSQDLLNLNYDNIRNSNLISF
SKLICCEGSDNINDGLEFLSDDPMNFTEGEAIHSTPIFNIYYSKRGERHMTYRNAIKLLIERETKIFEEAFTFSENGFIS
PENLGCLEAVVSLIKLLKTNEWSTVIDKCIHICLIKNGMDHMYHSFDVPKCFMGNPITRDINWVMFREFINSLPGTDIPP
WNVMTENFKKKCIALINSKFETQRDFSEFTKLMKKEGGRSNIEFD
;
A
#
loop_
_chem_comp.id
_chem_comp.type
_chem_comp.name
_chem_comp.formula
A RNA linking ADENOSINE-5'-MONOPHOSPHATE 'C10 H14 N5 O7 P'
C RNA linking CYTIDINE-5'-MONOPHOSPHATE 'C9 H14 N3 O8 P'
G RNA linking GUANOSINE-5'-MONOPHOSPHATE 'C10 H14 N5 O8 P'
MG non-polymer 'MAGNESIUM ION' 'Mg 2'
U RNA linking URIDINE-5'-MONOPHOSPHATE 'C9 H13 N2 O9 P'
ZN non-polymer 'ZINC ION' 'Zn 2'
#
# COMPACT_ATOMS: atom_id res chain seq x y z
N MET F 23 21.45 -4.91 15.10
CA MET F 23 22.15 -4.22 16.17
C MET F 23 23.02 -5.16 16.99
N ASP F 24 23.83 -5.97 16.28
CA ASP F 24 24.79 -6.91 16.84
C ASP F 24 24.09 -7.94 17.74
N TYR F 25 23.38 -8.85 17.07
CA TYR F 25 22.37 -9.80 17.56
C TYR F 25 22.64 -10.42 18.93
N GLN F 26 23.92 -10.62 19.28
CA GLN F 26 24.26 -11.02 20.64
C GLN F 26 23.84 -9.96 21.66
N GLU F 27 24.13 -8.69 21.36
CA GLU F 27 23.73 -7.62 22.26
C GLU F 27 22.23 -7.39 22.23
N TYR F 28 21.59 -7.67 21.09
CA TYR F 28 20.13 -7.72 21.01
C TYR F 28 19.57 -8.75 21.98
N GLN F 29 20.14 -9.95 21.97
CA GLN F 29 19.66 -11.01 22.85
C GLN F 29 19.95 -10.70 24.31
N GLN F 30 21.03 -9.96 24.60
CA GLN F 30 21.29 -9.67 26.00
C GLN F 30 20.35 -8.59 26.53
N PHE F 31 19.94 -7.64 25.68
CA PHE F 31 18.86 -6.74 26.08
C PHE F 31 17.54 -7.49 26.22
N LEU F 32 17.29 -8.46 25.34
CA LEU F 32 16.01 -9.17 25.37
C LEU F 32 15.90 -10.04 26.62
N ALA F 33 16.97 -10.77 26.95
CA ALA F 33 16.97 -11.56 28.18
C ALA F 33 17.07 -10.66 29.40
N ARG F 34 17.54 -9.43 29.24
CA ARG F 34 17.51 -8.45 30.32
C ARG F 34 16.11 -7.91 30.54
N ILE F 35 15.26 -7.95 29.52
CA ILE F 35 13.88 -7.51 29.65
C ILE F 35 12.99 -8.61 30.23
N ASN F 36 13.21 -9.86 29.79
CA ASN F 36 12.36 -10.97 30.24
C ASN F 36 12.54 -11.25 31.72
N THR F 37 13.72 -10.97 32.25
CA THR F 37 14.00 -11.20 33.67
C THR F 37 13.56 -10.04 34.55
N ALA F 38 13.00 -8.98 33.97
CA ALA F 38 12.63 -7.81 34.76
C ALA F 38 11.37 -8.09 35.55
N ARG F 39 11.43 -7.80 36.85
CA ARG F 39 10.31 -8.01 37.74
C ARG F 39 10.06 -6.73 38.54
N ASP F 40 11.07 -5.89 38.61
CA ASP F 40 10.94 -4.64 39.34
C ASP F 40 10.52 -3.52 38.40
N ALA F 41 9.74 -2.58 38.92
CA ALA F 41 9.43 -1.38 38.16
C ALA F 41 10.56 -0.37 38.21
N CYS F 42 11.55 -0.59 39.07
CA CYS F 42 12.67 0.33 39.20
C CYS F 42 13.80 0.02 38.24
N VAL F 43 13.89 -1.21 37.75
CA VAL F 43 14.98 -1.57 36.84
C VAL F 43 14.60 -1.39 35.37
N ALA F 44 13.30 -1.37 35.04
CA ALA F 44 12.91 -1.12 33.66
C ALA F 44 13.19 0.31 33.24
N LYS F 45 13.28 1.23 34.20
CA LYS F 45 13.79 2.56 33.90
C LYS F 45 15.24 2.51 33.44
N ASP F 46 16.04 1.66 34.07
CA ASP F 46 17.42 1.46 33.64
C ASP F 46 17.46 0.81 32.26
N ILE F 47 16.51 -0.08 31.98
CA ILE F 47 16.48 -0.72 30.67
C ILE F 47 16.10 0.28 29.59
N ASP F 48 15.19 1.20 29.93
CA ASP F 48 14.80 2.24 28.98
C ASP F 48 15.94 3.21 28.70
N VAL F 49 16.69 3.59 29.73
CA VAL F 49 17.83 4.47 29.55
C VAL F 49 18.92 3.78 28.73
N ASP F 50 19.18 2.50 29.02
CA ASP F 50 20.15 1.74 28.24
C ASP F 50 19.71 1.55 26.80
N LEU F 51 18.40 1.43 26.57
CA LEU F 51 17.89 1.28 25.22
C LEU F 51 18.05 2.58 24.43
N LEU F 52 17.79 3.71 25.08
CA LEU F 52 17.94 4.99 24.39
C LEU F 52 19.40 5.32 24.12
N MET F 53 20.30 5.01 25.06
CA MET F 53 21.70 5.30 24.78
C MET F 53 22.29 4.28 23.81
N ALA F 54 21.73 3.08 23.74
CA ALA F 54 22.17 2.12 22.73
C ALA F 54 21.72 2.55 21.34
N ARG F 55 20.52 3.10 21.24
CA ARG F 55 20.06 3.68 19.98
C ARG F 55 20.94 4.86 19.59
N HIS F 56 21.32 5.67 20.57
CA HIS F 56 22.16 6.85 20.34
C HIS F 56 23.53 6.46 19.82
N ASP F 57 24.21 5.54 20.47
CA ASP F 57 25.56 5.26 20.01
C ASP F 57 25.57 4.33 18.79
N TYR F 58 24.46 3.63 18.53
CA TYR F 58 24.31 2.96 17.24
C TYR F 58 24.26 3.97 16.10
N PHE F 59 23.45 5.03 16.26
CA PHE F 59 23.43 6.09 15.25
C PHE F 59 24.78 6.79 15.15
N GLY F 60 25.49 6.93 16.26
CA GLY F 60 26.81 7.54 16.22
C GLY F 60 27.81 6.73 15.43
N ARG F 61 27.81 5.41 15.63
CA ARG F 61 28.72 4.53 14.89
C ARG F 61 28.39 4.51 13.41
N GLU F 62 27.09 4.48 13.08
CA GLU F 62 26.71 4.42 11.67
C GLU F 62 26.99 5.74 10.96
N LEU F 63 26.81 6.86 11.66
CA LEU F 63 27.07 8.16 11.04
C LEU F 63 28.57 8.41 10.88
N CYS F 64 29.37 8.05 11.89
CA CYS F 64 30.81 8.18 11.74
C CYS F 64 31.35 7.19 10.71
N LYS F 65 30.63 6.10 10.46
CA LYS F 65 31.00 5.20 9.39
C LYS F 65 30.73 5.82 8.02
N SER F 66 29.54 6.40 7.85
CA SER F 66 29.19 6.97 6.55
C SER F 66 29.93 8.27 6.27
N LEU F 67 30.48 8.93 7.29
CA LEU F 67 31.28 10.13 7.07
C LEU F 67 32.75 9.85 6.89
N ASN F 68 33.19 8.63 7.17
CA ASN F 68 34.61 8.23 7.26
C ASN F 68 35.37 9.15 8.20
N ILE F 69 34.80 9.38 9.38
CA ILE F 69 35.47 10.05 10.47
C ILE F 69 35.55 9.08 11.63
N GLU F 70 36.51 9.29 12.51
CA GLU F 70 36.73 8.35 13.59
C GLU F 70 35.67 8.51 14.67
N TYR F 71 35.05 7.40 15.05
CA TYR F 71 33.99 7.43 16.06
C TYR F 71 34.63 7.53 17.43
N ARG F 72 34.79 8.77 17.90
CA ARG F 72 35.23 8.97 19.27
C ARG F 72 34.02 8.98 20.20
N ASN F 73 34.26 8.52 21.43
CA ASN F 73 33.29 8.64 22.50
C ASN F 73 33.95 9.34 23.68
N ASP F 74 33.12 10.00 24.51
CA ASP F 74 33.38 10.62 25.82
C ASP F 74 34.78 11.25 25.96
N VAL F 75 35.12 12.08 24.98
CA VAL F 75 36.37 12.84 25.00
C VAL F 75 36.06 14.26 25.46
N PRO F 76 36.60 14.72 26.57
CA PRO F 76 36.35 16.09 27.03
C PRO F 76 37.11 17.12 26.20
N PHE F 77 36.87 18.40 26.53
CA PHE F 77 37.44 19.50 25.76
C PHE F 77 38.96 19.54 25.84
N ILE F 78 39.54 19.11 26.96
CA ILE F 78 40.98 19.23 27.18
C ILE F 78 41.73 18.32 26.21
N ASP F 79 41.17 17.14 25.96
CA ASP F 79 41.73 16.22 24.97
C ASP F 79 41.65 16.82 23.56
N ILE F 80 40.56 17.54 23.28
CA ILE F 80 40.41 18.19 21.98
C ILE F 80 41.45 19.29 21.80
N ILE F 81 41.71 20.04 22.87
CA ILE F 81 42.68 21.13 22.81
C ILE F 81 44.09 20.58 22.60
N LEU F 82 44.44 19.52 23.34
CA LEU F 82 45.78 18.95 23.18
C LEU F 82 45.92 18.15 21.90
N ASP F 83 44.82 17.75 21.26
CA ASP F 83 44.94 17.16 19.93
C ASP F 83 45.09 18.22 18.86
N ILE F 84 44.41 19.35 19.02
CA ILE F 84 44.54 20.43 18.04
C ILE F 84 45.83 21.20 18.26
N ARG F 85 46.12 21.60 19.49
CA ARG F 85 47.26 22.45 19.80
C ARG F 85 48.08 21.75 20.87
N PRO F 86 49.01 20.85 20.49
CA PRO F 86 49.68 19.98 21.45
C PRO F 86 50.93 20.60 22.10
N GLU F 87 50.82 21.85 22.52
CA GLU F 87 51.92 22.44 23.28
C GLU F 87 51.48 23.24 24.50
N VAL F 88 50.20 23.53 24.67
CA VAL F 88 49.72 24.28 25.83
C VAL F 88 49.35 23.30 26.92
N ASP F 89 49.48 23.73 28.15
CA ASP F 89 49.09 22.94 29.31
C ASP F 89 47.78 23.47 29.88
N PRO F 90 47.01 22.64 30.59
CA PRO F 90 45.74 23.12 31.17
C PRO F 90 45.91 24.04 32.37
N LEU F 91 47.14 24.36 32.76
CA LEU F 91 47.38 25.44 33.71
C LEU F 91 47.04 26.81 33.12
N THR F 92 47.04 26.93 31.79
CA THR F 92 46.65 28.17 31.15
C THR F 92 45.14 28.42 31.27
N ILE F 93 44.34 27.45 30.84
CA ILE F 93 42.90 27.65 30.68
C ILE F 93 42.15 26.47 31.30
N ASP F 94 40.96 26.77 31.81
CA ASP F 94 40.01 25.75 32.21
C ASP F 94 38.83 25.81 31.23
N ALA F 95 38.84 24.90 30.26
CA ALA F 95 37.69 24.65 29.41
C ALA F 95 36.56 24.07 30.25
N PRO F 96 35.31 24.26 29.85
CA PRO F 96 34.21 23.67 30.63
C PRO F 96 34.19 22.16 30.50
N HIS F 97 33.69 21.50 31.55
CA HIS F 97 33.68 20.04 31.62
C HIS F 97 32.40 19.47 31.02
N ILE F 98 32.07 19.91 29.82
CA ILE F 98 30.98 19.36 29.03
C ILE F 98 31.61 18.58 27.87
N THR F 99 31.01 17.45 27.56
CA THR F 99 31.65 16.51 26.64
C THR F 99 30.81 16.38 25.38
N PRO F 100 31.38 16.63 24.21
CA PRO F 100 30.64 16.41 22.97
C PRO F 100 30.51 14.94 22.67
N ASP F 101 29.71 14.64 21.65
CA ASP F 101 29.66 13.29 21.14
C ASP F 101 30.92 12.98 20.33
N ASN F 102 31.35 13.92 19.49
CA ASN F 102 32.58 13.77 18.71
C ASN F 102 33.02 15.16 18.29
N TYR F 103 34.28 15.25 17.84
CA TYR F 103 34.80 16.50 17.31
C TYR F 103 35.49 16.23 15.99
N LEU F 104 35.81 17.31 15.29
CA LEU F 104 36.48 17.23 14.00
C LEU F 104 37.17 18.55 13.72
N TYR F 105 38.46 18.49 13.41
CA TYR F 105 39.28 19.68 13.17
C TYR F 105 39.83 19.63 11.76
N ILE F 106 39.41 20.58 10.94
CA ILE F 106 39.82 20.63 9.53
C ILE F 106 39.74 22.09 9.09
N ASN F 107 40.70 22.49 8.25
CA ASN F 107 40.83 23.85 7.71
C ASN F 107 40.93 24.89 8.82
N ASN F 108 41.66 24.53 9.89
CA ASN F 108 41.86 25.34 11.09
C ASN F 108 40.55 25.72 11.77
N VAL F 109 39.53 24.86 11.63
CA VAL F 109 38.22 25.08 12.24
C VAL F 109 37.88 23.84 13.03
N LEU F 110 37.44 24.02 14.26
CA LEU F 110 36.98 22.92 15.11
C LEU F 110 35.47 22.78 14.97
N TYR F 111 35.03 21.55 14.72
CA TYR F 111 33.61 21.21 14.59
C TYR F 111 33.22 20.34 15.76
N ILE F 112 32.52 20.92 16.73
CA ILE F 112 32.00 20.15 17.85
C ILE F 112 30.69 19.50 17.43
N ILE F 113 30.65 18.17 17.45
CA ILE F 113 29.55 17.40 16.86
C ILE F 113 28.79 16.71 17.97
N ASP F 114 27.46 16.66 17.84
CA ASP F 114 26.62 16.03 18.83
C ASP F 114 25.47 15.30 18.14
N TYR F 115 25.29 14.01 18.46
CA TYR F 115 24.31 13.20 17.75
C TYR F 115 23.00 13.16 18.53
N LYS F 116 21.89 13.20 17.80
CA LYS F 116 20.57 13.11 18.38
C LYS F 116 19.74 12.10 17.60
N VAL F 117 18.94 11.32 18.31
CA VAL F 117 18.00 10.42 17.65
C VAL F 117 16.62 10.87 18.11
N SER F 118 16.47 12.17 18.34
CA SER F 118 15.21 12.72 18.82
C SER F 118 14.16 12.71 17.70
N VAL F 119 12.93 13.08 18.07
CA VAL F 119 11.88 13.26 17.08
C VAL F 119 11.62 14.73 16.79
N SER F 120 11.88 15.62 17.73
CA SER F 120 11.74 17.05 17.51
C SER F 120 13.02 17.76 17.91
N ASN F 121 13.14 19.01 17.48
CA ASN F 121 14.36 19.78 17.66
C ASN F 121 14.46 20.46 19.02
N GLU F 122 13.61 20.08 19.97
CA GLU F 122 13.52 20.80 21.23
C GLU F 122 14.76 20.56 22.10
N SER F 123 15.34 19.36 22.00
CA SER F 123 16.57 19.08 22.72
C SER F 123 17.76 19.69 22.00
N SER F 124 17.68 19.77 20.66
CA SER F 124 18.81 20.21 19.85
C SER F 124 19.08 21.69 20.07
N VAL F 125 18.03 22.50 20.19
CA VAL F 125 18.23 23.94 20.34
C VAL F 125 18.81 24.26 21.71
N ILE F 126 18.45 23.49 22.74
CA ILE F 126 18.96 23.81 24.07
C ILE F 126 20.40 23.32 24.22
N THR F 127 20.74 22.17 23.61
CA THR F 127 22.14 21.76 23.69
C THR F 127 23.02 22.59 22.75
N TYR F 128 22.42 23.16 21.69
CA TYR F 128 23.15 24.10 20.85
C TYR F 128 23.48 25.36 21.62
N ASP F 129 22.48 25.89 22.34
CA ASP F 129 22.70 27.06 23.19
C ASP F 129 23.74 26.79 24.25
N LYS F 130 23.69 25.59 24.85
CA LYS F 130 24.64 25.23 25.90
C LYS F 130 26.07 25.15 25.39
N TYR F 131 26.28 24.40 24.30
CA TYR F 131 27.63 24.26 23.75
C TYR F 131 28.16 25.58 23.21
N TYR F 132 27.30 26.35 22.54
CA TYR F 132 27.73 27.61 21.93
C TYR F 132 28.09 28.65 23.00
N GLU F 133 27.25 28.75 24.04
CA GLU F 133 27.50 29.67 25.15
C GLU F 133 28.76 29.29 25.90
N LEU F 134 28.95 28.00 26.16
CA LEU F 134 30.13 27.61 26.91
C LEU F 134 31.37 27.48 26.04
N THR F 135 31.26 27.74 24.73
CA THR F 135 32.47 27.78 23.91
C THR F 135 32.83 29.17 23.39
N ARG F 136 31.94 30.17 23.53
CA ARG F 136 32.31 31.51 23.10
C ARG F 136 33.45 32.12 23.91
N ASP F 137 33.64 31.67 25.15
CA ASP F 137 34.77 32.14 25.95
C ASP F 137 36.09 31.59 25.42
N ILE F 138 36.12 30.29 25.08
CA ILE F 138 37.35 29.67 24.62
C ILE F 138 37.58 29.90 23.13
N SER F 139 36.58 30.41 22.41
CA SER F 139 36.70 30.66 20.97
C SER F 139 37.79 31.68 20.68
N ASP F 140 37.67 32.86 21.26
CA ASP F 140 38.67 33.92 21.08
C ASP F 140 39.73 33.91 22.18
N ARG F 141 40.31 32.73 22.44
CA ARG F 141 41.49 32.65 23.29
C ARG F 141 42.54 31.80 22.60
N LEU F 142 42.09 30.76 21.92
CA LEU F 142 42.97 29.86 21.18
C LEU F 142 43.07 30.26 19.71
N SER F 143 42.38 31.34 19.32
CA SER F 143 42.43 31.92 17.98
C SER F 143 41.99 30.93 16.91
N ILE F 144 41.03 30.07 17.25
CA ILE F 144 40.42 29.16 16.29
C ILE F 144 38.90 29.24 16.42
N PRO F 145 38.17 29.23 15.31
CA PRO F 145 36.70 29.24 15.42
C PRO F 145 36.17 27.88 15.83
N ILE F 146 35.05 27.90 16.53
CA ILE F 146 34.45 26.68 17.08
C ILE F 146 33.06 26.59 16.50
N GLU F 147 32.88 25.77 15.47
CA GLU F 147 31.56 25.51 14.91
C GLU F 147 30.87 24.43 15.71
N ILE F 148 29.62 24.66 16.07
CA ILE F 148 28.83 23.72 16.85
C ILE F 148 27.88 23.00 15.88
N VAL F 149 28.15 21.73 15.63
CA VAL F 149 27.37 20.94 14.70
C VAL F 149 26.46 20.02 15.50
N ILE F 150 25.18 19.97 15.13
CA ILE F 150 24.24 19.04 15.73
C ILE F 150 23.52 18.30 14.62
N ILE F 151 23.59 16.98 14.65
CA ILE F 151 23.03 16.13 13.62
C ILE F 151 21.92 15.32 14.25
N ARG F 152 20.68 15.66 13.94
CA ARG F 152 19.52 14.99 14.52
C ARG F 152 18.85 14.13 13.48
N ILE F 153 18.60 12.86 13.80
CA ILE F 153 17.89 11.94 12.93
C ILE F 153 16.55 11.59 13.57
N ASP F 154 15.51 11.53 12.76
CA ASP F 154 14.21 11.12 13.28
C ASP F 154 14.07 9.61 13.14
N PRO F 155 13.78 8.89 14.21
CA PRO F 155 13.80 7.43 14.15
C PRO F 155 12.60 6.82 13.46
N VAL F 156 11.47 7.53 13.38
CA VAL F 156 10.31 6.95 12.71
C VAL F 156 10.40 7.14 11.20
N SER F 157 11.03 8.23 10.76
CA SER F 157 11.23 8.52 9.36
C SER F 157 12.59 9.20 9.25
N ARG F 158 13.54 8.49 8.68
CA ARG F 158 14.96 8.85 8.79
C ARG F 158 15.25 10.14 8.07
N ASP F 159 15.39 11.23 8.83
CA ASP F 159 15.57 12.57 8.29
C ASP F 159 16.74 13.23 9.00
N LEU F 160 17.76 13.63 8.26
CA LEU F 160 18.86 14.34 8.87
C LEU F 160 18.58 15.83 8.92
N HIS F 161 18.93 16.45 10.04
CA HIS F 161 18.83 17.89 10.23
C HIS F 161 20.17 18.35 10.78
N ILE F 162 21.10 18.68 9.90
CA ILE F 162 22.40 19.17 10.34
C ILE F 162 22.30 20.67 10.55
N ASN F 163 22.72 21.13 11.72
CA ASN F 163 22.57 22.54 12.07
C ASN F 163 23.52 23.41 11.26
N SER F 164 24.79 23.01 11.18
CA SER F 164 25.81 23.84 10.55
C SER F 164 25.70 23.75 9.03
N ASP F 165 25.38 24.88 8.40
CA ASP F 165 25.39 25.00 6.95
C ASP F 165 26.80 25.14 6.37
N ARG F 166 27.81 25.16 7.21
CA ARG F 166 29.22 25.09 6.81
C ARG F 166 29.74 23.67 6.87
N PHE F 167 29.23 22.87 7.80
CA PHE F 167 29.61 21.47 7.88
C PHE F 167 29.10 20.69 6.68
N LYS F 168 27.93 21.06 6.17
CA LYS F 168 27.39 20.43 4.97
C LYS F 168 28.21 20.77 3.74
N GLU F 169 28.97 21.87 3.78
CA GLU F 169 29.87 22.18 2.68
C GLU F 169 31.07 21.24 2.67
N LEU F 170 31.46 20.74 3.84
CA LEU F 170 32.45 19.67 3.89
C LEU F 170 31.91 18.37 3.33
N TYR F 171 30.66 18.04 3.62
CA TYR F 171 30.07 16.74 3.29
C TYR F 171 28.87 16.99 2.40
N PRO F 172 29.07 17.04 1.09
CA PRO F 172 27.93 17.27 0.19
C PRO F 172 27.05 16.05 0.04
N THR F 173 27.59 14.86 0.27
CA THR F 173 26.84 13.62 0.17
C THR F 173 27.02 12.81 1.45
N ILE F 174 25.90 12.38 2.03
CA ILE F 174 25.87 11.68 3.31
C ILE F 174 24.91 10.50 3.19
N VAL F 175 25.39 9.30 3.54
CA VAL F 175 24.83 8.05 3.01
C VAL F 175 24.28 7.17 4.14
N VAL F 176 23.67 7.76 5.18
CA VAL F 176 23.11 6.92 6.23
C VAL F 176 21.81 6.27 5.75
N ASP F 177 21.68 4.97 5.99
CA ASP F 177 20.53 4.20 5.54
C ASP F 177 20.12 3.18 6.61
N ILE F 178 20.00 3.62 7.85
CA ILE F 178 19.88 2.71 8.97
C ILE F 178 18.45 2.71 9.50
N ASN F 179 18.12 1.68 10.29
CA ASN F 179 16.76 1.38 10.73
C ASN F 179 16.68 1.34 12.25
N PHE F 180 15.81 2.15 12.83
CA PHE F 180 15.55 2.09 14.27
C PHE F 180 14.24 1.37 14.56
N ASN F 181 14.12 0.10 14.19
CA ASN F 181 12.91 -0.64 14.56
C ASN F 181 13.18 -1.80 15.50
N GLN F 182 14.42 -2.26 15.55
CA GLN F 182 14.87 -3.25 16.52
C GLN F 182 14.92 -2.64 17.91
N PHE F 183 14.85 -1.31 17.99
CA PHE F 183 14.68 -0.55 19.22
C PHE F 183 13.23 -0.24 19.53
N PHE F 184 12.41 0.03 18.50
CA PHE F 184 10.99 0.24 18.71
C PHE F 184 10.30 -1.02 19.21
N ASP F 185 10.74 -2.19 18.73
CA ASP F 185 10.17 -3.45 19.18
C ASP F 185 10.42 -3.67 20.66
N LEU F 186 11.64 -3.40 21.12
CA LEU F 186 11.97 -3.61 22.52
C LEU F 186 11.28 -2.59 23.41
N LYS F 187 11.17 -1.35 22.94
CA LYS F 187 10.45 -0.32 23.70
C LYS F 187 8.99 -0.70 23.86
N GLN F 188 8.34 -1.17 22.79
CA GLN F 188 6.92 -1.48 22.90
C GLN F 188 6.68 -2.78 23.68
N LEU F 189 7.57 -3.78 23.58
CA LEU F 189 7.30 -5.01 24.33
C LEU F 189 7.61 -4.83 25.80
N LEU F 190 8.62 -4.01 26.12
CA LEU F 190 8.88 -3.65 27.51
C LEU F 190 7.75 -2.82 28.09
N TYR F 191 7.14 -1.96 27.26
CA TYR F 191 6.03 -1.17 27.79
C TYR F 191 4.77 -2.02 27.97
N GLU F 192 4.52 -2.97 27.06
CA GLU F 192 3.31 -3.75 27.21
C GLU F 192 3.48 -4.85 28.26
N LYS F 193 4.72 -5.23 28.56
CA LYS F 193 4.95 -6.10 29.71
C LYS F 193 4.59 -5.40 31.01
N PHE F 194 5.01 -4.16 31.16
CA PHE F 194 4.78 -3.38 32.38
C PHE F 194 3.71 -2.32 32.20
N GLY F 195 2.65 -2.63 31.45
CA GLY F 195 1.62 -1.67 31.10
C GLY F 195 0.72 -1.24 32.24
N ASP F 196 0.08 -2.20 32.89
CA ASP F 196 -0.93 -1.89 33.90
C ASP F 196 -0.35 -1.34 35.19
N ASP F 197 0.95 -1.50 35.43
CA ASP F 197 1.59 -0.85 36.57
C ASP F 197 1.57 0.66 36.39
N GLU F 198 1.32 1.35 37.50
CA GLU F 198 1.25 2.81 37.50
C GLU F 198 2.57 3.45 37.89
N GLU F 199 3.38 2.77 38.70
CA GLU F 199 4.65 3.35 39.11
C GLU F 199 5.59 3.52 37.92
N PHE F 200 5.67 2.51 37.06
CA PHE F 200 6.54 2.59 35.89
C PHE F 200 6.02 3.59 34.87
N LEU F 201 4.69 3.79 34.83
CA LEU F 201 4.14 4.85 33.99
C LEU F 201 4.51 6.22 34.53
N LEU F 202 4.64 6.34 35.84
CA LEU F 202 5.18 7.58 36.41
C LEU F 202 6.66 7.70 36.10
N LYS F 203 7.35 6.57 35.95
CA LYS F 203 8.77 6.61 35.61
C LYS F 203 8.99 7.07 34.18
N VAL F 204 8.14 6.63 33.24
CA VAL F 204 8.34 6.98 31.83
C VAL F 204 7.52 8.20 31.47
N ALA F 205 7.07 8.94 32.47
CA ALA F 205 6.42 10.22 32.22
C ALA F 205 7.43 11.22 31.67
N HIS F 206 7.00 12.05 30.73
CA HIS F 206 7.88 13.11 30.25
C HIS F 206 8.00 14.18 31.31
N GLY F 207 6.90 14.80 31.67
CA GLY F 207 6.90 15.82 32.69
C GLY F 207 5.92 15.50 33.80
N ASP F 208 4.83 16.25 33.85
CA ASP F 208 3.80 16.06 34.83
C ASP F 208 2.46 16.20 34.12
N PHE F 209 1.39 15.74 34.76
CA PHE F 209 0.07 15.85 34.18
C PHE F 209 -0.37 17.31 34.22
N THR F 210 -0.18 18.01 33.11
CA THR F 210 -0.43 19.44 33.03
C THR F 210 -1.60 19.70 32.10
N LEU F 211 -2.47 20.62 32.48
CA LEU F 211 -3.57 21.04 31.63
C LEU F 211 -3.32 22.47 31.16
N THR F 212 -4.05 22.88 30.15
CA THR F 212 -3.91 24.22 29.59
C THR F 212 -4.91 25.17 30.27
N ALA F 213 -5.08 26.34 29.69
CA ALA F 213 -6.11 27.26 30.12
C ALA F 213 -7.48 26.69 29.78
N PRO F 214 -8.52 27.07 30.52
CA PRO F 214 -9.87 26.59 30.20
C PRO F 214 -10.36 27.09 28.86
N TRP F 215 -11.17 26.26 28.21
CA TRP F 215 -11.76 26.62 26.93
C TRP F 215 -12.94 27.54 27.10
N CYS F 216 -13.48 27.63 28.31
CA CYS F 216 -14.62 28.47 28.62
C CYS F 216 -14.61 28.77 30.11
N LYS F 217 -15.09 29.97 30.45
CA LYS F 217 -14.99 30.46 31.82
C LYS F 217 -16.19 30.13 32.68
N THR F 218 -17.26 29.60 32.09
CA THR F 218 -18.46 29.29 32.85
C THR F 218 -19.13 28.07 32.24
N GLY F 219 -19.90 27.36 33.06
CA GLY F 219 -20.57 26.16 32.62
C GLY F 219 -21.94 26.42 32.03
N CYS F 220 -22.79 25.41 32.04
CA CYS F 220 -24.15 25.51 31.50
C CYS F 220 -25.13 24.99 32.55
N PRO F 221 -25.72 25.87 33.36
CA PRO F 221 -26.68 25.41 34.35
C PRO F 221 -27.99 24.93 33.77
N GLU F 222 -28.25 25.18 32.48
CA GLU F 222 -29.42 24.64 31.81
C GLU F 222 -29.34 23.15 31.59
N PHE F 223 -28.14 22.58 31.72
CA PHE F 223 -27.94 21.15 31.53
C PHE F 223 -28.58 20.29 32.61
N TRP F 224 -28.56 20.74 33.86
CA TRP F 224 -29.06 19.89 34.94
C TRP F 224 -30.57 19.77 34.93
N LYS F 225 -31.25 20.71 34.29
CA LYS F 225 -32.69 20.71 34.15
C LYS F 225 -33.13 20.21 32.78
N HIS F 226 -32.23 19.62 32.02
CA HIS F 226 -32.57 19.19 30.69
C HIS F 226 -33.36 17.88 30.78
N PRO F 227 -34.43 17.71 30.00
CA PRO F 227 -35.26 16.50 30.15
C PRO F 227 -34.57 15.21 29.76
N ILE F 228 -33.61 15.27 28.83
CA ILE F 228 -32.82 14.08 28.53
C ILE F 228 -31.93 13.73 29.71
N TYR F 229 -31.41 14.73 30.41
CA TYR F 229 -30.64 14.45 31.61
C TYR F 229 -31.54 13.95 32.73
N LYS F 230 -32.78 14.42 32.80
CA LYS F 230 -33.72 13.90 33.79
C LYS F 230 -34.03 12.44 33.53
N GLU F 231 -34.22 12.07 32.27
CA GLU F 231 -34.43 10.67 31.89
C GLU F 231 -33.21 9.82 32.21
N PHE F 232 -32.02 10.32 31.88
CA PHE F 232 -30.77 9.62 32.14
C PHE F 232 -30.54 9.43 33.64
N LYS F 233 -30.83 10.45 34.43
CA LYS F 233 -30.61 10.37 35.87
C LYS F 233 -31.62 9.45 36.54
N MET F 234 -32.89 9.52 36.12
CA MET F 234 -33.88 8.65 36.74
C MET F 234 -33.80 7.23 36.21
N SER F 235 -33.05 6.98 35.15
CA SER F 235 -32.82 5.61 34.73
C SER F 235 -31.86 4.88 35.67
N MET F 236 -30.94 5.59 36.29
CA MET F 236 -29.91 4.97 37.09
C MET F 236 -30.32 4.90 38.56
N PRO F 237 -29.80 3.92 39.30
CA PRO F 237 -30.05 3.91 40.75
C PRO F 237 -29.25 5.00 41.44
N VAL F 238 -29.50 5.15 42.75
CA VAL F 238 -29.10 6.36 43.46
C VAL F 238 -27.59 6.55 43.61
N PRO F 239 -26.77 5.54 43.97
CA PRO F 239 -25.33 5.82 44.10
C PRO F 239 -24.63 6.13 42.80
N GLU F 240 -25.11 5.60 41.67
CA GLU F 240 -24.53 5.96 40.39
C GLU F 240 -24.94 7.37 39.99
N ARG F 241 -26.14 7.79 40.37
CA ARG F 241 -26.54 9.19 40.23
C ARG F 241 -25.60 10.09 40.99
N ARG F 242 -25.23 9.70 42.21
CA ARG F 242 -24.32 10.54 42.99
C ARG F 242 -22.91 10.54 42.42
N LEU F 243 -22.47 9.40 41.90
CA LEU F 243 -21.14 9.34 41.28
C LEU F 243 -21.08 10.17 40.01
N PHE F 244 -22.14 10.17 39.22
CA PHE F 244 -22.17 10.99 38.01
C PHE F 244 -22.24 12.46 38.38
N GLU F 245 -23.06 12.80 39.37
CA GLU F 245 -23.20 14.16 39.87
C GLU F 245 -21.88 14.72 40.35
N GLU F 246 -21.10 13.93 41.09
CA GLU F 246 -19.82 14.44 41.56
C GLU F 246 -18.72 14.26 40.52
N SER F 247 -18.94 13.44 39.50
CA SER F 247 -17.90 13.23 38.51
C SER F 247 -17.94 14.25 37.39
N VAL F 248 -19.10 14.84 37.11
CA VAL F 248 -19.11 15.98 36.20
C VAL F 248 -18.41 17.16 36.84
N LYS F 249 -18.56 17.33 38.14
CA LYS F 249 -18.02 18.49 38.85
C LYS F 249 -16.58 18.30 39.30
N PHE F 250 -15.95 17.19 38.98
CA PHE F 250 -14.57 16.97 39.40
C PHE F 250 -13.63 17.80 38.56
N ASN F 251 -12.86 18.66 39.20
CA ASN F 251 -11.86 19.49 38.53
C ASN F 251 -10.50 18.88 38.82
N ALA F 252 -9.86 18.36 37.78
CA ALA F 252 -8.61 17.63 37.96
C ALA F 252 -7.45 18.55 38.28
N TYR F 253 -7.54 19.82 37.89
CA TYR F 253 -6.46 20.75 38.18
C TYR F 253 -6.50 21.20 39.64
N GLU F 254 -7.68 21.23 40.26
CA GLU F 254 -7.77 21.65 41.64
C GLU F 254 -7.31 20.56 42.60
N SER F 255 -7.65 19.31 42.29
CA SER F 255 -7.37 18.23 43.22
C SER F 255 -5.88 17.91 43.24
N GLU F 256 -5.47 17.16 44.26
CA GLU F 256 -4.05 16.90 44.46
C GLU F 256 -3.52 15.95 43.40
N ARG F 257 -4.16 14.79 43.26
CA ARG F 257 -3.90 13.91 42.14
C ARG F 257 -5.05 14.02 41.16
N TRP F 258 -4.74 13.88 39.88
CA TRP F 258 -5.78 13.98 38.86
C TRP F 258 -6.66 12.75 38.81
N ASN F 259 -6.14 11.60 39.22
CA ASN F 259 -6.86 10.34 39.07
C ASN F 259 -7.74 10.02 40.26
N THR F 260 -7.91 10.93 41.20
CA THR F 260 -8.62 10.58 42.41
C THR F 260 -10.13 10.53 42.23
N ASN F 261 -10.64 10.76 41.03
CA ASN F 261 -12.02 10.46 40.70
C ASN F 261 -12.17 9.11 40.04
N LEU F 262 -11.29 8.82 39.07
CA LEU F 262 -11.32 7.57 38.34
C LEU F 262 -11.05 6.40 39.27
N VAL F 263 -10.09 6.58 40.18
CA VAL F 263 -9.75 5.55 41.15
C VAL F 263 -10.89 5.32 42.11
N LYS F 264 -11.58 6.39 42.51
CA LYS F 264 -12.73 6.27 43.40
C LYS F 264 -13.86 5.47 42.77
N ILE F 265 -14.17 5.78 41.51
CA ILE F 265 -15.31 5.10 40.90
C ILE F 265 -14.94 3.68 40.48
N ARG F 266 -13.66 3.45 40.15
CA ARG F 266 -13.20 2.09 39.90
C ARG F 266 -13.27 1.24 41.16
N GLU F 267 -12.84 1.78 42.29
CA GLU F 267 -12.89 1.01 43.53
C GLU F 267 -14.32 0.90 44.05
N TYR F 268 -15.22 1.76 43.59
CA TYR F 268 -16.62 1.52 43.87
C TYR F 268 -17.14 0.32 43.10
N THR F 269 -16.91 0.29 41.79
CA THR F 269 -17.56 -0.69 40.93
C THR F 269 -16.78 -2.00 40.78
N LYS F 270 -15.64 -2.13 41.44
CA LYS F 270 -14.78 -3.31 41.29
C LYS F 270 -15.46 -4.59 41.76
N LYS F 271 -16.36 -4.50 42.74
CA LYS F 271 -17.04 -5.69 43.25
C LYS F 271 -17.93 -6.32 42.18
N ASP F 272 -18.84 -5.51 41.61
CA ASP F 272 -19.73 -6.00 40.56
C ASP F 272 -18.96 -6.39 39.31
N TYR F 273 -17.91 -5.65 38.99
CA TYR F 273 -17.09 -5.97 37.83
C TYR F 273 -16.43 -7.33 37.97
N SER F 274 -15.77 -7.57 39.10
CA SER F 274 -15.04 -8.81 39.31
C SER F 274 -15.99 -10.00 39.40
N GLU F 275 -17.18 -9.81 39.99
CA GLU F 275 -18.13 -10.92 40.05
C GLU F 275 -18.68 -11.25 38.67
N HIS F 276 -18.91 -10.24 37.82
CA HIS F 276 -19.34 -10.51 36.46
C HIS F 276 -18.28 -11.24 35.65
N ILE F 277 -17.02 -10.79 35.76
CA ILE F 277 -15.95 -11.44 35.02
C ILE F 277 -15.76 -12.87 35.51
N SER F 278 -15.95 -13.11 36.81
CA SER F 278 -15.77 -14.47 37.30
C SER F 278 -16.92 -15.39 36.93
N LYS F 279 -18.16 -14.90 36.91
CA LYS F 279 -19.27 -15.74 36.44
C LYS F 279 -19.14 -16.05 34.96
N SER F 280 -18.78 -15.05 34.16
CA SER F 280 -18.58 -15.29 32.74
C SER F 280 -17.38 -16.16 32.47
N ALA F 281 -16.40 -16.18 33.38
CA ALA F 281 -15.28 -17.10 33.22
C ALA F 281 -15.66 -18.50 33.67
N LYS F 282 -16.57 -18.62 34.64
CA LYS F 282 -17.04 -19.95 35.05
C LYS F 282 -17.96 -20.58 34.03
N ASN F 283 -18.47 -19.80 33.08
CA ASN F 283 -19.22 -20.40 31.97
C ASN F 283 -18.39 -21.27 31.02
N ILE F 284 -17.09 -21.46 31.24
CA ILE F 284 -16.30 -22.36 30.40
C ILE F 284 -16.70 -23.82 30.62
N PHE F 285 -17.22 -24.17 31.78
CA PHE F 285 -17.58 -25.55 32.05
C PHE F 285 -19.04 -25.85 31.74
N LEU F 286 -19.87 -24.83 31.59
CA LEU F 286 -21.28 -25.01 31.26
C LEU F 286 -21.52 -25.22 29.78
N ALA F 287 -20.49 -25.06 28.95
CA ALA F 287 -20.67 -25.09 27.51
C ALA F 287 -20.44 -26.49 26.97
N SER F 288 -21.32 -26.90 26.06
CA SER F 288 -21.15 -28.11 25.28
C SER F 288 -20.58 -27.74 23.92
N GLY F 289 -19.94 -28.70 23.27
CA GLY F 289 -19.22 -28.39 22.05
C GLY F 289 -20.06 -28.28 20.80
N PHE F 290 -21.28 -27.77 20.90
CA PHE F 290 -22.21 -27.69 19.77
C PHE F 290 -22.41 -26.22 19.45
N TYR F 291 -21.54 -25.68 18.61
CA TYR F 291 -21.66 -24.33 18.10
C TYR F 291 -22.30 -24.36 16.72
N LYS F 292 -22.63 -23.17 16.21
CA LYS F 292 -23.38 -23.05 14.97
C LYS F 292 -22.47 -23.39 13.81
N GLN F 293 -22.43 -24.61 13.46
CA GLN F 293 -21.61 -25.01 12.34
C GLN F 293 -22.40 -24.85 11.05
N PRO F 294 -21.73 -24.65 9.92
CA PRO F 294 -22.40 -24.84 8.64
C PRO F 294 -22.50 -26.34 8.35
N ASN F 295 -23.52 -26.72 7.61
CA ASN F 295 -23.67 -28.04 6.99
C ASN F 295 -24.76 -27.95 5.94
N LYS F 296 -24.84 -28.98 5.11
CA LYS F 296 -25.74 -28.96 3.96
C LYS F 296 -27.20 -28.91 4.37
N ASN F 297 -27.51 -29.45 5.55
CA ASN F 297 -28.87 -29.43 6.05
C ASN F 297 -29.32 -28.01 6.38
N GLU F 298 -28.47 -27.24 7.07
CA GLU F 298 -28.87 -25.90 7.44
C GLU F 298 -28.87 -24.96 6.25
N ILE F 299 -28.01 -25.20 5.26
CA ILE F 299 -28.04 -24.37 4.06
C ILE F 299 -29.30 -24.69 3.26
N SER F 300 -29.71 -25.96 3.22
CA SER F 300 -30.93 -26.31 2.51
C SER F 300 -32.18 -25.75 3.19
N GLU F 301 -32.20 -25.76 4.53
CA GLU F 301 -33.34 -25.21 5.24
C GLU F 301 -33.40 -23.71 5.11
N GLY F 302 -32.24 -23.04 5.15
CA GLY F 302 -32.21 -21.61 4.90
C GLY F 302 -32.65 -21.28 3.49
N TRP F 303 -32.33 -22.16 2.54
CA TRP F 303 -32.76 -21.93 1.16
C TRP F 303 -34.27 -22.07 1.03
N THR F 304 -34.86 -23.01 1.76
CA THR F 304 -36.31 -23.18 1.73
C THR F 304 -37.03 -21.98 2.34
N LEU F 305 -36.55 -21.52 3.49
CA LEU F 305 -37.13 -20.34 4.11
C LEU F 305 -36.93 -19.10 3.24
N MET F 306 -35.80 -19.04 2.53
CA MET F 306 -35.54 -17.95 1.61
C MET F 306 -36.52 -17.95 0.46
N VAL F 307 -36.77 -19.12 -0.14
CA VAL F 307 -37.62 -19.12 -1.33
C VAL F 307 -39.07 -18.84 -0.94
N GLU F 308 -39.47 -19.22 0.28
CA GLU F 308 -40.80 -18.85 0.76
C GLU F 308 -40.90 -17.34 0.99
N ARG F 309 -39.88 -16.74 1.60
CA ARG F 309 -39.89 -15.30 1.84
C ARG F 309 -39.88 -14.51 0.52
N VAL F 310 -39.08 -14.96 -0.44
CA VAL F 310 -38.98 -14.27 -1.72
C VAL F 310 -40.28 -14.39 -2.51
N GLN F 311 -40.94 -15.56 -2.44
CA GLN F 311 -42.23 -15.71 -3.08
C GLN F 311 -43.29 -14.83 -2.43
N ASP F 312 -43.23 -14.65 -1.11
CA ASP F 312 -44.19 -13.75 -0.50
C ASP F 312 -43.88 -12.28 -0.75
N GLN F 313 -42.64 -11.94 -1.09
CA GLN F 313 -42.32 -10.54 -1.37
C GLN F 313 -42.48 -10.19 -2.84
N ARG F 314 -42.09 -11.09 -3.73
CA ARG F 314 -41.99 -10.80 -5.14
C ARG F 314 -43.15 -11.41 -5.91
N GLU F 315 -43.17 -11.18 -7.22
CA GLU F 315 -44.11 -11.83 -8.12
C GLU F 315 -43.32 -12.84 -8.95
N ILE F 316 -43.43 -14.11 -8.60
CA ILE F 316 -42.66 -15.15 -9.26
C ILE F 316 -43.31 -15.52 -10.58
N SER F 317 -42.52 -15.47 -11.66
CA SER F 317 -43.00 -15.78 -12.99
C SER F 317 -42.39 -17.09 -13.49
N LYS F 318 -43.16 -17.81 -14.29
CA LYS F 318 -42.74 -19.07 -14.86
C LYS F 318 -42.50 -19.01 -16.36
N SER F 319 -43.04 -18.00 -17.04
CA SER F 319 -42.95 -17.93 -18.48
C SER F 319 -41.61 -17.38 -18.91
N LEU F 320 -41.02 -17.99 -19.94
CA LEU F 320 -39.68 -17.63 -20.37
C LEU F 320 -39.64 -16.28 -21.07
N HIS F 321 -40.76 -15.81 -21.58
CA HIS F 321 -40.78 -14.54 -22.30
C HIS F 321 -41.05 -13.35 -21.39
N ASP F 322 -41.00 -13.53 -20.06
CA ASP F 322 -40.99 -12.41 -19.14
C ASP F 322 -39.58 -12.01 -18.74
N GLN F 323 -38.58 -12.57 -19.41
CA GLN F 323 -37.19 -12.27 -19.11
C GLN F 323 -36.85 -10.84 -19.48
N LYS F 324 -35.87 -10.29 -18.81
CA LYS F 324 -35.30 -9.02 -19.19
C LYS F 324 -34.01 -9.28 -19.95
N PRO F 325 -33.51 -8.29 -20.69
CA PRO F 325 -32.25 -8.50 -21.41
C PRO F 325 -31.08 -8.70 -20.47
N SER F 326 -30.39 -9.82 -20.62
CA SER F 326 -29.16 -10.06 -19.89
C SER F 326 -28.06 -9.13 -20.38
N ILE F 327 -27.92 -9.00 -21.69
CA ILE F 327 -27.08 -8.00 -22.32
C ILE F 327 -27.97 -7.27 -23.31
N HIS F 328 -27.85 -5.95 -23.37
CA HIS F 328 -28.76 -5.14 -24.16
C HIS F 328 -28.28 -5.00 -25.61
N PHE F 329 -28.04 -6.14 -26.25
CA PHE F 329 -27.33 -6.19 -27.53
C PHE F 329 -27.43 -7.57 -28.17
N ILE F 330 -27.76 -7.64 -29.44
CA ILE F 330 -27.65 -8.87 -30.22
C ILE F 330 -26.47 -8.71 -31.16
N TRP F 331 -25.94 -9.83 -31.62
CA TRP F 331 -24.70 -9.75 -32.39
C TRP F 331 -24.68 -10.80 -33.49
N GLY F 332 -24.08 -10.44 -34.61
CA GLY F 332 -23.81 -11.39 -35.67
C GLY F 332 -22.44 -11.14 -36.24
N ALA F 333 -21.88 -12.16 -36.88
CA ALA F 333 -20.53 -12.06 -37.39
C ALA F 333 -20.49 -11.22 -38.66
N HIS F 334 -19.29 -10.90 -39.10
CA HIS F 334 -19.11 -9.98 -40.20
C HIS F 334 -19.11 -10.71 -41.53
N ASN F 335 -19.60 -10.01 -42.55
CA ASN F 335 -19.62 -10.56 -43.90
C ASN F 335 -18.43 -10.00 -44.66
N PRO F 336 -17.43 -10.81 -45.00
CA PRO F 336 -16.31 -10.30 -45.78
C PRO F 336 -16.66 -10.00 -47.23
N GLY F 337 -17.72 -10.59 -47.75
CA GLY F 337 -18.11 -10.37 -49.12
C GLY F 337 -18.77 -9.05 -49.41
N ASN F 338 -19.01 -8.22 -48.41
CA ASN F 338 -19.55 -6.89 -48.61
C ASN F 338 -18.51 -5.84 -48.28
N SER F 339 -18.66 -4.67 -48.89
CA SER F 339 -17.78 -3.56 -48.59
C SER F 339 -18.07 -3.01 -47.20
N ASN F 340 -17.02 -2.67 -46.47
CA ASN F 340 -17.15 -2.00 -45.18
C ASN F 340 -17.01 -0.50 -45.35
N ASN F 341 -17.77 0.05 -46.28
CA ASN F 341 -17.83 1.48 -46.50
C ASN F 341 -19.09 2.00 -45.86
N ALA F 342 -19.04 3.24 -45.35
CA ALA F 342 -20.16 3.78 -44.59
C ALA F 342 -21.38 4.00 -45.46
N THR F 343 -21.17 4.52 -46.68
CA THR F 343 -22.30 4.78 -47.55
C THR F 343 -22.88 3.49 -48.10
N PHE F 344 -22.02 2.52 -48.39
CA PHE F 344 -22.50 1.22 -48.85
C PHE F 344 -23.26 0.50 -47.75
N LYS F 345 -22.80 0.61 -46.50
CA LYS F 345 -23.53 -0.01 -45.41
C LYS F 345 -24.85 0.69 -45.15
N LEU F 346 -24.91 2.00 -45.39
CA LEU F 346 -26.17 2.72 -45.28
C LEU F 346 -27.18 2.24 -46.33
N ILE F 347 -26.70 2.09 -47.56
CA ILE F 347 -27.54 1.59 -48.65
C ILE F 347 -27.98 0.17 -48.38
N LEU F 348 -27.09 -0.66 -47.84
CA LEU F 348 -27.42 -2.05 -47.55
C LEU F 348 -28.43 -2.14 -46.42
N LEU F 349 -28.33 -1.26 -45.42
CA LEU F 349 -29.28 -1.27 -44.32
C LEU F 349 -30.67 -0.85 -44.79
N SER F 350 -30.73 0.18 -45.63
CA SER F 350 -32.04 0.60 -46.14
C SER F 350 -32.66 -0.45 -47.04
N LYS F 351 -31.87 -1.04 -47.94
CA LYS F 351 -32.41 -2.02 -48.87
C LYS F 351 -32.76 -3.33 -48.16
N SER F 352 -32.14 -3.60 -47.02
CA SER F 352 -32.47 -4.80 -46.28
C SER F 352 -33.58 -4.58 -45.27
N LEU F 353 -33.85 -3.34 -44.88
CA LEU F 353 -35.05 -3.08 -44.10
C LEU F 353 -36.29 -3.00 -44.97
N GLN F 354 -36.15 -2.52 -46.21
CA GLN F 354 -37.31 -2.43 -47.09
C GLN F 354 -37.77 -3.80 -47.55
N SER F 355 -36.86 -4.76 -47.60
CA SER F 355 -37.10 -6.04 -48.23
C SER F 355 -37.57 -7.10 -47.26
N ILE F 356 -38.19 -6.73 -46.15
CA ILE F 356 -38.61 -7.71 -45.15
C ILE F 356 -39.79 -8.51 -45.70
N LYS F 357 -39.63 -9.83 -45.72
CA LYS F 357 -40.69 -10.72 -46.16
C LYS F 357 -41.48 -11.19 -44.96
N GLY F 358 -42.80 -11.10 -45.04
CA GLY F 358 -43.68 -11.48 -43.95
C GLY F 358 -44.46 -10.29 -43.43
N ILE F 359 -45.46 -10.62 -42.61
CA ILE F 359 -46.33 -9.63 -41.97
C ILE F 359 -46.33 -9.88 -40.48
N SER F 360 -45.41 -9.24 -39.78
CA SER F 360 -45.37 -9.22 -38.33
C SER F 360 -46.14 -8.02 -37.82
N THR F 361 -45.96 -7.71 -36.54
CA THR F 361 -46.68 -6.60 -35.92
C THR F 361 -46.15 -5.27 -36.40
N TYR F 362 -44.83 -5.11 -36.38
CA TYR F 362 -44.17 -3.83 -36.59
C TYR F 362 -43.46 -3.75 -37.92
N THR F 363 -43.70 -4.71 -38.82
CA THR F 363 -42.88 -4.83 -40.02
C THR F 363 -43.14 -3.70 -41.01
N GLU F 364 -44.31 -3.07 -40.95
CA GLU F 364 -44.58 -1.96 -41.85
C GLU F 364 -43.84 -0.71 -41.40
N ALA F 365 -43.71 -0.53 -40.08
CA ALA F 365 -42.89 0.55 -39.56
C ALA F 365 -41.42 0.33 -39.87
N PHE F 366 -40.99 -0.93 -39.92
CA PHE F 366 -39.60 -1.21 -40.25
C PHE F 366 -39.32 -0.97 -41.73
N LYS F 367 -40.27 -1.33 -42.60
CA LYS F 367 -40.12 -0.99 -44.02
C LYS F 367 -40.16 0.50 -44.23
N SER F 368 -40.98 1.22 -43.46
CA SER F 368 -41.06 2.65 -43.60
C SER F 368 -39.79 3.34 -43.14
N LEU F 369 -39.18 2.85 -42.06
CA LEU F 369 -37.89 3.38 -41.64
C LEU F 369 -36.78 2.98 -42.61
N GLY F 370 -36.92 1.84 -43.29
CA GLY F 370 -35.98 1.53 -44.34
C GLY F 370 -36.13 2.40 -45.56
N LYS F 371 -37.33 2.94 -45.78
CA LYS F 371 -37.57 3.84 -46.90
C LYS F 371 -37.21 5.27 -46.58
N MET F 372 -37.30 5.67 -45.32
CA MET F 372 -36.92 7.02 -44.90
C MET F 372 -35.43 7.29 -44.99
N MET F 373 -34.59 6.26 -45.01
CA MET F 373 -33.15 6.43 -45.12
C MET F 373 -32.63 5.98 -46.48
N ASP F 374 -33.50 5.90 -47.47
CA ASP F 374 -33.12 5.45 -48.80
C ASP F 374 -32.60 6.63 -49.60
N ILE F 375 -31.30 6.60 -49.90
CA ILE F 375 -30.69 7.64 -50.72
C ILE F 375 -30.62 7.16 -52.15
N GLY F 376 -31.16 5.97 -52.40
CA GLY F 376 -31.17 5.40 -53.72
C GLY F 376 -29.79 5.01 -54.19
N ASP F 377 -29.25 5.77 -55.13
CA ASP F 377 -27.87 5.62 -55.54
C ASP F 377 -27.10 6.93 -55.55
N LYS F 378 -27.70 8.02 -55.06
CA LYS F 378 -27.04 9.31 -55.03
C LYS F 378 -26.06 9.40 -53.88
N ALA F 379 -25.03 8.55 -53.90
CA ALA F 379 -24.06 8.50 -52.81
C ALA F 379 -23.16 9.72 -52.83
N ILE F 380 -22.87 10.23 -54.04
CA ILE F 380 -21.96 11.35 -54.19
C ILE F 380 -22.57 12.62 -53.64
N GLU F 381 -23.87 12.82 -53.91
CA GLU F 381 -24.58 13.99 -53.40
C GLU F 381 -24.68 13.94 -51.88
N TYR F 382 -24.92 12.75 -51.33
CA TYR F 382 -25.00 12.57 -49.89
C TYR F 382 -23.66 12.89 -49.22
N GLU F 383 -22.57 12.32 -49.75
CA GLU F 383 -21.27 12.54 -49.14
C GLU F 383 -20.80 13.98 -49.30
N GLU F 384 -21.17 14.61 -50.42
CA GLU F 384 -20.85 16.03 -50.64
C GLU F 384 -21.56 16.92 -49.64
N PHE F 385 -22.86 16.68 -49.46
CA PHE F 385 -23.67 17.50 -48.55
C PHE F 385 -23.21 17.33 -47.10
N CYS F 386 -22.95 16.09 -46.70
CA CYS F 386 -22.58 15.85 -45.31
C CYS F 386 -21.17 16.33 -45.02
N MET F 387 -20.26 16.22 -45.99
CA MET F 387 -18.91 16.73 -45.81
C MET F 387 -18.90 18.25 -45.76
N SER F 388 -19.80 18.90 -46.52
CA SER F 388 -19.90 20.35 -46.44
C SER F 388 -20.41 20.80 -45.08
N LEU F 389 -21.39 20.09 -44.53
CA LEU F 389 -21.87 20.41 -43.19
C LEU F 389 -20.81 20.19 -42.12
N LYS F 390 -20.08 19.08 -42.21
CA LYS F 390 -19.02 18.82 -41.22
C LYS F 390 -17.87 19.80 -41.35
N SER F 391 -17.58 20.27 -42.56
CA SER F 391 -16.57 21.30 -42.72
C SER F 391 -17.03 22.62 -42.13
N LYS F 392 -18.34 22.90 -42.18
CA LYS F 392 -18.82 24.11 -41.53
C LYS F 392 -18.78 23.99 -40.01
N ALA F 393 -19.04 22.81 -39.47
CA ALA F 393 -19.07 22.65 -38.02
C ALA F 393 -17.66 22.70 -37.43
N ARG F 394 -16.70 22.08 -38.10
CA ARG F 394 -15.33 21.99 -37.61
C ARG F 394 -14.54 23.27 -37.78
N SER F 395 -15.12 24.32 -38.35
CA SER F 395 -14.37 25.56 -38.56
C SER F 395 -14.40 26.47 -37.34
N SER F 396 -15.31 26.26 -36.42
CA SER F 396 -15.46 27.12 -35.26
C SER F 396 -15.05 26.40 -34.00
N TRP F 397 -14.66 27.16 -33.00
CA TRP F 397 -14.47 26.62 -31.67
C TRP F 397 -15.78 26.52 -30.90
N LYS F 398 -16.67 27.48 -31.11
CA LYS F 398 -17.99 27.44 -30.50
C LYS F 398 -18.91 26.60 -31.38
N GLN F 399 -20.20 26.65 -31.13
CA GLN F 399 -21.18 26.02 -32.00
C GLN F 399 -21.69 27.05 -32.98
N ILE F 400 -22.18 26.57 -34.13
CA ILE F 400 -22.70 27.47 -35.13
C ILE F 400 -24.08 27.96 -34.71
N MET F 401 -24.24 29.28 -34.62
CA MET F 401 -25.45 29.86 -34.09
C MET F 401 -26.19 30.61 -35.18
N ASN F 402 -27.52 30.62 -35.05
CA ASN F 402 -28.45 31.43 -35.85
C ASN F 402 -28.36 31.09 -37.34
N LYS F 403 -28.18 29.81 -37.64
CA LYS F 403 -28.30 29.30 -39.00
C LYS F 403 -29.03 27.97 -38.91
N LYS F 404 -30.27 27.92 -39.38
CA LYS F 404 -31.02 26.68 -39.24
C LYS F 404 -30.59 25.68 -40.30
N LEU F 405 -30.74 24.41 -39.95
CA LEU F 405 -30.43 23.30 -40.84
C LEU F 405 -31.68 22.91 -41.60
N GLU F 406 -31.54 22.77 -42.92
CA GLU F 406 -32.64 22.33 -43.74
C GLU F 406 -32.39 20.90 -44.19
N PRO F 407 -33.40 20.03 -44.17
CA PRO F 407 -33.23 18.68 -44.73
C PRO F 407 -33.16 18.74 -46.25
N LYS F 408 -32.16 18.07 -46.81
CA LYS F 408 -32.01 18.02 -48.25
C LYS F 408 -32.69 16.77 -48.79
N GLN F 409 -33.43 16.94 -49.89
CA GLN F 409 -34.14 15.84 -50.51
C GLN F 409 -33.23 14.95 -51.35
N ILE F 410 -32.77 13.86 -50.75
CA ILE F 410 -31.89 12.92 -51.43
C ILE F 410 -32.68 11.66 -51.79
N ASN F 411 -33.03 11.52 -53.06
CA ASN F 411 -33.80 10.38 -53.56
C ASN F 411 -35.04 10.10 -52.72
N ASN F 412 -34.89 9.27 -51.68
CA ASN F 412 -35.99 8.93 -50.80
C ASN F 412 -35.62 9.10 -49.33
N ALA F 413 -34.85 10.15 -49.03
CA ALA F 413 -34.43 10.42 -47.67
C ALA F 413 -34.29 11.91 -47.47
N LEU F 414 -35.00 12.44 -46.49
CA LEU F 414 -34.78 13.81 -46.06
C LEU F 414 -33.58 13.80 -45.13
N VAL F 415 -32.41 13.96 -45.70
CA VAL F 415 -31.18 13.93 -44.94
C VAL F 415 -30.98 15.28 -44.26
N LEU F 416 -30.90 15.27 -42.94
CA LEU F 416 -30.62 16.49 -42.19
C LEU F 416 -29.14 16.66 -41.87
N TRP F 417 -28.46 15.59 -41.52
CA TRP F 417 -27.02 15.58 -41.28
C TRP F 417 -26.54 14.22 -41.75
N GLU F 418 -25.26 13.96 -41.61
CA GLU F 418 -24.74 12.62 -41.83
C GLU F 418 -25.38 11.64 -40.86
N GLN F 419 -26.06 10.65 -41.42
CA GLN F 419 -26.77 9.60 -40.69
C GLN F 419 -27.81 10.20 -39.76
N GLN F 420 -28.56 11.18 -40.27
CA GLN F 420 -29.70 11.73 -39.54
C GLN F 420 -30.79 12.05 -40.54
N PHE F 421 -31.93 11.40 -40.39
CA PHE F 421 -32.96 11.38 -41.40
C PHE F 421 -34.26 11.84 -40.77
N MET F 422 -34.98 12.72 -41.46
CA MET F 422 -36.27 13.18 -40.97
C MET F 422 -37.26 12.03 -41.02
N ILE F 423 -38.23 12.08 -40.13
CA ILE F 423 -39.32 11.11 -40.13
C ILE F 423 -40.40 11.69 -41.03
N ASN F 424 -40.53 11.11 -42.21
CA ASN F 424 -41.37 11.65 -43.27
C ASN F 424 -42.78 11.10 -43.11
N ASN F 425 -43.73 11.98 -42.83
CA ASN F 425 -45.12 11.58 -42.65
C ASN F 425 -45.81 11.14 -43.92
N ASP F 426 -45.18 11.34 -45.08
CA ASP F 426 -45.70 10.82 -46.34
C ASP F 426 -45.32 9.36 -46.58
N LEU F 427 -44.26 8.88 -45.93
CA LEU F 427 -43.78 7.54 -46.19
C LEU F 427 -44.19 6.53 -45.13
N ILE F 428 -44.65 6.99 -43.97
CA ILE F 428 -45.17 6.10 -42.95
C ILE F 428 -46.63 6.45 -42.73
N ASP F 429 -47.41 5.45 -42.37
CA ASP F 429 -48.80 5.67 -41.99
C ASP F 429 -48.84 6.17 -40.57
N LYS F 430 -49.84 7.00 -40.27
CA LYS F 430 -49.94 7.59 -38.94
C LYS F 430 -50.26 6.53 -37.90
N SER F 431 -50.99 5.49 -38.30
CA SER F 431 -51.27 4.38 -37.41
C SER F 431 -50.00 3.59 -37.10
N GLU F 432 -49.20 3.30 -38.13
CA GLU F 432 -47.98 2.54 -37.94
C GLU F 432 -46.94 3.36 -37.19
N LYS F 433 -46.86 4.67 -37.45
CA LYS F 433 -45.95 5.53 -36.72
C LYS F 433 -46.35 5.63 -35.26
N LEU F 434 -47.65 5.73 -34.99
CA LEU F 434 -48.13 5.75 -33.62
C LEU F 434 -47.86 4.42 -32.93
N LYS F 435 -48.03 3.31 -33.64
CA LYS F 435 -47.80 1.99 -33.06
C LYS F 435 -46.32 1.77 -32.74
N LEU F 436 -45.44 2.24 -33.63
CA LEU F 436 -44.01 2.13 -33.42
C LEU F 436 -43.54 3.00 -32.27
N PHE F 437 -43.99 4.25 -32.21
CA PHE F 437 -43.47 5.13 -31.17
C PHE F 437 -44.14 4.92 -29.84
N LYS F 438 -45.35 4.34 -29.81
CA LYS F 438 -46.06 4.08 -28.58
C LYS F 438 -45.69 2.72 -28.01
N ASN F 439 -45.81 1.67 -28.82
CA ASN F 439 -45.77 0.31 -28.32
C ASN F 439 -44.42 -0.37 -28.49
N PHE F 440 -43.54 0.18 -29.32
CA PHE F 440 -42.19 -0.35 -29.48
C PHE F 440 -41.15 0.58 -28.86
N CYS F 441 -41.16 1.86 -29.21
CA CYS F 441 -40.23 2.82 -28.62
C CYS F 441 -40.65 3.26 -27.22
N GLY F 442 -41.93 3.17 -26.90
CA GLY F 442 -42.37 3.50 -25.55
C GLY F 442 -42.53 4.97 -25.26
N ILE F 443 -42.67 5.80 -26.29
CA ILE F 443 -42.93 7.23 -26.12
C ILE F 443 -44.42 7.39 -25.84
N GLY F 444 -44.76 7.78 -24.63
CA GLY F 444 -46.13 7.96 -24.20
C GLY F 444 -46.69 6.81 -23.41
N LYS F 445 -46.16 5.60 -23.60
CA LYS F 445 -46.59 4.43 -22.84
C LYS F 445 -46.06 4.50 -21.40
N SER F 460 -48.64 -5.62 -8.91
CA SER F 460 -48.19 -4.43 -8.20
C SER F 460 -46.90 -4.72 -7.45
N LYS F 461 -46.45 -5.97 -7.54
CA LYS F 461 -45.18 -6.39 -6.97
C LYS F 461 -44.16 -6.51 -8.09
N PRO F 462 -42.86 -6.45 -7.78
CA PRO F 462 -41.85 -6.68 -8.83
C PRO F 462 -41.89 -8.10 -9.34
N LYS F 463 -41.85 -8.24 -10.66
CA LYS F 463 -41.93 -9.54 -11.30
C LYS F 463 -40.53 -10.03 -11.62
N ILE F 464 -40.13 -11.13 -11.00
CA ILE F 464 -38.85 -11.76 -11.26
C ILE F 464 -39.12 -13.15 -11.79
N LEU F 465 -38.07 -13.77 -12.33
CA LEU F 465 -38.21 -15.13 -12.83
C LEU F 465 -37.99 -16.12 -11.71
N ASP F 466 -38.60 -17.30 -11.83
CA ASP F 466 -38.42 -18.31 -10.80
C ASP F 466 -37.04 -18.91 -10.91
N PHE F 467 -36.17 -18.59 -9.96
CA PHE F 467 -34.82 -19.14 -9.98
C PHE F 467 -34.79 -20.60 -9.54
N ASP F 468 -35.81 -21.06 -8.81
CA ASP F 468 -35.85 -22.47 -8.43
C ASP F 468 -36.69 -23.34 -9.34
N ASP F 469 -37.22 -22.79 -10.42
CA ASP F 469 -37.93 -23.61 -11.39
C ASP F 469 -36.94 -24.46 -12.15
N ALA F 470 -37.37 -25.64 -12.57
CA ALA F 470 -36.51 -26.50 -13.36
C ALA F 470 -36.44 -26.07 -14.81
N ASN F 471 -37.59 -25.68 -15.38
CA ASN F 471 -37.61 -25.26 -16.76
C ASN F 471 -36.98 -23.90 -16.95
N MET F 472 -37.06 -23.03 -15.94
CA MET F 472 -36.45 -21.72 -16.06
C MET F 472 -34.93 -21.82 -16.00
N TYR F 473 -34.40 -22.62 -15.08
CA TYR F 473 -32.96 -22.85 -15.06
C TYR F 473 -32.49 -23.60 -16.29
N LEU F 474 -33.31 -24.51 -16.81
CA LEU F 474 -32.90 -25.24 -17.99
C LEU F 474 -32.86 -24.34 -19.22
N ALA F 475 -33.79 -23.39 -19.31
CA ALA F 475 -33.74 -22.42 -20.39
C ALA F 475 -32.56 -21.46 -20.23
N SER F 476 -32.21 -21.14 -18.98
CA SER F 476 -31.03 -20.32 -18.73
C SER F 476 -29.76 -21.04 -19.16
N LEU F 477 -29.70 -22.34 -18.86
CA LEU F 477 -28.55 -23.15 -19.22
C LEU F 477 -28.42 -23.26 -20.73
N THR F 478 -29.54 -23.38 -21.44
CA THR F 478 -29.48 -23.42 -22.89
C THR F 478 -29.09 -22.07 -23.49
N MET F 479 -29.47 -20.96 -22.84
CA MET F 479 -29.02 -19.66 -23.30
C MET F 479 -27.50 -19.53 -23.19
N MET F 480 -26.95 -19.99 -22.07
CA MET F 480 -25.50 -19.93 -21.89
C MET F 480 -24.79 -20.85 -22.87
N GLU F 481 -25.33 -22.05 -23.10
CA GLU F 481 -24.71 -22.98 -24.05
C GLU F 481 -24.78 -22.47 -25.47
N GLN F 482 -25.88 -21.80 -25.83
CA GLN F 482 -26.01 -21.26 -27.17
C GLN F 482 -25.06 -20.09 -27.40
N SER F 483 -24.89 -19.23 -26.39
CA SER F 483 -23.94 -18.14 -26.52
C SER F 483 -22.51 -18.65 -26.57
N LYS F 484 -22.21 -19.73 -25.85
CA LYS F 484 -20.89 -20.33 -25.93
C LYS F 484 -20.68 -20.97 -27.30
N LYS F 485 -21.76 -21.46 -27.90
CA LYS F 485 -21.66 -22.05 -29.22
C LYS F 485 -21.33 -21.02 -30.28
N ILE F 486 -21.98 -19.86 -30.22
CA ILE F 486 -21.69 -18.88 -31.27
C ILE F 486 -20.40 -18.12 -30.98
N LEU F 487 -20.16 -17.69 -29.75
CA LEU F 487 -19.11 -16.70 -29.53
C LEU F 487 -17.73 -17.31 -29.34
N SER F 488 -17.59 -18.63 -29.27
CA SER F 488 -16.26 -19.18 -29.06
C SER F 488 -15.51 -19.43 -30.36
N LYS F 489 -16.16 -19.30 -31.50
CA LYS F 489 -15.52 -19.51 -32.78
C LYS F 489 -14.54 -18.39 -33.08
N SER F 490 -13.61 -18.65 -33.99
CA SER F 490 -12.64 -17.64 -34.36
C SER F 490 -13.29 -16.53 -35.17
N ASN F 491 -12.64 -15.37 -35.18
CA ASN F 491 -13.18 -14.23 -35.92
C ASN F 491 -12.92 -14.38 -37.41
N GLY F 492 -11.71 -14.78 -37.77
CA GLY F 492 -11.22 -14.57 -39.11
C GLY F 492 -10.53 -13.25 -39.29
N LEU F 493 -10.29 -12.51 -38.20
CA LEU F 493 -9.61 -11.24 -38.22
C LEU F 493 -8.19 -11.40 -37.70
N LYS F 494 -7.39 -10.39 -37.91
CA LYS F 494 -6.14 -10.35 -37.20
C LYS F 494 -6.40 -9.97 -35.74
N PRO F 495 -5.63 -10.50 -34.79
CA PRO F 495 -5.74 -10.06 -33.41
C PRO F 495 -5.04 -8.75 -33.09
N ASP F 496 -4.56 -8.04 -34.11
CA ASP F 496 -3.83 -6.80 -33.89
C ASP F 496 -4.77 -5.68 -33.51
N ASN F 497 -4.50 -5.05 -32.39
CA ASN F 497 -5.22 -3.87 -31.95
C ASN F 497 -4.24 -3.00 -31.18
N PHE F 498 -4.76 -2.06 -30.39
CA PHE F 498 -3.87 -1.13 -29.70
C PHE F 498 -3.14 -1.80 -28.56
N ILE F 499 -3.88 -2.59 -27.75
CA ILE F 499 -3.34 -3.21 -26.55
C ILE F 499 -2.24 -4.19 -26.89
N LEU F 500 -2.50 -5.08 -27.85
CA LEU F 500 -1.55 -6.13 -28.20
C LEU F 500 -0.31 -5.53 -28.83
N ASN F 501 -0.48 -4.71 -29.87
CA ASN F 501 0.65 -4.20 -30.64
C ASN F 501 1.50 -3.26 -29.80
N GLU F 502 0.90 -2.57 -28.85
CA GLU F 502 1.66 -1.56 -28.15
C GLU F 502 2.21 -2.04 -26.81
N PHE F 503 1.63 -3.08 -26.20
CA PHE F 503 2.09 -3.51 -24.90
C PHE F 503 2.37 -5.01 -24.81
N GLY F 504 2.36 -5.73 -25.93
CA GLY F 504 2.52 -7.16 -25.86
C GLY F 504 3.93 -7.58 -25.53
N SER F 505 4.91 -6.73 -25.81
CA SER F 505 6.28 -7.03 -25.41
C SER F 505 6.43 -7.01 -23.90
N ARG F 506 5.83 -6.01 -23.24
CA ARG F 506 5.83 -5.92 -21.79
C ARG F 506 5.05 -7.07 -21.16
N ILE F 507 3.83 -7.30 -21.66
CA ILE F 507 3.00 -8.38 -21.14
C ILE F 507 3.65 -9.73 -21.38
N LYS F 508 4.38 -9.87 -22.48
CA LYS F 508 4.95 -11.14 -22.87
C LYS F 508 6.22 -11.45 -22.08
N ASP F 509 7.10 -10.48 -21.87
CA ASP F 509 8.28 -10.82 -21.10
C ASP F 509 8.03 -10.78 -19.60
N ALA F 510 6.90 -10.25 -19.15
CA ALA F 510 6.50 -10.48 -17.77
C ALA F 510 6.01 -11.91 -17.57
N ASN F 511 5.21 -12.41 -18.51
CA ASN F 511 4.68 -13.77 -18.46
C ASN F 511 4.28 -14.14 -19.88
N LYS F 512 4.81 -15.24 -20.40
CA LYS F 512 4.41 -15.66 -21.74
C LYS F 512 2.97 -16.15 -21.75
N GLU F 513 2.52 -16.73 -20.64
CA GLU F 513 1.18 -17.29 -20.58
C GLU F 513 0.11 -16.20 -20.58
N THR F 514 0.38 -15.06 -19.99
CA THR F 514 -0.56 -13.95 -20.05
C THR F 514 -0.69 -13.44 -21.47
N TYR F 515 0.43 -13.42 -22.21
CA TYR F 515 0.40 -13.05 -23.61
C TYR F 515 -0.40 -14.04 -24.44
N ASP F 516 -0.23 -15.33 -24.16
CA ASP F 516 -0.96 -16.35 -24.91
C ASP F 516 -2.44 -16.30 -24.62
N ASN F 517 -2.81 -16.07 -23.36
CA ASN F 517 -4.22 -15.97 -23.00
C ASN F 517 -4.85 -14.73 -23.59
N MET F 518 -4.12 -13.63 -23.65
CA MET F 518 -4.67 -12.40 -24.21
C MET F 518 -4.82 -12.52 -25.72
N HIS F 519 -3.89 -13.22 -26.36
CA HIS F 519 -3.98 -13.54 -27.77
C HIS F 519 -5.19 -14.43 -28.06
N LYS F 520 -5.41 -15.44 -27.20
CA LYS F 520 -6.56 -16.32 -27.39
C LYS F 520 -7.88 -15.62 -27.12
N ILE F 521 -7.88 -14.61 -26.25
CA ILE F 521 -9.07 -13.79 -26.11
C ILE F 521 -9.31 -13.01 -27.38
N PHE F 522 -8.26 -12.43 -27.95
CA PHE F 522 -8.44 -11.56 -29.10
C PHE F 522 -8.78 -12.32 -30.36
N GLU F 523 -8.54 -13.62 -30.40
CA GLU F 523 -8.92 -14.39 -31.58
C GLU F 523 -10.39 -14.76 -31.65
N THR F 524 -11.10 -14.86 -30.54
CA THR F 524 -12.42 -15.44 -30.53
C THR F 524 -13.50 -14.41 -30.82
N GLY F 525 -14.74 -14.88 -30.87
CA GLY F 525 -15.87 -14.02 -31.14
C GLY F 525 -16.39 -13.25 -29.95
N TYR F 526 -15.98 -13.64 -28.74
CA TYR F 526 -16.28 -12.85 -27.55
C TYR F 526 -15.69 -11.46 -27.66
N TRP F 527 -14.42 -11.40 -28.08
CA TRP F 527 -13.74 -10.12 -28.17
C TRP F 527 -14.29 -9.28 -29.29
N GLN F 528 -14.70 -9.90 -30.39
CA GLN F 528 -15.28 -9.13 -31.47
C GLN F 528 -16.66 -8.62 -31.09
N CYS F 529 -17.43 -9.42 -30.35
CA CYS F 529 -18.74 -9.00 -29.89
C CYS F 529 -18.64 -7.82 -28.95
N ILE F 530 -17.73 -7.89 -27.97
CA ILE F 530 -17.70 -6.81 -27.00
C ILE F 530 -16.97 -5.59 -27.57
N SER F 531 -16.07 -5.78 -28.55
CA SER F 531 -15.46 -4.64 -29.21
C SER F 531 -16.46 -3.93 -30.11
N ASP F 532 -17.29 -4.69 -30.82
CA ASP F 532 -18.34 -4.08 -31.63
C ASP F 532 -19.37 -3.40 -30.77
N PHE F 533 -19.64 -3.93 -29.58
CA PHE F 533 -20.64 -3.29 -28.74
C PHE F 533 -20.09 -2.03 -28.10
N SER F 534 -18.80 -1.98 -27.79
CA SER F 534 -18.21 -0.75 -27.30
C SER F 534 -18.16 0.32 -28.38
N THR F 535 -17.72 -0.06 -29.58
CA THR F 535 -17.65 0.90 -30.69
C THR F 535 -19.04 1.38 -31.07
N LEU F 536 -20.00 0.47 -31.11
CA LEU F 536 -21.35 0.84 -31.47
C LEU F 536 -21.99 1.71 -30.42
N MET F 537 -21.72 1.48 -29.14
CA MET F 537 -22.31 2.34 -28.13
C MET F 537 -21.63 3.70 -28.10
N LYS F 538 -20.34 3.76 -28.42
CA LYS F 538 -19.67 5.05 -28.57
C LYS F 538 -20.29 5.84 -29.70
N ASN F 539 -20.62 5.17 -30.80
CA ASN F 539 -21.27 5.85 -31.91
C ASN F 539 -22.70 6.23 -31.57
N ILE F 540 -23.40 5.43 -30.78
CA ILE F 540 -24.75 5.75 -30.35
C ILE F 540 -24.76 6.98 -29.46
N LEU F 541 -23.79 7.09 -28.56
CA LEU F 541 -23.71 8.26 -27.70
C LEU F 541 -23.27 9.49 -28.48
N SER F 542 -22.37 9.32 -29.46
CA SER F 542 -21.93 10.45 -30.27
C SER F 542 -23.05 10.92 -31.17
N VAL F 543 -23.92 10.00 -31.56
CA VAL F 543 -25.04 10.28 -32.45
C VAL F 543 -26.25 10.86 -31.75
N SER F 544 -26.58 10.39 -30.56
CA SER F 544 -27.80 10.84 -29.90
C SER F 544 -27.66 12.16 -29.19
N GLN F 545 -26.50 12.81 -29.28
CA GLN F 545 -26.33 14.11 -28.65
C GLN F 545 -27.12 15.17 -29.40
N TYR F 546 -26.98 15.20 -30.71
CA TYR F 546 -27.65 16.20 -31.54
C TYR F 546 -28.82 15.60 -32.31
N ASN F 547 -29.42 14.54 -31.77
CA ASN F 547 -30.62 13.98 -32.33
C ASN F 547 -31.79 14.90 -32.01
N ARG F 548 -32.80 14.90 -32.87
CA ARG F 548 -33.96 15.74 -32.66
C ARG F 548 -35.19 14.88 -32.45
N HIS F 549 -36.30 15.54 -32.14
CA HIS F 549 -37.52 14.83 -31.80
C HIS F 549 -38.24 14.27 -33.01
N ASN F 550 -37.88 14.72 -34.21
CA ASN F 550 -38.51 14.22 -35.43
C ASN F 550 -37.54 13.54 -36.36
N THR F 551 -36.32 13.28 -35.90
CA THR F 551 -35.30 12.62 -36.69
C THR F 551 -34.89 11.32 -36.01
N PHE F 552 -34.62 10.31 -36.81
CA PHE F 552 -33.96 9.13 -36.30
C PHE F 552 -32.57 9.08 -36.90
N ARG F 553 -31.66 8.39 -36.23
CA ARG F 553 -30.28 8.36 -36.68
C ARG F 553 -29.78 6.92 -36.72
N ILE F 554 -28.68 6.72 -37.44
CA ILE F 554 -28.12 5.41 -37.68
C ILE F 554 -26.71 5.38 -37.12
N ALA F 555 -26.38 4.37 -36.34
CA ALA F 555 -25.05 4.22 -35.79
C ALA F 555 -24.44 2.94 -36.34
N MET F 556 -23.18 3.02 -36.76
CA MET F 556 -22.50 1.91 -37.39
C MET F 556 -21.28 1.53 -36.56
N CYS F 557 -20.73 0.36 -36.86
CA CYS F 557 -19.55 -0.12 -36.20
C CYS F 557 -18.63 -0.72 -37.25
N ALA F 558 -17.53 -1.33 -36.81
CA ALA F 558 -16.58 -1.93 -37.73
C ALA F 558 -17.10 -3.21 -38.35
N ASN F 559 -18.09 -3.82 -37.74
CA ASN F 559 -18.79 -4.97 -38.31
C ASN F 559 -19.77 -4.43 -39.34
N ASN F 560 -19.72 -4.99 -40.53
CA ASN F 560 -20.57 -4.52 -41.62
C ASN F 560 -21.94 -5.18 -41.64
N ASN F 561 -22.37 -5.74 -40.51
CA ASN F 561 -23.69 -6.32 -40.37
C ASN F 561 -24.47 -5.74 -39.21
N VAL F 562 -23.80 -5.27 -38.18
CA VAL F 562 -24.46 -4.84 -36.94
C VAL F 562 -24.65 -3.33 -37.04
N PHE F 563 -25.91 -2.90 -37.00
CA PHE F 563 -26.26 -1.50 -37.08
C PHE F 563 -27.06 -1.13 -35.84
N ALA F 564 -27.49 0.12 -35.75
CA ALA F 564 -28.31 0.56 -34.64
C ALA F 564 -29.08 1.78 -35.06
N ILE F 565 -30.41 1.74 -34.91
CA ILE F 565 -31.26 2.90 -35.10
C ILE F 565 -31.39 3.59 -33.76
N VAL F 566 -31.00 4.85 -33.69
CA VAL F 566 -31.25 5.68 -32.53
C VAL F 566 -32.52 6.46 -32.79
N PHE F 567 -33.55 6.19 -32.01
CA PHE F 567 -34.88 6.76 -32.17
C PHE F 567 -34.92 8.16 -31.57
N PRO F 568 -36.00 8.95 -31.84
CA PRO F 568 -36.06 10.26 -31.21
C PRO F 568 -36.19 10.31 -29.68
N ALA F 577 -31.05 12.47 -20.39
CA ALA F 577 -30.45 11.19 -20.73
C ALA F 577 -31.39 10.37 -21.60
N THR F 578 -31.57 9.10 -21.22
CA THR F 578 -32.48 8.13 -21.83
C THR F 578 -32.25 7.97 -23.33
N VAL F 579 -31.12 7.39 -23.70
CA VAL F 579 -30.88 7.06 -25.10
C VAL F 579 -31.68 5.83 -25.48
N VAL F 580 -32.48 5.94 -26.54
CA VAL F 580 -33.30 4.84 -27.05
C VAL F 580 -32.65 4.33 -28.31
N TYR F 581 -32.47 3.03 -28.41
CA TYR F 581 -31.84 2.46 -29.60
C TYR F 581 -32.44 1.09 -29.87
N SER F 582 -32.05 0.52 -31.00
CA SER F 582 -32.47 -0.82 -31.38
C SER F 582 -31.42 -1.41 -32.30
N ILE F 583 -30.87 -2.56 -31.94
CA ILE F 583 -29.77 -3.14 -32.70
C ILE F 583 -30.33 -3.95 -33.86
N ILE F 584 -29.72 -3.79 -35.03
CA ILE F 584 -30.14 -4.50 -36.24
C ILE F 584 -28.96 -5.34 -36.73
N VAL F 585 -29.20 -6.64 -36.92
CA VAL F 585 -28.15 -7.56 -37.33
C VAL F 585 -28.56 -8.20 -38.64
N LEU F 586 -27.71 -8.08 -39.65
CA LEU F 586 -27.91 -8.76 -40.91
C LEU F 586 -27.12 -10.05 -40.88
N HIS F 587 -27.79 -11.18 -41.02
CA HIS F 587 -27.09 -12.45 -40.98
C HIS F 587 -27.61 -13.38 -42.06
N LYS F 588 -26.70 -14.19 -42.59
CA LYS F 588 -26.99 -15.03 -43.75
C LYS F 588 -27.83 -16.24 -43.36
N GLU F 589 -27.34 -17.03 -42.42
CA GLU F 589 -28.03 -18.23 -41.97
C GLU F 589 -28.81 -17.90 -40.71
N GLU F 590 -30.07 -18.30 -40.67
CA GLU F 590 -30.91 -18.16 -39.48
C GLU F 590 -30.32 -18.99 -38.33
N GLU F 591 -30.62 -18.56 -37.10
CA GLU F 591 -30.15 -19.13 -35.83
C GLU F 591 -28.66 -18.98 -35.66
N ASN F 592 -28.02 -18.03 -36.34
CA ASN F 592 -26.60 -17.79 -36.22
C ASN F 592 -26.35 -16.42 -35.60
N ILE F 593 -27.12 -16.11 -34.58
CA ILE F 593 -27.10 -14.81 -33.92
C ILE F 593 -26.90 -15.02 -32.42
N PHE F 594 -26.09 -14.17 -31.81
CA PHE F 594 -25.98 -14.10 -30.36
C PHE F 594 -27.19 -13.38 -29.79
N ASN F 595 -27.98 -14.09 -28.99
CA ASN F 595 -29.24 -13.58 -28.46
C ASN F 595 -29.25 -13.76 -26.95
N PRO F 596 -28.86 -12.75 -26.19
CA PRO F 596 -28.96 -12.82 -24.73
C PRO F 596 -30.28 -12.26 -24.23
N GLY F 597 -31.38 -12.78 -24.78
CA GLY F 597 -32.70 -12.35 -24.34
C GLY F 597 -33.06 -10.94 -24.72
N CYS F 598 -32.62 -10.46 -25.88
CA CYS F 598 -32.88 -9.10 -26.29
C CYS F 598 -33.58 -9.02 -27.64
N LEU F 599 -33.61 -10.12 -28.39
CA LEU F 599 -34.16 -10.11 -29.74
C LEU F 599 -35.66 -9.92 -29.75
N HIS F 600 -36.14 -9.06 -30.65
CA HIS F 600 -37.56 -8.90 -30.89
C HIS F 600 -38.09 -9.86 -31.94
N GLY F 601 -37.35 -10.10 -33.00
CA GLY F 601 -37.78 -11.04 -34.00
C GLY F 601 -36.81 -11.14 -35.14
N THR F 602 -36.56 -12.35 -35.62
CA THR F 602 -35.72 -12.58 -36.78
C THR F 602 -36.63 -12.67 -38.00
N PHE F 603 -36.24 -11.97 -39.06
CA PHE F 603 -37.07 -11.79 -40.24
C PHE F 603 -36.32 -12.24 -41.48
N LYS F 604 -37.07 -12.64 -42.48
CA LYS F 604 -36.51 -13.03 -43.77
C LYS F 604 -36.50 -11.82 -44.69
N CYS F 605 -35.33 -11.50 -45.23
CA CYS F 605 -35.19 -10.42 -46.20
C CYS F 605 -34.51 -10.96 -47.44
N MET F 606 -34.11 -10.08 -48.34
CA MET F 606 -33.32 -10.52 -49.47
C MET F 606 -31.88 -10.72 -49.02
N ASN F 607 -31.23 -11.72 -49.63
CA ASN F 607 -29.82 -12.05 -49.42
C ASN F 607 -29.53 -12.42 -47.97
N GLY F 608 -30.48 -13.08 -47.32
CA GLY F 608 -30.29 -13.58 -45.98
C GLY F 608 -31.44 -13.20 -45.06
N TYR F 609 -31.11 -12.96 -43.81
CA TYR F 609 -32.06 -12.64 -42.76
C TYR F 609 -31.74 -11.29 -42.16
N ILE F 610 -32.65 -10.80 -41.33
CA ILE F 610 -32.43 -9.55 -40.60
C ILE F 610 -33.10 -9.66 -39.24
N SER F 611 -32.34 -9.39 -38.19
CA SER F 611 -32.85 -9.44 -36.84
C SER F 611 -32.81 -8.07 -36.20
N ILE F 612 -33.88 -7.74 -35.49
CA ILE F 612 -34.03 -6.46 -34.83
C ILE F 612 -34.29 -6.73 -33.37
N SER F 613 -33.53 -6.10 -32.50
CA SER F 613 -33.77 -6.29 -31.07
C SER F 613 -34.91 -5.41 -30.62
N ARG F 614 -35.33 -5.61 -29.38
CA ARG F 614 -36.33 -4.72 -28.78
C ARG F 614 -35.70 -3.36 -28.52
N ALA F 615 -36.54 -2.37 -28.27
CA ALA F 615 -36.02 -1.02 -28.05
C ALA F 615 -35.48 -0.92 -26.63
N ILE F 616 -34.20 -0.61 -26.51
CA ILE F 616 -33.55 -0.48 -25.21
C ILE F 616 -33.44 0.99 -24.89
N ARG F 617 -33.80 1.37 -23.67
CA ARG F 617 -33.62 2.72 -23.17
C ARG F 617 -32.64 2.67 -22.02
N LEU F 618 -31.51 3.38 -22.15
CA LEU F 618 -30.49 3.36 -21.13
C LEU F 618 -30.11 4.77 -20.73
N ASP F 619 -29.52 4.90 -19.56
CA ASP F 619 -28.96 6.17 -19.11
C ASP F 619 -27.68 6.46 -19.87
N LYS F 620 -27.22 7.70 -19.76
CA LYS F 620 -25.92 8.03 -20.31
C LYS F 620 -24.81 7.35 -19.54
N GLU F 621 -24.97 7.23 -18.22
CA GLU F 621 -23.98 6.64 -17.35
C GLU F 621 -24.00 5.12 -17.36
N ARG F 622 -24.98 4.50 -17.99
CA ARG F 622 -24.95 3.06 -18.22
C ARG F 622 -24.30 2.74 -19.56
N CYS F 623 -24.60 3.54 -20.58
CA CYS F 623 -23.90 3.44 -21.85
C CYS F 623 -22.43 3.77 -21.69
N GLN F 624 -22.11 4.67 -20.76
CA GLN F 624 -20.73 4.96 -20.38
C GLN F 624 -19.99 3.72 -19.92
N ARG F 625 -20.62 2.90 -19.08
CA ARG F 625 -19.99 1.66 -18.65
C ARG F 625 -19.93 0.65 -19.77
N ILE F 626 -20.90 0.69 -20.69
CA ILE F 626 -20.88 -0.20 -21.85
C ILE F 626 -19.69 0.10 -22.76
N VAL F 627 -19.33 1.38 -22.90
CA VAL F 627 -18.20 1.74 -23.76
C VAL F 627 -16.89 1.19 -23.20
N SER F 628 -16.72 1.25 -21.90
CA SER F 628 -15.50 0.80 -21.25
C SER F 628 -15.44 -0.70 -21.02
N SER F 629 -16.43 -1.44 -21.46
CA SER F 629 -16.53 -2.88 -21.23
C SER F 629 -15.47 -3.81 -21.82
N PRO F 630 -14.77 -3.51 -22.92
CA PRO F 630 -13.64 -4.37 -23.29
C PRO F 630 -12.53 -4.40 -22.25
N GLY F 631 -12.32 -3.29 -21.54
CA GLY F 631 -11.34 -3.30 -20.47
C GLY F 631 -11.76 -4.16 -19.30
N LEU F 632 -13.04 -4.07 -18.93
CA LEU F 632 -13.57 -4.89 -17.86
C LEU F 632 -13.56 -6.37 -18.24
N PHE F 633 -13.90 -6.67 -19.50
CA PHE F 633 -13.90 -8.04 -19.97
C PHE F 633 -12.51 -8.64 -19.96
N LEU F 634 -11.54 -7.91 -20.52
CA LEU F 634 -10.18 -8.43 -20.63
C LEU F 634 -9.54 -8.56 -19.27
N THR F 635 -9.76 -7.59 -18.39
CA THR F 635 -9.25 -7.64 -17.03
C THR F 635 -9.82 -8.82 -16.27
N THR F 636 -11.15 -9.00 -16.36
CA THR F 636 -11.83 -10.07 -15.65
C THR F 636 -11.37 -11.43 -16.13
N CYS F 637 -11.25 -11.61 -17.45
CA CYS F 637 -10.86 -12.89 -18.01
C CYS F 637 -9.41 -13.24 -17.66
N LEU F 638 -8.51 -12.28 -17.81
CA LEU F 638 -7.11 -12.58 -17.50
C LEU F 638 -6.89 -12.72 -16.01
N LEU F 639 -7.75 -12.14 -15.18
CA LEU F 639 -7.57 -12.23 -13.75
C LEU F 639 -8.12 -13.54 -13.21
N PHE F 640 -9.25 -13.98 -13.74
CA PHE F 640 -9.77 -15.31 -13.42
C PHE F 640 -8.87 -16.41 -13.94
N LYS F 641 -8.30 -16.24 -15.12
CA LYS F 641 -7.51 -17.31 -15.73
C LYS F 641 -6.12 -17.45 -15.12
N HIS F 642 -5.58 -16.37 -14.56
CA HIS F 642 -4.15 -16.21 -14.23
C HIS F 642 -3.56 -17.35 -13.43
N ASP F 643 -2.55 -17.99 -14.02
CA ASP F 643 -1.73 -19.03 -13.42
C ASP F 643 -2.55 -20.26 -13.05
N ASN F 644 -3.50 -20.66 -13.89
CA ASN F 644 -4.36 -21.80 -13.59
C ASN F 644 -4.64 -22.54 -14.88
N PRO F 645 -3.94 -23.66 -15.11
CA PRO F 645 -4.19 -24.45 -16.32
C PRO F 645 -5.42 -25.36 -16.24
N THR F 646 -6.08 -25.44 -15.09
CA THR F 646 -7.24 -26.31 -14.97
C THR F 646 -8.51 -25.67 -15.48
N LEU F 647 -8.49 -24.39 -15.81
CA LEU F 647 -9.67 -23.69 -16.27
C LEU F 647 -9.65 -23.59 -17.79
N VAL F 648 -10.84 -23.60 -18.37
CA VAL F 648 -10.99 -23.47 -19.82
C VAL F 648 -11.34 -22.03 -20.12
N MET F 649 -10.67 -21.45 -21.11
CA MET F 649 -10.80 -20.04 -21.40
C MET F 649 -12.19 -19.69 -21.92
N SER F 650 -12.84 -20.64 -22.58
CA SER F 650 -14.19 -20.37 -23.10
C SER F 650 -15.19 -20.28 -21.97
N ASP F 651 -14.98 -21.04 -20.88
CA ASP F 651 -15.86 -20.94 -19.72
C ASP F 651 -15.72 -19.59 -19.04
N ILE F 652 -14.48 -19.11 -18.91
CA ILE F 652 -14.22 -17.83 -18.27
C ILE F 652 -14.77 -16.69 -19.12
N MET F 653 -14.61 -16.78 -20.44
CA MET F 653 -15.15 -15.76 -21.31
C MET F 653 -16.66 -15.81 -21.34
N ASN F 654 -17.24 -17.00 -21.19
CA ASN F 654 -18.70 -17.11 -21.23
C ASN F 654 -19.32 -16.50 -19.98
N PHE F 655 -18.67 -16.66 -18.84
CA PHE F 655 -19.15 -16.00 -17.63
C PHE F 655 -18.92 -14.50 -17.68
N SER F 656 -17.74 -14.09 -18.15
CA SER F 656 -17.36 -12.69 -18.08
C SER F 656 -17.98 -11.85 -19.19
N ILE F 657 -18.55 -12.45 -20.22
CA ILE F 657 -19.24 -11.62 -21.20
C ILE F 657 -20.55 -11.13 -20.62
N TYR F 658 -21.10 -11.84 -19.65
CA TYR F 658 -22.33 -11.43 -19.00
C TYR F 658 -22.09 -10.60 -17.75
N THR F 659 -21.03 -10.87 -17.00
CA THR F 659 -20.80 -10.02 -15.84
C THR F 659 -20.24 -8.67 -16.22
N SER F 660 -19.45 -8.59 -17.30
CA SER F 660 -18.92 -7.31 -17.72
C SER F 660 -19.93 -6.44 -18.42
N LEU F 661 -21.06 -6.98 -18.85
CA LEU F 661 -22.04 -6.21 -19.59
C LEU F 661 -23.39 -6.15 -18.88
N SER F 662 -23.40 -6.33 -17.57
CA SER F 662 -24.63 -6.30 -16.79
C SER F 662 -24.71 -4.95 -16.11
N ILE F 663 -25.71 -4.16 -16.47
CA ILE F 663 -25.84 -2.81 -15.94
C ILE F 663 -27.18 -2.67 -15.21
N THR F 664 -27.70 -3.77 -14.69
CA THR F 664 -28.97 -3.78 -13.97
C THR F 664 -28.76 -4.30 -12.56
N LYS F 665 -29.78 -4.14 -11.72
CA LYS F 665 -29.77 -4.56 -10.33
C LYS F 665 -29.79 -6.07 -10.15
N SER F 666 -30.06 -6.81 -11.23
CA SER F 666 -30.31 -8.25 -11.12
C SER F 666 -29.06 -9.02 -10.75
N VAL F 667 -27.88 -8.47 -11.05
CA VAL F 667 -26.64 -9.10 -10.64
C VAL F 667 -26.06 -8.41 -9.40
N LEU F 668 -26.46 -7.17 -9.12
CA LEU F 668 -26.12 -6.52 -7.86
C LEU F 668 -26.72 -7.26 -6.68
N SER F 669 -27.90 -7.84 -6.88
CA SER F 669 -28.53 -8.61 -5.82
C SER F 669 -27.83 -9.92 -5.53
N LEU F 670 -26.90 -10.35 -6.38
CA LEU F 670 -26.22 -11.62 -6.28
C LEU F 670 -24.76 -11.50 -5.92
N THR F 671 -24.09 -10.43 -6.35
CA THR F 671 -22.63 -10.39 -6.16
C THR F 671 -22.24 -10.04 -4.74
N GLU F 672 -22.98 -9.16 -4.07
CA GLU F 672 -22.65 -8.82 -2.69
C GLU F 672 -23.08 -9.86 -1.65
N PRO F 673 -24.27 -10.48 -1.70
CA PRO F 673 -24.55 -11.57 -0.75
C PRO F 673 -23.75 -12.83 -1.00
N ALA F 674 -23.10 -12.97 -2.17
CA ALA F 674 -22.32 -14.15 -2.44
C ALA F 674 -21.14 -14.28 -1.49
N ARG F 675 -20.56 -13.14 -1.09
CA ARG F 675 -19.48 -13.12 -0.13
C ARG F 675 -19.91 -13.76 1.19
N TYR F 676 -21.04 -13.33 1.71
CA TYR F 676 -21.49 -13.80 3.02
C TYR F 676 -21.94 -15.24 2.94
N MET F 677 -22.60 -15.62 1.84
CA MET F 677 -23.06 -17.00 1.72
C MET F 677 -21.90 -17.97 1.58
N ILE F 678 -20.93 -17.67 0.70
CA ILE F 678 -19.86 -18.64 0.48
C ILE F 678 -18.86 -18.64 1.63
N MET F 679 -18.57 -17.47 2.21
CA MET F 679 -17.61 -17.45 3.32
C MET F 679 -18.22 -17.99 4.60
N ASN F 680 -19.51 -17.74 4.85
CA ASN F 680 -20.13 -18.35 6.02
C ASN F 680 -20.31 -19.84 5.84
N SER F 681 -20.47 -20.29 4.59
CA SER F 681 -20.51 -21.72 4.36
C SER F 681 -19.14 -22.35 4.49
N LEU F 682 -18.09 -21.58 4.22
CA LEU F 682 -16.75 -22.12 4.31
C LEU F 682 -16.22 -22.16 5.73
N ALA F 683 -16.71 -21.29 6.59
CA ALA F 683 -16.08 -21.01 7.87
C ALA F 683 -16.33 -22.13 8.88
N ILE F 684 -15.73 -21.98 10.06
CA ILE F 684 -15.90 -22.95 11.13
C ILE F 684 -17.25 -22.77 11.79
N SER F 685 -17.56 -21.54 12.19
CA SER F 685 -18.81 -21.23 12.86
C SER F 685 -19.45 -20.06 12.15
N SER F 686 -20.74 -20.18 11.85
CA SER F 686 -21.45 -19.14 11.13
C SER F 686 -22.94 -19.33 11.34
N ASN F 687 -23.71 -18.37 10.84
CA ASN F 687 -25.16 -18.48 10.78
C ASN F 687 -25.62 -18.26 9.34
N VAL F 688 -25.03 -19.04 8.43
CA VAL F 688 -25.37 -18.95 7.01
C VAL F 688 -26.84 -19.30 6.78
N LYS F 689 -27.41 -20.16 7.62
CA LYS F 689 -28.84 -20.43 7.57
C LYS F 689 -29.64 -19.17 7.84
N ASP F 690 -29.19 -18.37 8.80
CA ASP F 690 -29.90 -17.13 9.11
C ASP F 690 -29.68 -16.08 8.04
N TYR F 691 -28.52 -16.10 7.39
CA TYR F 691 -28.29 -15.11 6.35
C TYR F 691 -29.13 -15.41 5.13
N ILE F 692 -29.26 -16.69 4.78
CA ILE F 692 -30.08 -17.04 3.63
C ILE F 692 -31.55 -16.85 3.97
N ALA F 693 -31.95 -17.28 5.17
CA ALA F 693 -33.35 -17.23 5.54
C ALA F 693 -33.85 -15.84 5.85
N GLU F 694 -32.97 -14.88 6.16
CA GLU F 694 -33.43 -13.53 6.44
C GLU F 694 -32.90 -12.46 5.51
N LYS F 695 -31.75 -12.63 4.88
CA LYS F 695 -31.15 -11.51 4.19
C LYS F 695 -30.87 -11.72 2.71
N PHE F 696 -30.71 -12.95 2.25
CA PHE F 696 -30.44 -13.15 0.83
C PHE F 696 -31.72 -13.02 0.03
N SER F 697 -31.78 -11.99 -0.81
CA SER F 697 -32.95 -11.71 -1.63
C SER F 697 -32.51 -11.61 -3.08
N PRO F 698 -32.48 -12.73 -3.80
CA PRO F 698 -32.12 -12.67 -5.22
C PRO F 698 -33.21 -12.01 -6.02
N TYR F 699 -32.80 -11.23 -7.00
CA TYR F 699 -33.71 -10.39 -7.78
C TYR F 699 -33.45 -10.75 -9.23
N THR F 700 -34.05 -11.85 -9.69
CA THR F 700 -33.65 -12.49 -10.91
C THR F 700 -34.64 -12.15 -12.00
N LYS F 701 -34.38 -11.07 -12.73
CA LYS F 701 -35.20 -10.71 -13.87
C LYS F 701 -34.65 -11.25 -15.17
N THR F 702 -33.37 -11.63 -15.21
CA THR F 702 -32.72 -12.09 -16.41
C THR F 702 -32.35 -13.56 -16.25
N LEU F 703 -32.02 -14.22 -17.37
CA LEU F 703 -31.64 -15.62 -17.30
C LEU F 703 -30.24 -15.81 -16.75
N PHE F 704 -29.33 -14.84 -16.95
CA PHE F 704 -28.02 -14.98 -16.35
C PHE F 704 -28.09 -14.84 -14.84
N SER F 705 -29.08 -14.11 -14.33
CA SER F 705 -29.31 -14.07 -12.90
C SER F 705 -29.71 -15.43 -12.36
N VAL F 706 -30.51 -16.16 -13.11
CA VAL F 706 -30.93 -17.49 -12.68
C VAL F 706 -29.76 -18.47 -12.73
N TYR F 707 -28.93 -18.35 -13.77
CA TYR F 707 -27.74 -19.19 -13.89
C TYR F 707 -26.76 -18.93 -12.75
N MET F 708 -26.52 -17.66 -12.46
CA MET F 708 -25.58 -17.30 -11.41
C MET F 708 -26.15 -17.62 -10.03
N THR F 709 -27.47 -17.61 -9.88
CA THR F 709 -28.08 -18.02 -8.62
C THR F 709 -27.87 -19.51 -8.37
N ARG F 710 -27.98 -20.32 -9.42
CA ARG F 710 -27.68 -21.74 -9.25
C ARG F 710 -26.20 -21.98 -8.99
N LEU F 711 -25.34 -21.13 -9.55
CA LEU F 711 -23.91 -21.23 -9.24
C LEU F 711 -23.64 -20.93 -7.77
N ILE F 712 -24.31 -19.92 -7.22
CA ILE F 712 -24.14 -19.58 -5.80
C ILE F 712 -24.68 -20.70 -4.91
N LYS F 713 -25.83 -21.26 -5.28
CA LYS F 713 -26.45 -22.34 -4.50
C LYS F 713 -25.57 -23.57 -4.47
N ASN F 714 -25.00 -23.94 -5.62
CA ASN F 714 -24.11 -25.09 -5.64
C ASN F 714 -22.81 -24.80 -4.91
N ALA F 715 -22.35 -23.55 -4.97
CA ALA F 715 -21.07 -23.24 -4.35
C ALA F 715 -21.17 -23.16 -2.84
N CYS F 716 -22.36 -22.90 -2.29
CA CYS F 716 -22.51 -22.95 -0.83
C CYS F 716 -22.31 -24.37 -0.30
N PHE F 717 -22.98 -25.34 -0.93
CA PHE F 717 -22.83 -26.74 -0.58
C PHE F 717 -21.39 -27.21 -0.78
N ASP F 718 -20.81 -26.86 -1.93
CA ASP F 718 -19.44 -27.28 -2.22
C ASP F 718 -18.45 -26.60 -1.30
N ALA F 719 -18.79 -25.39 -0.82
CA ALA F 719 -17.89 -24.66 0.05
C ALA F 719 -17.89 -25.24 1.44
N TYR F 720 -19.04 -25.75 1.89
CA TYR F 720 -19.04 -26.53 3.12
C TYR F 720 -18.20 -27.78 3.00
N ASP F 721 -18.31 -28.48 1.86
CA ASP F 721 -17.67 -29.79 1.74
C ASP F 721 -16.15 -29.71 1.74
N GLN F 722 -15.57 -28.58 1.35
CA GLN F 722 -14.15 -28.53 1.08
C GLN F 722 -13.34 -27.72 2.07
N ARG F 723 -13.89 -27.43 3.24
CA ARG F 723 -13.14 -26.61 4.21
C ARG F 723 -12.02 -27.40 4.86
N GLN F 724 -12.00 -28.72 4.72
CA GLN F 724 -10.89 -29.52 5.21
C GLN F 724 -9.72 -29.57 4.23
N ARG F 725 -9.83 -28.91 3.08
CA ARG F 725 -8.79 -28.89 2.06
C ARG F 725 -8.05 -27.57 2.06
N VAL F 726 -7.84 -27.00 3.24
CA VAL F 726 -7.08 -25.77 3.42
C VAL F 726 -5.88 -26.12 4.28
N GLN F 727 -4.70 -26.02 3.71
CA GLN F 727 -3.48 -26.46 4.35
C GLN F 727 -2.55 -25.28 4.56
N LEU F 728 -1.57 -25.47 5.45
CA LEU F 728 -0.65 -24.40 5.82
C LEU F 728 0.73 -24.67 5.28
N ARG F 729 1.37 -23.63 4.79
CA ARG F 729 2.74 -23.71 4.33
C ARG F 729 3.67 -23.86 5.54
N ASP F 730 4.76 -24.58 5.34
CA ASP F 730 5.70 -24.82 6.42
C ASP F 730 6.43 -23.54 6.77
N ILE F 731 6.45 -23.20 8.05
CA ILE F 731 6.87 -21.88 8.50
C ILE F 731 8.35 -21.93 8.87
N TYR F 732 9.16 -21.07 8.25
CA TYR F 732 10.56 -20.99 8.60
C TYR F 732 10.72 -19.87 9.61
N LEU F 733 11.11 -20.21 10.83
CA LEU F 733 11.39 -19.21 11.84
C LEU F 733 12.89 -18.91 11.86
N SER F 734 13.23 -17.78 12.46
CA SER F 734 14.62 -17.38 12.56
C SER F 734 14.98 -16.76 13.90
N ASP F 735 14.04 -16.73 14.86
CA ASP F 735 14.06 -16.00 16.13
C ASP F 735 14.08 -14.48 15.95
N TYR F 736 14.00 -14.01 14.71
CA TYR F 736 14.02 -12.61 14.37
C TYR F 736 12.89 -12.20 13.44
N ASP F 737 12.55 -13.04 12.48
CA ASP F 737 11.49 -12.73 11.51
C ASP F 737 11.01 -14.05 10.90
N ILE F 738 9.79 -14.02 10.37
CA ILE F 738 9.16 -15.20 9.79
C ILE F 738 9.25 -15.10 8.28
N THR F 739 9.98 -16.02 7.69
CA THR F 739 9.98 -16.21 6.24
C THR F 739 9.25 -17.50 5.89
N GLN F 740 8.63 -17.50 4.70
CA GLN F 740 7.84 -18.63 4.19
C GLN F 740 6.70 -18.99 5.15
N LYS F 741 5.73 -18.11 5.19
CA LYS F 741 4.50 -18.33 5.94
C LYS F 741 3.34 -18.47 4.97
N GLY F 742 2.13 -18.59 5.51
CA GLY F 742 0.94 -18.56 4.70
C GLY F 742 0.28 -19.90 4.49
N ILE F 743 -0.38 -20.03 3.34
CA ILE F 743 -1.24 -21.15 3.00
C ILE F 743 -0.73 -21.80 1.72
N LYS F 744 -0.69 -23.14 1.71
CA LYS F 744 -0.13 -23.90 0.61
C LYS F 744 -0.92 -23.71 -0.68
N ASP F 745 -0.20 -23.76 -1.79
CA ASP F 745 -0.79 -23.55 -3.11
C ASP F 745 -1.08 -24.90 -3.77
N ASN F 746 -2.09 -25.57 -3.27
CA ASN F 746 -2.58 -26.80 -3.89
C ASN F 746 -3.95 -26.55 -4.50
N ARG F 747 -4.14 -27.01 -5.73
CA ARG F 747 -5.42 -26.82 -6.41
C ARG F 747 -6.30 -28.01 -6.07
N GLU F 748 -6.98 -27.92 -4.95
CA GLU F 748 -7.93 -28.95 -4.58
C GLU F 748 -9.33 -28.41 -4.38
N LEU F 749 -9.52 -27.11 -4.31
CA LEU F 749 -10.85 -26.57 -4.12
C LEU F 749 -11.58 -26.51 -5.45
N THR F 750 -12.89 -26.68 -5.41
CA THR F 750 -13.68 -26.60 -6.62
C THR F 750 -14.01 -25.15 -6.91
N SER F 751 -13.86 -24.76 -8.17
CA SER F 751 -14.12 -23.39 -8.57
C SER F 751 -15.61 -23.10 -8.53
N ILE F 752 -15.92 -21.82 -8.52
CA ILE F 752 -17.29 -21.37 -8.28
C ILE F 752 -18.02 -21.09 -9.58
N TRP F 753 -17.51 -20.16 -10.37
CA TRP F 753 -18.30 -19.59 -11.45
C TRP F 753 -18.17 -20.37 -12.75
N PHE F 754 -17.23 -21.29 -12.83
CA PHE F 754 -16.93 -22.06 -14.02
C PHE F 754 -16.13 -23.28 -13.62
N PRO F 755 -16.27 -24.40 -14.33
CA PRO F 755 -15.69 -25.67 -13.83
C PRO F 755 -14.18 -25.69 -13.83
N GLY F 756 -13.62 -26.32 -12.82
CA GLY F 756 -12.19 -26.47 -12.68
C GLY F 756 -11.81 -26.55 -11.22
N SER F 757 -10.57 -26.94 -10.98
CA SER F 757 -9.99 -26.88 -9.65
C SER F 757 -9.35 -25.52 -9.44
N VAL F 758 -9.13 -25.16 -8.19
CA VAL F 758 -8.67 -23.83 -7.86
C VAL F 758 -7.98 -23.87 -6.51
N THR F 759 -7.12 -22.90 -6.25
CA THR F 759 -6.45 -22.80 -4.96
C THR F 759 -7.08 -21.68 -4.14
N LEU F 760 -6.65 -21.58 -2.88
CA LEU F 760 -7.42 -20.82 -1.89
C LEU F 760 -7.38 -19.32 -2.13
N LYS F 761 -6.22 -18.80 -2.54
CA LYS F 761 -6.15 -17.38 -2.89
C LYS F 761 -7.01 -17.08 -4.11
N GLU F 762 -6.97 -17.98 -5.09
CA GLU F 762 -7.82 -17.83 -6.26
C GLU F 762 -9.28 -18.07 -5.93
N TYR F 763 -9.55 -18.91 -4.93
CA TYR F 763 -10.92 -19.16 -4.49
C TYR F 763 -11.50 -17.93 -3.81
N LEU F 764 -10.71 -17.30 -2.95
CA LEU F 764 -11.15 -16.05 -2.31
C LEU F 764 -11.28 -14.93 -3.33
N THR F 765 -10.45 -14.97 -4.38
CA THR F 765 -10.61 -14.02 -5.47
C THR F 765 -11.94 -14.23 -6.18
N GLN F 766 -12.31 -15.48 -6.44
CA GLN F 766 -13.59 -15.74 -7.08
C GLN F 766 -14.77 -15.41 -6.18
N ILE F 767 -14.58 -15.43 -4.86
CA ILE F 767 -15.66 -14.99 -3.97
C ILE F 767 -15.77 -13.47 -3.98
N TYR F 768 -14.66 -12.77 -3.78
CA TYR F 768 -14.67 -11.36 -3.44
C TYR F 768 -14.56 -10.43 -4.64
N LEU F 769 -14.02 -10.88 -5.75
CA LEU F 769 -13.95 -10.07 -6.96
C LEU F 769 -15.30 -9.68 -7.57
N PRO F 770 -16.36 -10.57 -7.67
CA PRO F 770 -17.56 -10.15 -8.39
C PRO F 770 -18.35 -8.99 -7.80
N PHE F 771 -18.10 -8.61 -6.56
CA PHE F 771 -18.75 -7.40 -6.05
C PHE F 771 -18.26 -6.14 -6.74
N TYR F 772 -17.05 -6.15 -7.28
CA TYR F 772 -16.56 -4.98 -7.97
C TYR F 772 -16.95 -4.96 -9.43
N PHE F 773 -17.79 -5.90 -9.86
CA PHE F 773 -18.37 -5.83 -11.18
C PHE F 773 -19.51 -4.84 -11.23
N ASN F 774 -20.07 -4.49 -10.08
CA ASN F 774 -21.28 -3.70 -10.04
C ASN F 774 -20.98 -2.26 -10.38
N ALA F 775 -21.85 -1.65 -11.19
CA ALA F 775 -21.72 -0.22 -11.41
C ALA F 775 -22.20 0.54 -10.18
N LYS F 776 -21.75 1.78 -10.08
CA LYS F 776 -22.20 2.68 -9.04
C LYS F 776 -23.24 3.62 -9.59
N GLY F 777 -24.26 3.91 -8.80
CA GLY F 777 -25.27 4.84 -9.24
C GLY F 777 -26.29 4.23 -10.17
N LEU F 778 -26.59 2.94 -10.01
CA LEU F 778 -27.69 2.33 -10.72
C LEU F 778 -29.03 2.54 -10.02
N HIS F 779 -29.00 3.18 -8.86
CA HIS F 779 -30.19 3.45 -8.07
C HIS F 779 -30.91 4.66 -8.61
N GLU F 780 -32.23 4.69 -8.44
CA GLU F 780 -33.05 5.85 -8.76
C GLU F 780 -33.39 6.55 -7.47
N LYS F 781 -33.29 7.89 -7.46
CA LYS F 781 -33.51 8.66 -6.24
C LYS F 781 -34.92 8.47 -5.70
N HIS F 782 -35.88 8.34 -6.61
CA HIS F 782 -37.30 8.21 -6.29
C HIS F 782 -37.59 6.99 -5.43
N HIS F 783 -36.77 5.96 -5.51
CA HIS F 783 -36.98 4.73 -4.75
C HIS F 783 -36.00 4.56 -3.61
N VAL F 784 -34.75 4.98 -3.75
CA VAL F 784 -33.87 4.78 -2.61
C VAL F 784 -34.10 5.85 -1.56
N MET F 785 -34.64 7.01 -1.91
CA MET F 785 -34.97 7.97 -0.85
C MET F 785 -36.14 7.48 -0.01
N VAL F 786 -37.14 6.86 -0.63
CA VAL F 786 -38.22 6.30 0.17
C VAL F 786 -37.73 5.08 0.93
N ASP F 787 -36.74 4.35 0.40
CA ASP F 787 -36.24 3.18 1.12
C ASP F 787 -35.43 3.58 2.35
N LEU F 788 -34.58 4.59 2.22
CA LEU F 788 -33.80 5.08 3.34
C LEU F 788 -34.69 5.71 4.41
N ALA F 789 -35.67 6.51 3.97
CA ALA F 789 -36.62 7.09 4.91
C ALA F 789 -37.42 6.03 5.63
N LYS F 790 -37.81 4.96 4.92
CA LYS F 790 -38.55 3.88 5.54
C LYS F 790 -37.72 3.16 6.59
N THR F 791 -36.46 2.83 6.28
CA THR F 791 -35.71 2.04 7.25
C THR F 791 -35.34 2.86 8.49
N ILE F 792 -35.08 4.17 8.31
CA ILE F 792 -34.83 5.04 9.46
C ILE F 792 -36.09 5.16 10.33
N LEU F 793 -37.24 5.42 9.70
CA LEU F 793 -38.44 5.64 10.48
C LEU F 793 -38.97 4.35 11.09
N GLU F 794 -38.71 3.20 10.48
CA GLU F 794 -39.10 1.94 11.08
C GLU F 794 -38.28 1.63 12.32
N ILE F 795 -36.97 1.92 12.27
CA ILE F 795 -36.16 1.72 13.47
C ILE F 795 -36.56 2.69 14.58
N GLU F 796 -36.87 3.93 14.22
CA GLU F 796 -37.26 4.91 15.23
C GLU F 796 -38.65 4.60 15.81
N CYS F 797 -39.56 4.09 14.98
CA CYS F 797 -40.89 3.74 15.47
C CYS F 797 -40.84 2.48 16.32
N GLU F 798 -39.89 1.58 16.03
CA GLU F 798 -39.62 0.48 16.93
C GLU F 798 -39.15 0.97 18.28
N GLN F 799 -38.23 1.93 18.29
CA GLN F 799 -37.61 2.34 19.53
C GLN F 799 -38.48 3.29 20.35
N ARG F 800 -39.43 3.99 19.73
CA ARG F 800 -40.34 4.81 20.52
C ARG F 800 -41.30 3.99 21.35
N GLU F 801 -41.55 2.74 20.98
CA GLU F 801 -42.56 1.92 21.61
C GLU F 801 -42.00 0.76 22.40
N ASN F 802 -41.02 0.05 21.88
CA ASN F 802 -40.56 -1.19 22.50
C ASN F 802 -39.33 -1.02 23.37
N ILE F 803 -38.49 -0.04 23.09
CA ILE F 803 -37.26 0.16 23.83
C ILE F 803 -37.53 1.20 24.90
N LYS F 804 -37.75 0.74 26.12
CA LYS F 804 -38.06 1.64 27.23
C LYS F 804 -36.90 1.81 28.19
N GLU F 805 -36.34 0.72 28.72
CA GLU F 805 -35.28 0.88 29.69
C GLU F 805 -33.94 1.09 29.01
N ILE F 806 -33.01 1.65 29.77
CA ILE F 806 -31.70 2.00 29.25
C ILE F 806 -30.61 1.07 29.77
N TRP F 807 -30.66 0.67 31.04
CA TRP F 807 -29.62 -0.13 31.64
C TRP F 807 -30.18 -1.52 31.95
N SER F 808 -29.31 -2.53 31.89
CA SER F 808 -29.74 -3.87 32.25
C SER F 808 -28.58 -4.60 32.87
N THR F 809 -28.76 -5.90 33.07
CA THR F 809 -27.74 -6.77 33.63
C THR F 809 -27.67 -8.09 32.87
N ASN F 810 -28.73 -8.45 32.16
CA ASN F 810 -28.85 -9.77 31.55
C ASN F 810 -28.78 -9.72 30.02
N CYS F 811 -28.01 -8.78 29.46
CA CYS F 811 -27.68 -8.70 28.03
C CYS F 811 -28.91 -8.55 27.15
N THR F 812 -29.88 -7.76 27.57
CA THR F 812 -31.05 -7.54 26.74
C THR F 812 -30.73 -6.61 25.58
N LYS F 813 -31.67 -6.49 24.66
CA LYS F 813 -31.43 -5.75 23.43
C LYS F 813 -31.43 -4.25 23.70
N GLN F 814 -30.38 -3.59 23.19
CA GLN F 814 -30.20 -2.14 23.25
C GLN F 814 -30.17 -1.63 24.68
N THR F 815 -29.52 -2.38 25.56
CA THR F 815 -29.34 -1.98 26.96
C THR F 815 -27.90 -2.22 27.35
N VAL F 816 -27.42 -1.42 28.30
CA VAL F 816 -26.02 -1.41 28.69
C VAL F 816 -25.91 -1.81 30.15
N ASN F 817 -25.02 -2.76 30.44
CA ASN F 817 -24.68 -3.06 31.83
C ASN F 817 -23.95 -1.87 32.41
N LEU F 818 -24.49 -1.29 33.47
CA LEU F 818 -24.02 0.02 33.92
C LEU F 818 -22.69 -0.09 34.66
N LYS F 819 -22.59 -1.04 35.60
CA LYS F 819 -21.39 -1.19 36.41
C LYS F 819 -20.20 -1.61 35.58
N ILE F 820 -20.43 -2.50 34.62
CA ILE F 820 -19.35 -2.98 33.76
C ILE F 820 -18.86 -1.88 32.86
N LEU F 821 -19.79 -1.08 32.32
CA LEU F 821 -19.45 0.09 31.52
C LEU F 821 -18.61 1.07 32.31
N ILE F 822 -19.04 1.39 33.53
CA ILE F 822 -18.36 2.39 34.34
C ILE F 822 -16.96 1.92 34.72
N HIS F 823 -16.83 0.66 35.14
CA HIS F 823 -15.53 0.17 35.56
C HIS F 823 -14.58 0.04 34.39
N SER F 824 -15.09 -0.36 33.22
CA SER F 824 -14.23 -0.50 32.06
C SER F 824 -13.78 0.85 31.54
N LEU F 825 -14.66 1.85 31.60
CA LEU F 825 -14.26 3.19 31.21
C LEU F 825 -13.24 3.76 32.17
N CYS F 826 -13.38 3.47 33.47
CA CYS F 826 -12.39 3.93 34.44
C CYS F 826 -11.02 3.31 34.17
N LYS F 827 -10.98 2.01 33.89
CA LYS F 827 -9.72 1.33 33.61
C LYS F 827 -9.06 1.88 32.34
N ASN F 828 -9.84 2.03 31.27
CA ASN F 828 -9.24 2.45 30.02
C ASN F 828 -8.87 3.92 30.02
N LEU F 829 -9.63 4.76 30.71
CA LEU F 829 -9.24 6.16 30.83
C LEU F 829 -7.99 6.32 31.69
N LEU F 830 -7.88 5.56 32.79
CA LEU F 830 -6.66 5.56 33.59
C LEU F 830 -5.45 5.14 32.78
N ALA F 831 -5.56 4.05 32.03
CA ALA F 831 -4.45 3.56 31.22
C ALA F 831 -4.06 4.56 30.13
N ASP F 832 -5.05 5.09 29.43
CA ASP F 832 -4.77 5.92 28.26
C ASP F 832 -4.23 7.30 28.65
N THR F 833 -4.85 7.96 29.64
CA THR F 833 -4.26 9.25 29.98
C THR F 833 -3.13 9.12 30.99
N SER F 834 -2.82 7.91 31.47
CA SER F 834 -1.59 7.73 32.22
C SER F 834 -0.43 7.37 31.33
N ARG F 835 -0.67 6.94 30.09
CA ARG F 835 0.43 6.80 29.14
C ARG F 835 1.05 8.16 28.82
N HIS F 836 0.23 9.12 28.41
CA HIS F 836 0.72 10.42 27.99
C HIS F 836 0.12 11.51 28.86
N ASN F 837 0.97 12.41 29.34
CA ASN F 837 0.55 13.43 30.29
C ASN F 837 0.09 14.73 29.64
N HIS F 838 0.62 15.06 28.47
CA HIS F 838 0.29 16.31 27.79
C HIS F 838 -0.80 16.11 26.76
N LEU F 839 -1.79 15.30 27.10
CA LEU F 839 -2.78 14.87 26.12
C LEU F 839 -3.69 16.01 25.68
N ARG F 840 -4.01 16.92 26.60
CA ARG F 840 -4.81 18.08 26.24
C ARG F 840 -4.05 19.02 25.31
N ASN F 841 -2.73 19.12 25.51
CA ASN F 841 -1.87 19.83 24.58
C ASN F 841 -1.90 19.21 23.19
N ARG F 842 -1.88 17.87 23.13
CA ARG F 842 -1.89 17.19 21.86
C ARG F 842 -3.22 17.36 21.14
N ILE F 843 -4.32 17.39 21.90
CA ILE F 843 -5.64 17.63 21.33
C ILE F 843 -5.73 19.04 20.77
N GLU F 844 -5.23 20.01 21.53
CA GLU F 844 -5.34 21.40 21.11
C GLU F 844 -4.44 21.71 19.92
N ASN F 845 -3.25 21.13 19.87
CA ASN F 845 -2.30 21.47 18.82
C ASN F 845 -2.37 20.58 17.60
N ARG F 846 -2.96 19.39 17.70
CA ARG F 846 -3.15 18.59 16.49
C ARG F 846 -4.44 18.91 15.78
N ASN F 847 -5.35 19.62 16.42
CA ASN F 847 -6.66 19.87 15.85
C ASN F 847 -6.98 21.35 15.79
N ASN F 848 -5.98 22.18 16.11
CA ASN F 848 -6.02 23.64 15.97
C ASN F 848 -7.13 24.26 16.80
N PHE F 849 -7.19 23.92 18.08
CA PHE F 849 -8.23 24.50 18.93
C PHE F 849 -7.92 25.96 19.25
N ARG F 850 -6.66 26.31 19.41
CA ARG F 850 -6.31 27.67 19.78
C ARG F 850 -6.22 28.61 18.59
N ARG F 851 -6.37 28.09 17.38
CA ARG F 851 -6.22 28.86 16.17
C ARG F 851 -7.59 29.24 15.63
N SER F 852 -7.60 29.97 14.51
CA SER F 852 -8.85 30.45 13.96
C SER F 852 -9.60 29.33 13.25
N ILE F 853 -10.90 29.57 13.01
CA ILE F 853 -11.70 28.55 12.35
C ILE F 853 -11.38 28.49 10.86
N THR F 854 -10.82 29.57 10.31
CA THR F 854 -10.52 29.61 8.90
C THR F 854 -9.27 28.83 8.53
N THR F 855 -8.62 28.17 9.48
CA THR F 855 -7.43 27.39 9.22
C THR F 855 -7.67 25.90 9.31
N ILE F 856 -8.91 25.46 9.50
CA ILE F 856 -9.23 24.04 9.62
C ILE F 856 -9.94 23.62 8.34
N SER F 857 -9.38 22.61 7.68
CA SER F 857 -9.82 22.27 6.33
C SER F 857 -11.12 21.48 6.30
N THR F 858 -11.74 21.19 7.43
CA THR F 858 -13.09 20.64 7.41
C THR F 858 -14.17 21.68 7.63
N PHE F 859 -13.80 22.89 8.03
CA PHE F 859 -14.74 23.99 8.16
C PHE F 859 -14.71 24.92 6.96
N THR F 860 -13.75 24.74 6.06
CA THR F 860 -13.63 25.57 4.88
C THR F 860 -13.77 24.76 3.59
N SER F 861 -14.37 23.58 3.65
CA SER F 861 -14.46 22.73 2.48
C SER F 861 -15.59 23.19 1.58
N SER F 862 -15.78 22.44 0.49
CA SER F 862 -16.83 22.69 -0.47
C SER F 862 -17.85 21.57 -0.50
N LYS F 863 -18.08 20.94 0.64
CA LYS F 863 -19.11 19.93 0.74
C LYS F 863 -20.40 20.58 1.17
N SER F 864 -21.50 19.83 1.09
CA SER F 864 -22.80 20.43 1.35
C SER F 864 -23.05 20.58 2.83
N CYS F 865 -23.77 21.63 3.20
CA CYS F 865 -24.21 21.79 4.57
C CYS F 865 -25.60 22.40 4.56
N LEU F 866 -26.32 22.20 5.64
CA LEU F 866 -27.71 22.59 5.75
C LEU F 866 -27.81 23.93 6.46
N LYS F 867 -28.85 24.69 6.16
CA LYS F 867 -29.09 25.93 6.90
C LYS F 867 -30.59 26.15 6.98
N ILE F 868 -31.04 26.74 8.08
CA ILE F 868 -32.47 26.86 8.38
C ILE F 868 -32.83 28.33 8.39
N GLY F 869 -33.88 28.69 7.66
CA GLY F 869 -34.30 30.07 7.62
C GLY F 869 -35.53 30.24 6.77
N ASP F 870 -35.88 31.49 6.52
CA ASP F 870 -37.08 31.83 5.73
C ASP F 870 -36.70 31.93 4.25
N PHE F 871 -36.46 30.77 3.65
CA PHE F 871 -36.09 30.72 2.24
C PHE F 871 -37.31 30.33 1.43
N ARG F 872 -38.15 31.33 1.19
CA ARG F 872 -39.37 31.16 0.40
C ARG F 872 -39.24 31.77 -0.99
N LYS F 873 -38.65 32.98 -1.07
CA LYS F 873 -38.58 33.70 -2.34
C LYS F 873 -37.72 32.97 -3.36
N GLU F 874 -36.58 32.43 -2.91
CA GLU F 874 -35.64 31.80 -3.82
C GLU F 874 -36.19 30.48 -4.34
N LYS F 875 -36.88 29.72 -3.50
CA LYS F 875 -37.48 28.47 -3.95
C LYS F 875 -38.64 28.71 -4.91
N GLU F 876 -39.43 29.77 -4.68
CA GLU F 876 -40.49 30.11 -5.61
C GLU F 876 -39.93 30.57 -6.95
N LEU F 877 -38.82 31.32 -6.92
CA LEU F 877 -38.19 31.76 -8.17
C LEU F 877 -37.66 30.57 -8.96
N GLN F 878 -36.98 29.62 -8.31
CA GLN F 878 -36.45 28.48 -9.05
C GLN F 878 -37.57 27.56 -9.52
N SER F 879 -38.67 27.48 -8.77
CA SER F 879 -39.81 26.67 -9.21
C SER F 879 -40.49 27.25 -10.44
N VAL F 880 -40.70 28.57 -10.45
CA VAL F 880 -41.36 29.15 -11.62
C VAL F 880 -40.43 29.17 -12.82
N LYS F 881 -39.11 29.25 -12.61
CA LYS F 881 -38.20 29.17 -13.75
C LYS F 881 -38.11 27.76 -14.31
N GLN F 882 -38.14 26.73 -13.44
CA GLN F 882 -38.06 25.38 -13.97
C GLN F 882 -39.37 24.98 -14.65
N LYS F 883 -40.51 25.49 -14.19
CA LYS F 883 -41.75 25.22 -14.90
C LYS F 883 -41.82 25.99 -16.21
N LYS F 884 -41.22 27.18 -16.25
CA LYS F 884 -41.15 27.93 -17.51
C LYS F 884 -40.26 27.22 -18.52
N ILE F 885 -39.16 26.63 -18.06
CA ILE F 885 -38.28 25.84 -18.92
C ILE F 885 -39.02 24.61 -19.45
N LEU F 886 -39.80 23.96 -18.58
CA LEU F 886 -40.56 22.78 -18.99
C LEU F 886 -41.62 23.11 -20.05
N GLU F 887 -42.34 24.22 -19.87
CA GLU F 887 -43.39 24.54 -20.83
C GLU F 887 -42.81 25.07 -22.15
N VAL F 888 -41.68 25.77 -22.10
CA VAL F 888 -41.02 26.18 -23.34
C VAL F 888 -40.49 24.96 -24.10
N GLN F 889 -39.96 23.97 -23.36
CA GLN F 889 -39.46 22.76 -23.99
C GLN F 889 -40.61 21.92 -24.57
N SER F 890 -41.77 21.95 -23.93
CA SER F 890 -42.89 21.14 -24.41
C SER F 890 -43.79 21.88 -25.41
N ARG F 891 -43.59 23.18 -25.60
CA ARG F 891 -44.32 23.88 -26.64
C ARG F 891 -43.89 23.40 -28.03
N LYS F 892 -42.62 23.04 -28.18
CA LYS F 892 -42.13 22.51 -29.45
C LYS F 892 -41.79 21.03 -29.32
N ASN F 914 -43.95 20.95 -7.99
CA ASN F 914 -44.16 22.31 -7.55
C ASN F 914 -43.91 22.38 -6.06
N TYR F 915 -43.26 23.44 -5.60
CA TYR F 915 -42.95 23.67 -4.20
C TYR F 915 -44.12 24.27 -3.43
N GLU F 916 -44.95 25.10 -4.07
CA GLU F 916 -46.03 25.78 -3.37
C GLU F 916 -47.13 24.82 -2.95
N MET F 917 -47.41 23.79 -3.77
CA MET F 917 -48.36 22.76 -3.37
C MET F 917 -47.80 21.87 -2.27
N LEU F 918 -46.48 21.86 -2.09
CA LEU F 918 -45.90 21.18 -0.95
C LEU F 918 -45.93 22.06 0.28
N ARG F 919 -45.95 23.37 0.08
CA ARG F 919 -45.87 24.26 1.23
C ARG F 919 -47.24 24.54 1.83
N ASN F 920 -48.25 24.80 1.00
CA ASN F 920 -49.55 25.19 1.54
C ASN F 920 -50.27 24.02 2.18
N ALA F 921 -50.02 22.80 1.68
CA ALA F 921 -50.66 21.62 2.25
C ALA F 921 -50.03 21.23 3.59
N MET F 922 -48.80 21.67 3.84
CA MET F 922 -48.05 21.22 5.01
C MET F 922 -47.91 22.36 6.01
N PRO F 923 -48.60 22.30 7.16
CA PRO F 923 -48.51 23.41 8.13
C PRO F 923 -47.18 23.53 8.84
N ASN F 924 -46.68 22.43 9.43
CA ASN F 924 -45.47 22.48 10.25
C ASN F 924 -44.23 22.19 9.42
N TYR F 925 -44.07 22.98 8.36
CA TYR F 925 -42.94 22.83 7.44
C TYR F 925 -41.74 23.59 7.98
N THR F 926 -40.66 22.90 8.25
CA THR F 926 -39.40 23.55 8.61
C THR F 926 -38.64 23.87 7.34
N ASP F 927 -38.45 25.16 7.08
CA ASP F 927 -37.88 25.59 5.82
C ASP F 927 -36.36 25.56 5.89
N TYR F 928 -35.73 25.27 4.75
CA TYR F 928 -34.30 25.04 4.71
C TYR F 928 -33.82 25.32 3.29
N ILE F 929 -32.49 25.27 3.11
CA ILE F 929 -31.87 25.28 1.79
C ILE F 929 -30.48 24.68 1.97
N SER F 930 -29.95 24.10 0.90
CA SER F 930 -28.65 23.46 0.96
C SER F 930 -27.57 24.39 0.41
N THR F 931 -26.42 24.40 1.07
CA THR F 931 -25.36 25.34 0.79
C THR F 931 -24.03 24.61 0.97
N LYS F 932 -22.98 25.10 0.31
CA LYS F 932 -21.63 24.62 0.55
C LYS F 932 -21.12 25.11 1.90
N VAL F 933 -20.06 24.48 2.38
CA VAL F 933 -19.58 24.74 3.74
C VAL F 933 -18.88 26.09 3.82
N PHE F 934 -18.02 26.39 2.84
CA PHE F 934 -17.24 27.62 2.88
C PHE F 934 -18.13 28.84 2.74
N ASP F 935 -19.23 28.72 2.00
CA ASP F 935 -20.16 29.84 1.87
C ASP F 935 -20.89 30.08 3.17
N ARG F 936 -21.18 29.01 3.93
CA ARG F 936 -21.81 29.20 5.22
C ARG F 936 -20.85 29.81 6.21
N LEU F 937 -19.56 29.47 6.12
CA LEU F 937 -18.59 30.12 6.98
C LEU F 937 -18.41 31.58 6.61
N TYR F 938 -18.42 31.89 5.31
CA TYR F 938 -18.37 33.28 4.87
C TYR F 938 -19.57 34.07 5.36
N GLU F 939 -20.75 33.45 5.36
CA GLU F 939 -21.95 34.12 5.82
C GLU F 939 -21.93 34.36 7.32
N LEU F 940 -21.46 33.37 8.09
CA LEU F 940 -21.43 33.53 9.53
C LEU F 940 -20.34 34.50 9.97
N LEU F 941 -19.27 34.62 9.18
CA LEU F 941 -18.26 35.63 9.50
C LEU F 941 -18.73 37.01 9.08
N ASP F 942 -19.49 37.11 8.00
CA ASP F 942 -19.94 38.44 7.57
C ASP F 942 -21.10 38.97 8.39
N LYS F 943 -21.94 38.08 8.93
CA LYS F 943 -23.02 38.49 9.80
C LYS F 943 -22.62 38.56 11.26
N LYS F 944 -21.31 38.44 11.54
CA LYS F 944 -20.70 38.59 12.86
C LYS F 944 -21.18 37.56 13.86
N VAL F 945 -21.69 36.42 13.40
CA VAL F 945 -22.01 35.33 14.31
C VAL F 945 -20.72 34.68 14.78
N LEU F 946 -19.76 34.49 13.90
CA LEU F 946 -18.45 33.94 14.24
C LEU F 946 -17.40 35.03 14.16
N THR F 947 -16.26 34.75 14.79
CA THR F 947 -15.19 35.73 14.93
C THR F 947 -13.90 35.01 14.57
N ASP F 948 -12.81 35.76 14.43
CA ASP F 948 -11.48 35.18 14.28
C ASP F 948 -10.78 34.92 15.61
N LYS F 949 -11.56 34.72 16.69
CA LYS F 949 -11.05 34.28 17.98
C LYS F 949 -10.57 32.83 17.88
N PRO F 950 -9.90 32.29 18.91
CA PRO F 950 -9.63 30.84 18.92
C PRO F 950 -10.91 30.02 18.87
N VAL F 951 -10.87 28.94 18.10
CA VAL F 951 -12.10 28.32 17.62
C VAL F 951 -12.83 27.59 18.74
N ILE F 952 -12.09 27.08 19.72
CA ILE F 952 -12.70 26.19 20.70
C ILE F 952 -13.56 26.96 21.67
N GLU F 953 -13.28 28.26 21.85
CA GLU F 953 -14.17 29.09 22.65
C GLU F 953 -15.48 29.34 21.92
N GLN F 954 -15.42 29.51 20.60
CA GLN F 954 -16.62 29.68 19.81
C GLN F 954 -17.43 28.40 19.75
N ILE F 955 -16.77 27.25 19.73
CA ILE F 955 -17.48 25.98 19.75
C ILE F 955 -18.17 25.79 21.10
N MET F 956 -17.47 26.12 22.19
CA MET F 956 -18.07 26.02 23.50
C MET F 956 -19.20 27.01 23.71
N ASP F 957 -19.19 28.12 22.97
CA ASP F 957 -20.34 29.02 23.04
C ASP F 957 -21.50 28.54 22.17
N MET F 958 -21.22 27.92 21.03
CA MET F 958 -22.32 27.40 20.23
C MET F 958 -22.91 26.13 20.81
N MET F 959 -22.18 25.49 21.74
CA MET F 959 -22.76 24.36 22.44
C MET F 959 -23.89 24.77 23.37
N ILE F 960 -23.96 26.03 23.78
CA ILE F 960 -25.10 26.55 24.50
C ILE F 960 -26.06 27.29 23.57
N ASP F 961 -25.52 28.10 22.66
CA ASP F 961 -26.33 29.01 21.86
C ASP F 961 -27.10 28.30 20.75
N HIS F 962 -26.96 26.99 20.59
CA HIS F 962 -27.63 26.28 19.50
C HIS F 962 -28.36 25.09 20.10
N LYS F 963 -29.69 25.12 20.05
CA LYS F 963 -30.51 24.08 20.66
C LYS F 963 -31.11 23.10 19.67
N LYS F 964 -31.65 23.57 18.57
CA LYS F 964 -32.37 22.72 17.63
C LYS F 964 -31.41 22.26 16.55
N PHE F 965 -31.18 20.95 16.48
CA PHE F 965 -30.34 20.36 15.46
C PHE F 965 -31.22 19.77 14.38
N TYR F 966 -30.91 20.10 13.13
CA TYR F 966 -31.61 19.54 11.99
C TYR F 966 -30.64 18.78 11.11
N PHE F 967 -31.17 17.76 10.45
CA PHE F 967 -30.37 16.89 9.61
C PHE F 967 -31.26 16.46 8.45
N THR F 968 -30.76 16.56 7.24
CA THR F 968 -31.43 15.94 6.10
C THR F 968 -30.54 14.86 5.54
N PHE F 969 -31.11 14.07 4.64
CA PHE F 969 -30.36 12.95 4.10
C PHE F 969 -30.51 12.88 2.60
N PHE F 970 -29.59 12.16 1.97
CA PHE F 970 -29.71 11.82 0.57
C PHE F 970 -28.94 10.52 0.35
N ASN F 971 -29.11 9.94 -0.83
CA ASN F 971 -28.58 8.61 -1.11
C ASN F 971 -27.08 8.64 -1.34
N LYS F 972 -26.43 7.52 -1.05
CA LYS F 972 -25.00 7.44 -1.36
C LYS F 972 -24.78 7.24 -2.84
N GLY F 973 -25.55 6.36 -3.45
CA GLY F 973 -25.34 6.04 -4.85
C GLY F 973 -24.14 5.15 -4.99
N GLN F 974 -24.08 4.11 -4.18
CA GLN F 974 -22.99 3.16 -4.18
C GLN F 974 -23.42 1.90 -4.91
N LYS F 975 -22.45 0.99 -5.08
CA LYS F 975 -22.71 -0.23 -5.82
C LYS F 975 -23.33 -1.33 -4.98
N THR F 976 -23.67 -1.06 -3.73
CA THR F 976 -24.35 -2.04 -2.90
C THR F 976 -25.80 -2.16 -3.37
N SER F 977 -26.36 -3.37 -3.23
CA SER F 977 -27.74 -3.61 -3.61
C SER F 977 -28.71 -2.75 -2.81
N LYS F 978 -28.46 -2.61 -1.51
CA LYS F 978 -29.18 -1.63 -0.69
C LYS F 978 -28.31 -0.38 -0.60
N ASP F 979 -28.87 0.76 -0.96
CA ASP F 979 -28.07 1.96 -0.86
C ASP F 979 -28.03 2.42 0.60
N ARG F 980 -26.98 3.15 0.94
CA ARG F 980 -26.74 3.56 2.32
C ARG F 980 -27.08 5.02 2.48
N GLU F 981 -27.65 5.36 3.64
CA GLU F 981 -28.01 6.74 3.92
C GLU F 981 -26.80 7.58 4.29
N ILE F 982 -26.91 8.88 4.04
CA ILE F 982 -25.87 9.87 4.25
C ILE F 982 -26.53 11.12 4.77
N PHE F 983 -26.06 11.65 5.90
CA PHE F 983 -26.76 12.71 6.60
C PHE F 983 -26.01 14.02 6.44
N VAL F 984 -26.71 15.05 6.01
CA VAL F 984 -26.14 16.38 5.90
C VAL F 984 -26.70 17.21 7.03
N GLY F 985 -25.81 17.75 7.87
CA GLY F 985 -26.19 18.54 9.01
C GLY F 985 -25.72 19.97 8.88
N GLU F 986 -26.29 20.82 9.71
CA GLU F 986 -25.97 22.23 9.66
C GLU F 986 -24.60 22.48 10.29
N TYR F 987 -24.13 23.72 10.13
CA TYR F 987 -22.72 24.03 10.34
C TYR F 987 -22.35 23.98 11.82
N GLU F 988 -23.31 24.32 12.68
CA GLU F 988 -23.05 24.35 14.11
C GLU F 988 -22.94 22.94 14.67
N ALA F 989 -23.70 22.01 14.10
CA ALA F 989 -23.54 20.61 14.43
C ALA F 989 -22.15 20.11 14.05
N LYS F 990 -21.62 20.59 12.93
CA LYS F 990 -20.26 20.25 12.52
C LYS F 990 -19.25 20.76 13.51
N MET F 991 -19.45 21.98 14.02
CA MET F 991 -18.53 22.54 15.01
C MET F 991 -18.52 21.71 16.29
N CYS F 992 -19.71 21.38 16.80
CA CYS F 992 -19.79 20.70 18.08
C CYS F 992 -19.30 19.25 17.98
N MET F 993 -19.68 18.55 16.92
CA MET F 993 -19.21 17.18 16.77
C MET F 993 -17.74 17.13 16.39
N TYR F 994 -17.21 18.20 15.78
CA TYR F 994 -15.77 18.32 15.59
C TYR F 994 -15.05 18.32 16.92
N ALA F 995 -15.54 19.12 17.88
CA ALA F 995 -14.90 19.18 19.20
C ALA F 995 -14.93 17.83 19.91
N VAL F 996 -16.12 17.23 19.98
CA VAL F 996 -16.29 15.95 20.67
C VAL F 996 -15.47 14.86 20.00
N GLU F 997 -15.45 14.85 18.68
CA GLU F 997 -14.82 13.77 17.95
C GLU F 997 -13.32 13.88 17.94
N ARG F 998 -12.76 15.09 17.99
CA ARG F 998 -11.30 15.18 18.06
C ARG F 998 -10.79 14.85 19.46
N ILE F 999 -11.58 15.19 20.49
CA ILE F 999 -11.26 14.74 21.84
C ILE F 999 -11.25 13.21 21.91
N ALA F 1000 -12.21 12.56 21.25
CA ALA F 1000 -12.19 11.10 21.22
C ALA F 1000 -11.09 10.54 20.33
N LYS F 1001 -10.75 11.25 19.25
CA LYS F 1001 -9.76 10.76 18.30
C LYS F 1001 -8.39 10.68 18.92
N GLU F 1002 -7.97 11.74 19.63
CA GLU F 1002 -6.59 11.71 20.12
C GLU F 1002 -6.40 10.79 21.31
N ARG F 1003 -7.47 10.26 21.90
CA ARG F 1003 -7.33 9.15 22.82
C ARG F 1003 -7.36 7.80 22.11
N CYS F 1004 -8.13 7.70 21.02
CA CYS F 1004 -8.06 6.50 20.21
C CYS F 1004 -6.71 6.35 19.51
N LYS F 1005 -5.96 7.44 19.34
CA LYS F 1005 -4.57 7.34 18.89
C LYS F 1005 -3.68 6.62 19.88
N LEU F 1006 -3.98 6.72 21.17
CA LEU F 1006 -3.14 6.13 22.20
C LEU F 1006 -3.38 4.63 22.34
N ASN F 1007 -4.63 4.21 22.22
CA ASN F 1007 -5.02 2.81 22.36
C ASN F 1007 -4.53 2.01 21.16
N PRO F 1008 -3.74 0.96 21.35
CA PRO F 1008 -3.25 0.19 20.20
C PRO F 1008 -4.30 -0.71 19.56
N ASP F 1009 -5.40 -0.99 20.24
CA ASP F 1009 -6.42 -1.87 19.70
C ASP F 1009 -7.40 -1.15 18.80
N GLU F 1010 -7.38 0.18 18.79
CA GLU F 1010 -8.29 0.91 17.94
C GLU F 1010 -7.62 1.20 16.61
N MET F 1011 -8.36 1.04 15.51
CA MET F 1011 -7.78 1.05 14.18
C MET F 1011 -8.30 2.12 13.23
N ILE F 1012 -9.21 3.00 13.64
CA ILE F 1012 -9.46 4.16 12.79
C ILE F 1012 -8.28 5.11 12.91
N SER F 1013 -7.68 5.16 14.10
CA SER F 1013 -6.59 6.08 14.37
C SER F 1013 -5.33 5.71 13.62
N GLU F 1014 -5.20 4.45 13.25
CA GLU F 1014 -4.17 4.05 12.31
C GLU F 1014 -4.47 4.70 10.97
N PRO F 1015 -3.53 5.44 10.39
CA PRO F 1015 -3.77 6.06 9.09
C PRO F 1015 -3.92 5.01 8.01
N GLY F 1016 -4.56 5.38 6.91
CA GLY F 1016 -5.09 4.48 5.90
C GLY F 1016 -4.12 3.46 5.35
N ASP F 1017 -4.59 2.21 5.28
CA ASP F 1017 -4.00 1.06 4.62
C ASP F 1017 -2.78 0.50 5.38
N GLY F 1018 -2.35 1.16 6.45
CA GLY F 1018 -1.39 0.57 7.36
C GLY F 1018 -1.97 -0.47 8.28
N LYS F 1019 -3.29 -0.56 8.31
CA LYS F 1019 -4.00 -1.64 8.98
C LYS F 1019 -3.66 -2.99 8.39
N LEU F 1020 -3.29 -3.03 7.11
CA LEU F 1020 -2.84 -4.26 6.48
C LEU F 1020 -1.52 -4.72 7.07
N LYS F 1021 -0.70 -3.80 7.55
CA LYS F 1021 0.54 -4.16 8.22
C LYS F 1021 0.31 -4.49 9.68
N VAL F 1022 -0.68 -3.85 10.31
CA VAL F 1022 -1.01 -4.17 11.70
C VAL F 1022 -1.53 -5.59 11.82
N LEU F 1023 -2.35 -6.02 10.84
CA LEU F 1023 -2.80 -7.41 10.77
C LEU F 1023 -1.65 -8.38 10.70
N GLU F 1024 -0.61 -8.06 9.91
CA GLU F 1024 0.52 -8.96 9.78
C GLU F 1024 1.31 -9.02 11.07
N GLN F 1025 1.46 -7.89 11.76
CA GLN F 1025 2.17 -7.88 13.04
C GLN F 1025 1.46 -8.74 14.08
N LYS F 1026 0.13 -8.64 14.13
CA LYS F 1026 -0.65 -9.47 15.04
C LYS F 1026 -0.54 -10.94 14.71
N SER F 1027 -0.63 -11.30 13.42
CA SER F 1027 -0.58 -12.71 13.04
C SER F 1027 0.80 -13.29 13.31
N GLU F 1028 1.85 -12.52 13.08
CA GLU F 1028 3.19 -13.02 13.34
C GLU F 1028 3.44 -13.21 14.82
N GLN F 1029 2.95 -12.29 15.67
CA GLN F 1029 3.18 -12.50 17.09
C GLN F 1029 2.34 -13.65 17.61
N GLU F 1030 1.21 -13.94 16.97
CA GLU F 1030 0.41 -15.08 17.40
C GLU F 1030 1.00 -16.41 16.97
N ILE F 1031 1.62 -16.47 15.79
CA ILE F 1031 2.35 -17.67 15.39
C ILE F 1031 3.52 -17.91 16.33
N ARG F 1032 4.25 -16.85 16.68
CA ARG F 1032 5.40 -17.01 17.58
C ARG F 1032 4.96 -17.43 18.97
N PHE F 1033 3.84 -16.88 19.46
CA PHE F 1033 3.27 -17.30 20.73
C PHE F 1033 2.86 -18.75 20.71
N LEU F 1034 2.23 -19.19 19.62
CA LEU F 1034 1.75 -20.56 19.53
C LEU F 1034 2.91 -21.55 19.50
N VAL F 1035 3.97 -21.22 18.76
CA VAL F 1035 5.15 -22.08 18.68
C VAL F 1035 5.84 -22.18 20.04
N GLU F 1036 6.11 -21.02 20.67
CA GLU F 1036 6.82 -21.04 21.94
C GLU F 1036 6.00 -21.68 23.05
N THR F 1037 4.68 -21.51 23.02
CA THR F 1037 3.85 -22.06 24.07
C THR F 1037 3.70 -23.56 23.93
N THR F 1038 3.56 -24.06 22.70
CA THR F 1038 3.47 -25.51 22.53
C THR F 1038 4.82 -26.18 22.76
N ARG F 1039 5.92 -25.46 22.53
CA ARG F 1039 7.21 -26.07 22.85
C ARG F 1039 7.49 -26.01 24.35
N GLN F 1040 6.94 -25.03 25.05
CA GLN F 1040 7.18 -24.93 26.49
C GLN F 1040 6.33 -25.92 27.26
N LYS F 1041 5.02 -25.94 26.99
CA LYS F 1041 4.12 -26.78 27.77
C LYS F 1041 4.33 -28.26 27.49
N ASN F 1042 4.60 -28.61 26.24
CA ASN F 1042 4.83 -30.00 25.89
C ASN F 1042 6.31 -30.33 25.83
N ARG F 1043 7.11 -29.71 26.68
CA ARG F 1043 8.56 -29.92 26.65
C ARG F 1043 8.93 -31.28 27.22
N GLU F 1044 8.47 -31.57 28.43
CA GLU F 1044 8.90 -32.78 29.13
C GLU F 1044 8.31 -34.03 28.50
N ILE F 1045 7.09 -33.94 27.97
CA ILE F 1045 6.47 -35.07 27.30
C ILE F 1045 7.23 -35.42 26.02
N ASP F 1046 7.52 -34.41 25.21
CA ASP F 1046 8.27 -34.63 23.98
C ASP F 1046 9.74 -34.97 24.23
N GLU F 1047 10.27 -34.68 25.42
CA GLU F 1047 11.57 -35.21 25.78
C GLU F 1047 11.46 -36.67 26.19
N ALA F 1048 10.36 -37.04 26.85
CA ALA F 1048 10.17 -38.42 27.27
C ALA F 1048 9.73 -39.33 26.13
N ILE F 1049 9.38 -38.77 24.96
CA ILE F 1049 9.07 -39.57 23.78
C ILE F 1049 10.27 -40.40 23.36
N GLU F 1050 11.44 -39.78 23.29
CA GLU F 1050 12.64 -40.51 22.91
C GLU F 1050 13.58 -40.63 24.09
N LEU F 1061 5.72 -49.94 20.43
CA LEU F 1061 5.45 -48.51 20.32
C LEU F 1061 4.10 -48.15 20.94
N GLY F 1062 3.46 -49.12 21.58
CA GLY F 1062 2.11 -48.91 22.10
C GLY F 1062 2.03 -47.99 23.30
N LYS F 1063 3.16 -47.60 23.87
CA LYS F 1063 3.25 -46.80 25.08
C LYS F 1063 3.32 -45.30 24.83
N ILE F 1064 3.65 -44.87 23.61
CA ILE F 1064 3.92 -43.45 23.40
C ILE F 1064 2.69 -42.71 22.88
N GLU F 1065 1.73 -43.43 22.28
CA GLU F 1065 0.57 -42.76 21.70
C GLU F 1065 -0.32 -42.18 22.79
N LYS F 1066 -0.65 -42.98 23.79
CA LYS F 1066 -1.48 -42.50 24.89
C LYS F 1066 -0.75 -41.47 25.74
N LEU F 1067 0.58 -41.49 25.72
CA LEU F 1067 1.37 -40.39 26.26
C LEU F 1067 1.16 -39.12 25.46
N SER F 1068 1.06 -39.26 24.14
CA SER F 1068 0.86 -38.10 23.28
C SER F 1068 -0.59 -37.62 23.27
N LEU F 1069 -1.51 -38.43 23.78
CA LEU F 1069 -2.90 -37.98 23.87
C LEU F 1069 -3.15 -37.06 25.06
N GLY F 1070 -2.26 -37.04 26.04
CA GLY F 1070 -2.45 -36.21 27.21
C GLY F 1070 -1.72 -34.89 27.20
N LYS F 1071 -1.10 -34.52 26.09
CA LYS F 1071 -0.28 -33.32 26.02
C LYS F 1071 -1.12 -32.11 25.65
N ALA F 1072 -0.53 -30.93 25.79
CA ALA F 1072 -1.24 -29.68 25.60
C ALA F 1072 -1.39 -29.38 24.12
N LYS F 1073 -2.62 -29.23 23.67
CA LYS F 1073 -2.94 -28.97 22.27
C LYS F 1073 -3.31 -27.52 22.08
N GLY F 1074 -3.02 -27.01 20.90
CA GLY F 1074 -3.26 -25.61 20.61
C GLY F 1074 -4.60 -25.37 19.96
N LEU F 1075 -4.96 -24.09 19.89
CA LEU F 1075 -6.20 -23.67 19.26
C LEU F 1075 -6.02 -22.25 18.79
N LYS F 1076 -6.24 -22.01 17.51
CA LYS F 1076 -6.22 -20.66 16.98
C LYS F 1076 -7.59 -20.35 16.40
N MET F 1077 -8.14 -19.21 16.80
CA MET F 1077 -9.52 -18.86 16.51
C MET F 1077 -9.52 -17.42 16.07
N GLU F 1078 -10.23 -17.12 15.00
CA GLU F 1078 -10.27 -15.76 14.47
C GLU F 1078 -11.71 -15.37 14.20
N ILE F 1079 -12.18 -14.35 14.88
CA ILE F 1079 -13.55 -13.90 14.77
C ILE F 1079 -13.58 -12.70 13.84
N ASN F 1080 -14.19 -12.85 12.67
CA ASN F 1080 -14.32 -11.76 11.72
C ASN F 1080 -15.73 -11.22 11.86
N ALA F 1081 -15.89 -10.23 12.74
CA ALA F 1081 -17.20 -9.79 13.17
C ALA F 1081 -17.59 -8.48 12.52
N ASP F 1082 -18.88 -8.34 12.27
CA ASP F 1082 -19.50 -7.07 11.97
C ASP F 1082 -20.60 -6.84 12.99
N MET F 1083 -21.08 -5.61 13.07
CA MET F 1083 -22.06 -5.26 14.09
C MET F 1083 -23.35 -4.81 13.44
N SER F 1084 -24.47 -5.22 14.03
CA SER F 1084 -25.78 -4.93 13.48
C SER F 1084 -26.22 -3.53 13.86
N LYS F 1085 -26.39 -2.68 12.84
CA LYS F 1085 -26.94 -1.34 12.95
C LYS F 1085 -26.15 -0.52 13.96
N TRP F 1086 -24.90 -0.23 13.62
CA TRP F 1086 -23.94 0.28 14.60
C TRP F 1086 -24.35 1.64 15.14
N SER F 1087 -24.94 2.47 14.30
CA SER F 1087 -25.31 3.81 14.71
C SER F 1087 -26.78 3.96 15.05
N ALA F 1088 -27.64 3.11 14.50
CA ALA F 1088 -29.07 3.23 14.75
C ALA F 1088 -29.46 2.63 16.09
N GLN F 1089 -29.12 1.37 16.32
CA GLN F 1089 -29.52 0.66 17.53
C GLN F 1089 -28.45 0.74 18.61
N ASP F 1090 -27.99 1.94 18.93
CA ASP F 1090 -26.90 2.12 19.85
C ASP F 1090 -27.38 3.01 21.00
N VAL F 1091 -27.06 2.60 22.23
CA VAL F 1091 -27.45 3.35 23.42
C VAL F 1091 -26.56 4.59 23.47
N PHE F 1092 -27.15 5.75 23.28
CA PHE F 1092 -26.35 6.95 23.27
C PHE F 1092 -26.00 7.44 24.66
N TYR F 1093 -26.56 6.85 25.70
CA TYR F 1093 -26.36 7.32 27.06
C TYR F 1093 -25.05 6.85 27.67
N LYS F 1094 -24.36 5.91 27.05
CA LYS F 1094 -23.06 5.51 27.57
C LYS F 1094 -21.99 6.55 27.29
N TYR F 1095 -22.23 7.41 26.29
CA TYR F 1095 -21.25 8.42 25.95
C TYR F 1095 -21.26 9.55 26.96
N PHE F 1096 -22.34 9.68 27.73
CA PHE F 1096 -22.36 10.60 28.86
C PHE F 1096 -21.35 10.16 29.90
N TRP F 1097 -21.26 8.86 30.13
CA TRP F 1097 -20.25 8.35 31.05
C TRP F 1097 -18.87 8.39 30.44
N LEU F 1098 -18.76 8.40 29.11
CA LEU F 1098 -17.44 8.58 28.54
C LEU F 1098 -16.95 10.01 28.74
N ILE F 1099 -17.84 10.99 28.60
CA ILE F 1099 -17.45 12.38 28.77
C ILE F 1099 -17.23 12.73 30.23
N ALA F 1100 -18.10 12.27 31.12
CA ALA F 1100 -18.05 12.73 32.51
C ALA F 1100 -16.87 12.16 33.27
N LEU F 1101 -16.36 11.02 32.85
CA LEU F 1101 -15.23 10.42 33.51
C LEU F 1101 -13.90 10.94 33.00
N ASP F 1102 -13.90 11.83 32.03
CA ASP F 1102 -12.69 12.17 31.30
C ASP F 1102 -11.86 13.15 32.12
N PRO F 1103 -10.65 12.80 32.54
CA PRO F 1103 -9.95 13.65 33.50
C PRO F 1103 -9.24 14.84 32.88
N ILE F 1104 -9.20 14.96 31.56
CA ILE F 1104 -8.47 16.05 30.94
C ILE F 1104 -9.42 17.19 30.60
N LEU F 1105 -10.64 17.12 31.09
CA LEU F 1105 -11.60 18.18 30.85
C LEU F 1105 -11.86 18.92 32.15
N TYR F 1106 -12.29 20.15 32.01
CA TYR F 1106 -12.74 20.96 33.13
C TYR F 1106 -14.21 20.70 33.36
N PRO F 1107 -14.72 21.00 34.56
CA PRO F 1107 -16.16 20.76 34.81
C PRO F 1107 -17.09 21.59 33.95
N GLN F 1108 -16.71 22.84 33.65
CA GLN F 1108 -17.55 23.66 32.79
C GLN F 1108 -17.53 23.15 31.35
N GLU F 1109 -16.41 22.58 30.93
CA GLU F 1109 -16.33 22.02 29.58
C GLU F 1109 -17.15 20.75 29.47
N LYS F 1110 -17.07 19.87 30.48
CA LYS F 1110 -17.90 18.67 30.54
C LYS F 1110 -19.36 19.05 30.54
N GLU F 1111 -19.71 20.09 31.27
CA GLU F 1111 -21.09 20.53 31.40
C GLU F 1111 -21.63 21.02 30.07
N ARG F 1112 -20.82 21.76 29.32
CA ARG F 1112 -21.24 22.22 27.99
C ARG F 1112 -21.30 21.07 26.98
N ILE F 1113 -20.34 20.14 27.01
CA ILE F 1113 -20.36 19.03 26.04
C ILE F 1113 -21.55 18.12 26.28
N LEU F 1114 -21.86 17.85 27.56
CA LEU F 1114 -23.03 17.05 27.88
C LEU F 1114 -24.32 17.79 27.56
N TYR F 1115 -24.32 19.12 27.68
CA TYR F 1115 -25.51 19.88 27.28
C TYR F 1115 -25.72 19.83 25.78
N PHE F 1116 -24.63 19.84 25.02
CA PHE F 1116 -24.72 19.59 23.58
C PHE F 1116 -25.31 18.23 23.29
N MET F 1117 -24.89 17.19 24.01
CA MET F 1117 -25.39 15.87 23.63
C MET F 1117 -26.83 15.66 24.08
N CYS F 1118 -27.23 16.32 25.17
CA CYS F 1118 -28.63 16.36 25.55
C CYS F 1118 -29.47 17.04 24.47
N ASN F 1119 -28.99 18.15 23.92
CA ASN F 1119 -29.70 18.78 22.81
C ASN F 1119 -29.63 17.95 21.55
N TYR F 1120 -28.56 17.19 21.38
CA TYR F 1120 -28.39 16.39 20.18
C TYR F 1120 -29.34 15.21 20.16
N MET F 1121 -29.73 14.72 21.33
CA MET F 1121 -30.73 13.66 21.32
C MET F 1121 -32.14 14.15 21.00
N ASP F 1122 -32.35 15.47 20.99
CA ASP F 1122 -33.62 16.06 20.58
C ASP F 1122 -33.55 16.61 19.15
N LYS F 1123 -32.84 15.93 18.28
CA LYS F 1123 -32.63 16.43 16.92
C LYS F 1123 -33.77 16.03 16.01
N GLU F 1124 -34.01 16.84 14.99
CA GLU F 1124 -35.06 16.57 14.04
C GLU F 1124 -34.45 16.14 12.71
N LEU F 1125 -35.16 15.31 11.98
CA LEU F 1125 -34.74 14.82 10.68
C LEU F 1125 -35.67 15.39 9.63
N ILE F 1126 -35.19 16.37 8.88
CA ILE F 1126 -35.97 16.97 7.81
C ILE F 1126 -36.07 16.00 6.65
N LEU F 1127 -37.28 15.71 6.21
CA LEU F 1127 -37.40 14.95 4.99
C LEU F 1127 -37.12 15.87 3.80
N PRO F 1128 -36.48 15.36 2.74
CA PRO F 1128 -36.14 16.22 1.61
C PRO F 1128 -37.38 16.65 0.83
N ASP F 1129 -37.26 17.79 0.14
CA ASP F 1129 -38.40 18.34 -0.56
C ASP F 1129 -38.80 17.50 -1.77
N GLU F 1130 -37.84 16.83 -2.42
CA GLU F 1130 -38.19 16.00 -3.57
C GLU F 1130 -38.93 14.74 -3.13
N LEU F 1131 -38.55 14.19 -1.97
CA LEU F 1131 -39.26 13.09 -1.37
C LEU F 1131 -40.72 13.42 -1.13
N LEU F 1132 -40.98 14.59 -0.55
CA LEU F 1132 -42.35 14.94 -0.23
C LEU F 1132 -43.09 15.52 -1.45
N PHE F 1133 -42.37 15.93 -2.49
CA PHE F 1133 -43.01 16.14 -3.78
C PHE F 1133 -43.57 14.82 -4.28
N ASN F 1134 -42.75 13.77 -4.22
CA ASN F 1134 -43.16 12.49 -4.77
C ASN F 1134 -44.07 11.72 -3.83
N LEU F 1135 -44.30 12.22 -2.62
CA LEU F 1135 -45.32 11.62 -1.76
C LEU F 1135 -46.65 12.36 -1.78
N LEU F 1136 -46.68 13.63 -2.16
CA LEU F 1136 -47.97 14.28 -2.29
C LEU F 1136 -48.56 14.12 -3.68
N ASP F 1137 -47.75 13.76 -4.67
CA ASP F 1137 -48.23 13.40 -5.99
C ASP F 1137 -48.54 11.92 -6.09
N GLN F 1138 -48.80 11.27 -4.97
CA GLN F 1138 -48.86 9.81 -4.91
C GLN F 1138 -50.25 9.27 -5.19
N LYS F 1139 -51.30 10.05 -4.94
CA LYS F 1139 -52.67 9.86 -5.45
C LYS F 1139 -53.40 8.64 -4.89
N VAL F 1140 -52.73 7.80 -4.12
CA VAL F 1140 -53.33 6.64 -3.46
C VAL F 1140 -52.77 6.59 -2.05
N ALA F 1141 -53.65 6.42 -1.07
CA ALA F 1141 -53.22 6.23 0.30
C ALA F 1141 -52.49 4.90 0.42
N TYR F 1142 -51.22 4.96 0.82
CA TYR F 1142 -50.43 3.76 1.00
C TYR F 1142 -50.95 2.97 2.20
N GLN F 1143 -50.73 1.66 2.19
CA GLN F 1143 -51.38 0.73 3.10
C GLN F 1143 -51.03 0.97 4.57
N ASN F 1144 -49.77 0.75 4.93
CA ASN F 1144 -49.29 1.11 6.27
C ASN F 1144 -48.14 2.09 6.04
N ASP F 1145 -48.47 3.35 5.87
CA ASP F 1145 -47.49 4.37 5.54
C ASP F 1145 -46.80 4.75 6.85
N ILE F 1146 -45.57 4.26 7.03
CA ILE F 1146 -44.80 4.63 8.21
C ILE F 1146 -44.37 6.09 8.11
N ILE F 1147 -44.27 6.63 6.89
CA ILE F 1147 -43.87 8.02 6.72
C ILE F 1147 -44.98 8.95 7.15
N ALA F 1148 -46.23 8.64 6.78
CA ALA F 1148 -47.33 9.46 7.24
C ALA F 1148 -47.63 9.22 8.72
N THR F 1149 -47.27 8.04 9.24
CA THR F 1149 -47.45 7.77 10.67
C THR F 1149 -46.48 8.63 11.50
N MET F 1150 -45.20 8.61 11.14
CA MET F 1150 -44.20 9.34 11.91
C MET F 1150 -44.30 10.84 11.69
N THR F 1151 -44.84 11.28 10.56
CA THR F 1151 -44.96 12.71 10.28
C THR F 1151 -46.35 13.24 10.51
N ASN F 1152 -47.24 12.45 11.14
CA ASN F 1152 -48.63 12.79 11.43
C ASN F 1152 -49.38 13.20 10.16
N GLN F 1153 -49.48 12.24 9.25
CA GLN F 1153 -50.20 12.37 7.97
C GLN F 1153 -49.68 13.52 7.13
N LEU F 1154 -48.35 13.70 7.16
CA LEU F 1154 -47.60 14.65 6.33
C LEU F 1154 -48.00 16.10 6.61
N ASN F 1155 -48.13 16.46 7.88
CA ASN F 1155 -48.28 17.87 8.22
C ASN F 1155 -46.97 18.49 8.69
N SER F 1156 -45.90 17.73 8.75
CA SER F 1156 -44.58 18.24 9.10
C SER F 1156 -43.54 17.38 8.39
N ASN F 1157 -42.45 18.01 7.98
CA ASN F 1157 -41.36 17.29 7.35
C ASN F 1157 -40.30 16.81 8.33
N THR F 1158 -40.42 17.12 9.62
CA THR F 1158 -39.40 16.79 10.60
C THR F 1158 -39.86 15.64 11.48
N VAL F 1159 -38.94 14.73 11.79
CA VAL F 1159 -39.18 13.66 12.74
C VAL F 1159 -38.09 13.72 13.80
N LEU F 1160 -38.51 13.68 15.06
CA LEU F 1160 -37.57 13.65 16.19
C LEU F 1160 -36.92 12.28 16.22
N ILE F 1161 -35.63 12.23 15.96
CA ILE F 1161 -34.83 11.02 16.06
C ILE F 1161 -34.01 11.11 17.34
N LYS F 1162 -34.05 10.07 18.16
CA LYS F 1162 -33.46 10.17 19.49
C LYS F 1162 -32.24 9.26 19.70
N ARG F 1163 -32.44 7.96 19.59
CA ARG F 1163 -31.36 7.00 19.77
C ARG F 1163 -30.37 7.04 18.60
N ASN F 1164 -30.88 6.77 17.40
CA ASN F 1164 -30.04 6.78 16.20
C ASN F 1164 -29.27 8.07 16.03
N TRP F 1165 -27.95 7.99 16.10
CA TRP F 1165 -27.08 9.15 15.94
C TRP F 1165 -26.56 9.25 14.51
N LEU F 1166 -27.49 9.35 13.56
CA LEU F 1166 -27.16 9.44 12.14
C LEU F 1166 -26.18 8.36 11.70
N GLN F 1167 -25.08 8.77 11.09
CA GLN F 1167 -24.06 7.82 10.63
C GLN F 1167 -22.71 8.50 10.49
N GLY F 1168 -21.68 7.84 11.02
CA GLY F 1168 -20.33 8.38 10.96
C GLY F 1168 -20.12 9.70 11.67
N ASN F 1169 -21.08 10.16 12.48
CA ASN F 1169 -20.84 11.37 13.24
C ASN F 1169 -20.02 11.10 14.49
N PHE F 1170 -19.98 9.86 14.94
CA PHE F 1170 -19.31 9.50 16.19
C PHE F 1170 -18.47 8.27 16.01
N ASN F 1171 -17.59 8.28 15.01
CA ASN F 1171 -16.75 7.12 14.73
C ASN F 1171 -15.77 6.82 15.86
N TYR F 1172 -15.09 7.85 16.36
CA TYR F 1172 -14.06 7.60 17.35
C TYR F 1172 -14.61 7.27 18.72
N THR F 1173 -15.70 7.93 19.10
CA THR F 1173 -16.33 7.68 20.39
C THR F 1173 -16.86 6.25 20.48
N SER F 1174 -17.54 5.83 19.42
CA SER F 1174 -18.05 4.47 19.35
C SER F 1174 -16.93 3.46 19.26
N SER F 1175 -15.85 3.83 18.57
CA SER F 1175 -14.71 2.93 18.48
C SER F 1175 -14.02 2.77 19.83
N TYR F 1176 -13.99 3.82 20.63
CA TYR F 1176 -13.36 3.74 21.94
C TYR F 1176 -14.19 2.88 22.88
N VAL F 1177 -15.50 3.03 22.85
CA VAL F 1177 -16.35 2.20 23.70
C VAL F 1177 -16.35 0.75 23.22
N HIS F 1178 -16.22 0.52 21.91
CA HIS F 1178 -16.10 -0.83 21.39
C HIS F 1178 -14.77 -1.46 21.81
N SER F 1179 -13.72 -0.65 21.88
CA SER F 1179 -12.44 -1.16 22.36
C SER F 1179 -12.50 -1.49 23.85
N CYS F 1180 -13.29 -0.73 24.61
CA CYS F 1180 -13.53 -1.08 26.01
C CYS F 1180 -14.27 -2.41 26.15
N ALA F 1181 -15.27 -2.63 25.28
CA ALA F 1181 -15.99 -3.90 25.27
C ALA F 1181 -15.07 -5.06 24.97
N MET F 1182 -14.16 -4.89 24.02
CA MET F 1182 -13.24 -5.96 23.71
C MET F 1182 -12.19 -6.14 24.79
N SER F 1183 -11.91 -5.11 25.58
CA SER F 1183 -11.03 -5.28 26.73
C SER F 1183 -11.70 -6.13 27.81
N VAL F 1184 -13.00 -5.91 28.04
CA VAL F 1184 -13.75 -6.73 28.98
C VAL F 1184 -13.79 -8.18 28.51
N TYR F 1185 -14.01 -8.37 27.20
CA TYR F 1185 -14.02 -9.72 26.63
C TYR F 1185 -12.67 -10.40 26.76
N LYS F 1186 -11.59 -9.64 26.55
CA LYS F 1186 -10.24 -10.14 26.73
C LYS F 1186 -10.00 -10.61 28.15
N GLU F 1187 -10.48 -9.84 29.12
CA GLU F 1187 -10.24 -10.18 30.52
C GLU F 1187 -11.05 -11.40 30.95
N ILE F 1188 -12.28 -11.53 30.42
CA ILE F 1188 -13.09 -12.73 30.64
C ILE F 1188 -12.37 -13.96 30.13
N LEU F 1189 -11.84 -13.89 28.91
CA LEU F 1189 -11.17 -15.07 28.35
C LEU F 1189 -9.88 -15.39 29.08
N LYS F 1190 -9.17 -14.38 29.57
CA LYS F 1190 -7.96 -14.63 30.36
C LYS F 1190 -8.28 -15.37 31.64
N GLU F 1191 -9.33 -14.95 32.36
CA GLU F 1191 -9.68 -15.65 33.59
C GLU F 1191 -10.25 -17.04 33.29
N ALA F 1192 -10.95 -17.20 32.17
CA ALA F 1192 -11.52 -18.49 31.84
C ALA F 1192 -10.45 -19.49 31.48
N ILE F 1193 -9.40 -19.06 30.81
CA ILE F 1193 -8.33 -19.99 30.46
C ILE F 1193 -7.41 -20.23 31.65
N THR F 1194 -7.24 -19.25 32.53
CA THR F 1194 -6.43 -19.51 33.72
C THR F 1194 -7.20 -20.36 34.74
N LEU F 1195 -8.52 -20.52 34.56
CA LEU F 1195 -9.20 -21.63 35.23
C LEU F 1195 -8.73 -22.99 34.75
N LEU F 1196 -8.24 -23.10 33.52
CA LEU F 1196 -7.87 -24.37 32.94
C LEU F 1196 -6.37 -24.65 33.01
N ASP F 1197 -5.59 -23.75 33.62
CA ASP F 1197 -4.12 -23.81 33.66
C ASP F 1197 -3.55 -23.93 32.24
N GLY F 1198 -3.78 -22.87 31.48
CA GLY F 1198 -3.31 -22.80 30.11
C GLY F 1198 -3.03 -21.35 29.74
N SER F 1199 -2.43 -21.17 28.58
CA SER F 1199 -2.01 -19.86 28.12
C SER F 1199 -2.96 -19.32 27.07
N ILE F 1200 -2.98 -18.00 26.94
CA ILE F 1200 -3.87 -17.33 25.99
C ILE F 1200 -3.22 -16.05 25.51
N LEU F 1201 -3.49 -15.69 24.25
CA LEU F 1201 -3.14 -14.39 23.70
C LEU F 1201 -4.35 -13.92 22.89
N VAL F 1202 -4.96 -12.82 23.32
CA VAL F 1202 -6.12 -12.26 22.63
C VAL F 1202 -5.75 -10.92 22.03
N ASN F 1203 -5.90 -10.80 20.72
CA ASN F 1203 -5.76 -9.55 20.02
C ASN F 1203 -7.13 -9.16 19.49
N SER F 1204 -7.39 -7.86 19.42
CA SER F 1204 -8.69 -7.42 18.97
C SER F 1204 -8.52 -6.07 18.28
N LEU F 1205 -8.61 -6.07 16.96
CA LEU F 1205 -8.54 -4.85 16.18
C LEU F 1205 -9.95 -4.31 16.01
N VAL F 1206 -10.14 -3.05 16.35
CA VAL F 1206 -11.45 -2.44 16.44
C VAL F 1206 -11.48 -1.22 15.54
N HIS F 1207 -12.25 -1.29 14.47
CA HIS F 1207 -12.56 -0.14 13.64
C HIS F 1207 -13.86 0.46 14.18
N SER F 1208 -14.60 1.23 13.37
CA SER F 1208 -15.88 1.77 13.82
C SER F 1208 -16.83 0.67 14.25
N ASP F 1209 -17.14 -0.27 13.35
CA ASP F 1209 -17.87 -1.45 13.75
C ASP F 1209 -17.30 -2.75 13.24
N ASP F 1210 -16.36 -2.72 12.30
CA ASP F 1210 -15.73 -3.95 11.88
C ASP F 1210 -14.75 -4.39 12.96
N ASN F 1211 -14.83 -5.65 13.32
CA ASN F 1211 -14.06 -6.19 14.42
C ASN F 1211 -13.28 -7.40 13.90
N GLN F 1212 -12.09 -7.61 14.44
CA GLN F 1212 -11.31 -8.77 14.07
C GLN F 1212 -10.62 -9.24 15.34
N THR F 1213 -11.27 -10.14 16.06
CA THR F 1213 -10.72 -10.70 17.28
C THR F 1213 -10.05 -12.03 16.97
N SER F 1214 -8.80 -12.16 17.39
CA SER F 1214 -8.03 -13.37 17.14
C SER F 1214 -7.60 -13.95 18.47
N ILE F 1215 -7.97 -15.19 18.72
CA ILE F 1215 -7.83 -15.83 20.02
C ILE F 1215 -6.91 -17.02 19.84
N THR F 1216 -5.84 -17.08 20.60
CA THR F 1216 -4.88 -18.18 20.53
C THR F 1216 -4.73 -18.81 21.90
N ILE F 1217 -5.05 -20.10 22.00
CA ILE F 1217 -5.14 -20.79 23.28
C ILE F 1217 -4.35 -22.08 23.21
N VAL F 1218 -3.50 -22.31 24.22
CA VAL F 1218 -2.82 -23.58 24.39
C VAL F 1218 -3.21 -24.09 25.77
N GLN F 1219 -4.10 -25.07 25.81
CA GLN F 1219 -4.56 -25.63 27.07
C GLN F 1219 -4.47 -27.15 27.02
N ASP F 1220 -4.95 -27.79 28.07
CA ASP F 1220 -4.78 -29.23 28.24
C ASP F 1220 -6.06 -29.95 28.67
N LYS F 1221 -7.01 -29.26 29.27
CA LYS F 1221 -8.08 -29.91 30.02
C LYS F 1221 -9.23 -30.37 29.14
N MET F 1222 -9.87 -29.46 28.44
CA MET F 1222 -11.05 -29.81 27.66
C MET F 1222 -10.77 -29.76 26.16
N GLU F 1223 -11.74 -30.24 25.39
CA GLU F 1223 -11.64 -30.30 23.95
C GLU F 1223 -11.76 -28.90 23.36
N ASN F 1224 -11.42 -28.77 22.07
CA ASN F 1224 -11.44 -27.46 21.45
C ASN F 1224 -12.84 -27.00 21.09
N ASP F 1225 -13.78 -27.93 20.91
CA ASP F 1225 -15.13 -27.53 20.53
C ASP F 1225 -15.84 -26.80 21.65
N LYS F 1226 -15.60 -27.24 22.89
CA LYS F 1226 -16.18 -26.56 24.05
C LYS F 1226 -15.62 -25.15 24.18
N ILE F 1227 -14.35 -24.96 23.82
CA ILE F 1227 -13.75 -23.64 23.92
C ILE F 1227 -14.25 -22.74 22.82
N ILE F 1228 -14.48 -23.29 21.62
CA ILE F 1228 -15.02 -22.49 20.53
C ILE F 1228 -16.44 -22.05 20.85
N ASP F 1229 -17.24 -22.95 21.43
CA ASP F 1229 -18.60 -22.62 21.81
C ASP F 1229 -18.63 -21.57 22.91
N PHE F 1230 -17.78 -21.74 23.93
CA PHE F 1230 -17.66 -20.75 24.99
C PHE F 1230 -17.24 -19.39 24.47
N ALA F 1231 -16.25 -19.37 23.59
CA ALA F 1231 -15.71 -18.11 23.10
C ALA F 1231 -16.74 -17.37 22.26
N MET F 1232 -17.56 -18.09 21.50
CA MET F 1232 -18.53 -17.38 20.68
C MET F 1232 -19.76 -16.93 21.49
N LYS F 1233 -20.20 -17.76 22.45
CA LYS F 1233 -21.24 -17.32 23.38
C LYS F 1233 -20.78 -16.08 24.14
N GLU F 1234 -19.53 -16.06 24.54
CA GLU F 1234 -19.06 -14.95 25.35
C GLU F 1234 -18.76 -13.73 24.51
N PHE F 1235 -18.46 -13.92 23.22
CA PHE F 1235 -18.33 -12.79 22.33
C PHE F 1235 -19.67 -12.10 22.13
N GLU F 1236 -20.74 -12.89 21.91
CA GLU F 1236 -22.08 -12.33 21.81
C GLU F 1236 -22.46 -11.58 23.09
N ARG F 1237 -22.16 -12.17 24.25
CA ARG F 1237 -22.55 -11.53 25.51
C ARG F 1237 -21.74 -10.27 25.77
N ALA F 1238 -20.44 -10.27 25.45
CA ALA F 1238 -19.63 -9.10 25.68
C ALA F 1238 -19.96 -7.98 24.74
N CYS F 1239 -20.43 -8.30 23.54
CA CYS F 1239 -20.95 -7.24 22.69
C CYS F 1239 -22.27 -6.71 23.22
N LEU F 1240 -23.12 -7.57 23.79
CA LEU F 1240 -24.41 -7.08 24.25
C LEU F 1240 -24.32 -6.29 25.55
N THR F 1241 -23.28 -6.50 26.36
CA THR F 1241 -23.17 -5.75 27.62
C THR F 1241 -22.83 -4.28 27.41
N PHE F 1242 -22.38 -3.88 26.24
CA PHE F 1242 -22.02 -2.50 25.97
C PHE F 1242 -22.92 -1.84 24.94
N GLY F 1243 -24.12 -2.38 24.71
CA GLY F 1243 -25.01 -1.78 23.76
C GLY F 1243 -24.72 -2.09 22.32
N CYS F 1244 -23.67 -2.86 22.04
CA CYS F 1244 -23.40 -3.37 20.72
C CYS F 1244 -24.19 -4.64 20.50
N GLN F 1245 -24.13 -5.16 19.29
CA GLN F 1245 -24.74 -6.45 18.98
C GLN F 1245 -23.98 -7.04 17.79
N ALA F 1246 -23.47 -8.25 17.96
CA ALA F 1246 -22.68 -8.84 16.92
C ALA F 1246 -23.58 -9.35 15.82
N ASN F 1247 -23.31 -8.94 14.59
CA ASN F 1247 -24.11 -9.39 13.46
C ASN F 1247 -23.77 -10.84 13.18
N MET F 1248 -24.45 -11.75 13.88
CA MET F 1248 -24.25 -13.18 13.75
C MET F 1248 -24.55 -13.72 12.36
N LYS F 1249 -25.34 -13.00 11.57
CA LYS F 1249 -25.54 -13.38 10.17
C LYS F 1249 -24.27 -13.16 9.36
N LYS F 1250 -23.49 -12.14 9.70
CA LYS F 1250 -22.28 -11.82 8.96
C LYS F 1250 -21.01 -12.06 9.74
N THR F 1251 -21.09 -12.54 10.98
CA THR F 1251 -19.91 -12.85 11.77
C THR F 1251 -19.55 -14.31 11.55
N TYR F 1252 -18.35 -14.57 11.06
CA TYR F 1252 -17.87 -15.93 10.88
C TYR F 1252 -16.55 -16.10 11.58
N VAL F 1253 -16.27 -17.35 11.93
CA VAL F 1253 -15.09 -17.74 12.68
C VAL F 1253 -14.27 -18.68 11.83
N THR F 1254 -12.97 -18.45 11.73
CA THR F 1254 -12.08 -19.32 10.98
C THR F 1254 -10.86 -19.67 11.80
N ASN F 1255 -10.04 -20.55 11.23
CA ASN F 1255 -8.70 -20.84 11.72
C ASN F 1255 -7.65 -19.94 11.11
N CYS F 1256 -7.62 -19.83 9.79
CA CYS F 1256 -6.54 -19.17 9.08
C CYS F 1256 -6.89 -17.75 8.69
N ILE F 1257 -8.04 -17.56 8.06
CA ILE F 1257 -8.33 -16.35 7.32
C ILE F 1257 -8.75 -15.24 8.25
N LYS F 1258 -7.93 -14.21 8.36
CA LYS F 1258 -8.36 -12.94 8.93
C LYS F 1258 -8.99 -12.09 7.85
N GLU F 1259 -9.93 -11.25 8.26
CA GLU F 1259 -10.57 -10.32 7.34
C GLU F 1259 -10.97 -9.10 8.16
N PHE F 1260 -10.11 -8.11 8.14
CA PHE F 1260 -10.41 -6.79 8.69
C PHE F 1260 -10.96 -5.97 7.51
N VAL F 1261 -10.86 -4.65 7.56
CA VAL F 1261 -11.63 -3.81 6.65
C VAL F 1261 -11.17 -3.96 5.22
N SER F 1262 -11.80 -4.91 4.53
CA SER F 1262 -11.47 -5.46 3.22
C SER F 1262 -10.00 -5.83 3.08
N LEU F 1263 -9.35 -6.27 4.14
CA LEU F 1263 -7.96 -6.64 4.11
C LEU F 1263 -7.82 -8.02 4.70
N PHE F 1264 -7.13 -8.89 4.00
CA PHE F 1264 -6.99 -10.27 4.44
C PHE F 1264 -5.62 -10.49 5.04
N ASN F 1265 -5.52 -11.58 5.78
CA ASN F 1265 -4.24 -12.04 6.28
C ASN F 1265 -4.36 -13.55 6.40
N LEU F 1266 -3.72 -14.26 5.49
CA LEU F 1266 -4.09 -15.65 5.29
C LEU F 1266 -3.49 -16.56 6.35
N TYR F 1267 -2.18 -16.56 6.52
CA TYR F 1267 -1.64 -17.11 7.77
C TYR F 1267 -0.41 -16.30 8.19
N GLY F 1268 -0.54 -14.99 8.17
CA GLY F 1268 0.59 -14.12 8.36
C GLY F 1268 1.07 -13.51 7.07
N GLU F 1269 0.75 -14.13 5.94
CA GLU F 1269 1.04 -13.59 4.63
C GLU F 1269 -0.10 -12.65 4.28
N PRO F 1270 0.17 -11.36 4.05
CA PRO F 1270 -0.93 -10.43 3.76
C PRO F 1270 -1.48 -10.67 2.37
N PHE F 1271 -2.76 -10.35 2.23
CA PHE F 1271 -3.49 -10.66 1.01
C PHE F 1271 -4.54 -9.60 0.79
N SER F 1272 -4.72 -9.20 -0.45
CA SER F 1272 -5.76 -8.25 -0.79
C SER F 1272 -6.25 -8.53 -2.19
N ILE F 1273 -7.52 -8.25 -2.42
CA ILE F 1273 -8.09 -8.37 -3.75
C ILE F 1273 -7.58 -7.18 -4.55
N TYR F 1274 -6.56 -7.40 -5.38
CA TYR F 1274 -6.08 -6.32 -6.23
C TYR F 1274 -6.95 -6.11 -7.45
N GLY F 1275 -7.96 -6.97 -7.63
CA GLY F 1275 -8.81 -6.88 -8.79
C GLY F 1275 -9.65 -5.64 -8.83
N ARG F 1276 -10.00 -5.05 -7.68
CA ARG F 1276 -10.79 -3.83 -7.75
C ARG F 1276 -9.96 -2.65 -8.23
N PHE F 1277 -8.67 -2.65 -7.91
CA PHE F 1277 -7.82 -1.59 -8.39
C PHE F 1277 -7.47 -1.81 -9.85
N LEU F 1278 -7.45 -3.06 -10.30
CA LEU F 1278 -7.34 -3.29 -11.74
C LEU F 1278 -8.60 -2.86 -12.47
N LEU F 1279 -9.76 -3.17 -11.91
CA LEU F 1279 -11.02 -2.89 -12.59
C LEU F 1279 -11.42 -1.43 -12.55
N THR F 1280 -10.76 -0.60 -11.75
CA THR F 1280 -10.97 0.85 -11.86
C THR F 1280 -10.00 1.52 -12.82
N SER F 1281 -9.45 0.79 -13.79
CA SER F 1281 -8.57 1.38 -14.79
C SER F 1281 -9.32 1.88 -16.01
N VAL F 1282 -10.63 1.72 -16.06
CA VAL F 1282 -11.47 2.39 -17.04
C VAL F 1282 -12.47 3.32 -16.36
N GLY F 1283 -12.17 3.74 -15.14
CA GLY F 1283 -13.08 4.55 -14.37
C GLY F 1283 -13.19 5.95 -14.90
N ASP F 1284 -14.00 6.75 -14.19
CA ASP F 1284 -14.19 8.12 -14.58
C ASP F 1284 -12.94 8.95 -14.27
N CYS F 1285 -12.93 10.15 -14.81
CA CYS F 1285 -11.82 11.06 -14.61
C CYS F 1285 -12.37 12.47 -14.78
N ALA F 1286 -11.48 13.45 -14.83
CA ALA F 1286 -11.95 14.81 -14.95
C ALA F 1286 -12.28 15.18 -16.38
N TYR F 1287 -11.78 14.40 -17.34
CA TYR F 1287 -11.93 14.62 -18.79
C TYR F 1287 -11.45 16.02 -19.18
N ILE F 1288 -10.18 16.27 -18.87
CA ILE F 1288 -9.55 17.55 -19.16
C ILE F 1288 -8.80 17.49 -20.48
N GLY F 1289 -7.87 16.56 -20.60
CA GLY F 1289 -7.11 16.40 -21.81
C GLY F 1289 -6.62 14.98 -21.91
N PRO F 1290 -5.83 14.67 -22.94
CA PRO F 1290 -5.39 13.30 -23.14
C PRO F 1290 -4.29 12.89 -22.20
N TYR F 1291 -3.69 13.83 -21.48
CA TYR F 1291 -2.64 13.49 -20.54
C TYR F 1291 -3.15 13.26 -19.14
N GLU F 1292 -4.05 14.13 -18.66
CA GLU F 1292 -4.49 14.06 -17.27
C GLU F 1292 -5.32 12.81 -17.04
N ASP F 1293 -6.11 12.42 -18.04
CA ASP F 1293 -6.88 11.19 -17.98
C ASP F 1293 -5.96 9.99 -17.87
N LEU F 1294 -4.91 9.97 -18.68
CA LEU F 1294 -3.94 8.88 -18.62
C LEU F 1294 -3.22 8.84 -17.28
N ALA F 1295 -2.95 10.00 -16.71
CA ALA F 1295 -2.31 10.09 -15.40
C ALA F 1295 -3.14 9.43 -14.31
N SER F 1296 -4.43 9.78 -14.25
CA SER F 1296 -5.30 9.20 -13.23
C SER F 1296 -5.52 7.70 -13.46
N ARG F 1297 -5.63 7.28 -14.71
CA ARG F 1297 -5.78 5.85 -14.97
C ARG F 1297 -4.53 5.05 -14.67
N ILE F 1298 -3.33 5.65 -14.74
CA ILE F 1298 -2.13 4.93 -14.32
C ILE F 1298 -2.06 4.84 -12.80
N SER F 1299 -2.61 5.86 -12.12
CA SER F 1299 -2.73 5.77 -10.66
C SER F 1299 -3.64 4.64 -10.24
N SER F 1300 -4.60 4.27 -11.09
CA SER F 1300 -5.36 3.06 -10.83
C SER F 1300 -4.53 1.79 -10.84
N ALA F 1301 -3.46 1.71 -11.60
CA ALA F 1301 -2.65 0.50 -11.68
C ALA F 1301 -1.54 0.45 -10.64
N GLN F 1302 -1.03 1.60 -10.23
CA GLN F 1302 -0.02 1.64 -9.18
C GLN F 1302 -0.52 1.11 -7.85
N THR F 1303 -1.77 1.43 -7.52
CA THR F 1303 -2.36 0.93 -6.27
C THR F 1303 -2.59 -0.57 -6.34
N ALA F 1304 -2.86 -1.09 -7.54
CA ALA F 1304 -2.96 -2.53 -7.71
C ALA F 1304 -1.60 -3.19 -7.49
N ILE F 1305 -0.53 -2.58 -8.00
CA ILE F 1305 0.82 -3.09 -7.77
C ILE F 1305 1.17 -3.09 -6.28
N LYS F 1306 0.67 -2.09 -5.56
CA LYS F 1306 0.87 -2.07 -4.11
C LYS F 1306 0.19 -3.24 -3.43
N HIS F 1307 -0.99 -3.64 -3.91
CA HIS F 1307 -1.71 -4.77 -3.33
C HIS F 1307 -1.39 -6.08 -4.01
N GLY F 1308 -0.12 -6.38 -4.23
CA GLY F 1308 0.31 -7.68 -4.71
C GLY F 1308 -0.15 -8.08 -6.10
N CYS F 1309 -0.27 -7.14 -7.01
CA CYS F 1309 -0.63 -7.56 -8.36
C CYS F 1309 0.59 -8.12 -9.07
N PRO F 1310 0.44 -9.17 -9.87
CA PRO F 1310 1.55 -9.62 -10.69
C PRO F 1310 1.88 -8.61 -11.76
N PRO F 1311 3.11 -8.60 -12.26
CA PRO F 1311 3.52 -7.59 -13.24
C PRO F 1311 2.78 -7.62 -14.56
N SER F 1312 2.44 -8.80 -15.07
CA SER F 1312 1.82 -8.87 -16.40
C SER F 1312 0.40 -8.32 -16.38
N LEU F 1313 -0.35 -8.58 -15.32
CA LEU F 1313 -1.67 -8.01 -15.19
C LEU F 1313 -1.60 -6.51 -14.93
N ALA F 1314 -0.51 -6.03 -14.33
CA ALA F 1314 -0.29 -4.60 -14.20
C ALA F 1314 -0.07 -3.96 -15.56
N TRP F 1315 0.66 -4.64 -16.44
CA TRP F 1315 0.84 -4.09 -17.78
C TRP F 1315 -0.44 -4.17 -18.60
N VAL F 1316 -1.26 -5.18 -18.36
CA VAL F 1316 -2.58 -5.24 -19.00
C VAL F 1316 -3.44 -4.05 -18.56
N SER F 1317 -3.37 -3.70 -17.28
CA SER F 1317 -4.11 -2.54 -16.79
C SER F 1317 -3.59 -1.23 -17.37
N ILE F 1318 -2.27 -1.11 -17.50
CA ILE F 1318 -1.68 0.09 -18.08
C ILE F 1318 -2.05 0.22 -19.56
N ALA F 1319 -2.08 -0.92 -20.25
CA ALA F 1319 -2.50 -0.95 -21.66
C ALA F 1319 -3.94 -0.54 -21.81
N ILE F 1320 -4.81 -1.02 -20.92
CA ILE F 1320 -6.22 -0.68 -20.99
C ILE F 1320 -6.43 0.79 -20.65
N SER F 1321 -5.59 1.34 -19.78
CA SER F 1321 -5.64 2.77 -19.48
C SER F 1321 -5.32 3.62 -20.70
N HIS F 1322 -4.24 3.27 -21.41
CA HIS F 1322 -3.89 3.98 -22.65
C HIS F 1322 -4.96 3.80 -23.70
N TRP F 1323 -5.57 2.61 -23.76
CA TRP F 1323 -6.63 2.35 -24.72
C TRP F 1323 -7.84 3.25 -24.49
N MET F 1324 -8.28 3.34 -23.23
CA MET F 1324 -9.45 4.15 -22.92
C MET F 1324 -9.17 5.62 -23.14
N THR F 1325 -7.95 6.05 -22.83
CA THR F 1325 -7.60 7.45 -23.01
C THR F 1325 -7.54 7.83 -24.48
N SER F 1326 -6.97 6.95 -25.31
CA SER F 1326 -6.94 7.23 -26.74
C SER F 1326 -8.31 7.06 -27.38
N LEU F 1327 -9.18 6.25 -26.78
CA LEU F 1327 -10.54 6.15 -27.26
C LEU F 1327 -11.31 7.44 -27.02
N THR F 1328 -10.99 8.14 -25.93
CA THR F 1328 -11.75 9.35 -25.62
C THR F 1328 -11.44 10.48 -26.60
N TYR F 1329 -10.24 10.48 -27.18
CA TYR F 1329 -9.81 11.61 -27.98
C TYR F 1329 -9.54 11.24 -29.43
N ASN F 1330 -10.02 10.06 -29.85
CA ASN F 1330 -9.87 9.54 -31.20
C ASN F 1330 -8.40 9.44 -31.61
N MET F 1331 -7.60 8.86 -30.72
CA MET F 1331 -6.17 8.73 -30.94
C MET F 1331 -5.73 7.28 -31.09
N LEU F 1332 -6.68 6.37 -31.27
CA LEU F 1332 -6.36 4.98 -31.53
C LEU F 1332 -5.69 4.87 -32.90
N PRO F 1333 -4.82 3.86 -33.10
CA PRO F 1333 -4.01 3.81 -34.33
C PRO F 1333 -4.81 3.68 -35.61
N GLY F 1334 -4.72 4.73 -36.42
CA GLY F 1334 -5.53 4.87 -37.60
C GLY F 1334 -6.51 6.02 -37.53
N GLN F 1335 -6.90 6.44 -36.33
CA GLN F 1335 -7.92 7.46 -36.19
C GLN F 1335 -7.32 8.84 -36.43
N SER F 1336 -8.18 9.85 -36.43
CA SER F 1336 -7.83 11.14 -37.01
C SER F 1336 -6.97 12.02 -36.11
N ASN F 1337 -6.79 11.67 -34.84
CA ASN F 1337 -5.86 12.39 -33.99
C ASN F 1337 -4.64 11.56 -33.64
N ASP F 1338 -4.28 10.60 -34.47
CA ASP F 1338 -3.14 9.74 -34.22
C ASP F 1338 -1.86 10.49 -34.54
N PRO F 1339 -0.93 10.63 -33.60
CA PRO F 1339 0.26 11.46 -33.84
C PRO F 1339 1.45 10.77 -34.49
N ILE F 1340 1.39 9.50 -34.86
CA ILE F 1340 2.58 8.83 -35.38
C ILE F 1340 2.97 9.26 -36.78
N ASP F 1341 2.05 9.82 -37.56
CA ASP F 1341 2.40 10.31 -38.87
C ASP F 1341 2.90 11.74 -38.85
N TYR F 1342 2.95 12.37 -37.68
CA TYR F 1342 3.31 13.76 -37.57
C TYR F 1342 4.65 13.98 -36.89
N PHE F 1343 5.21 12.96 -36.24
CA PHE F 1343 6.45 13.13 -35.52
C PHE F 1343 7.48 12.11 -35.97
N PRO F 1344 8.78 12.37 -35.79
CA PRO F 1344 9.79 11.35 -36.08
C PRO F 1344 9.79 10.24 -35.06
N ALA F 1345 8.89 9.28 -35.24
CA ALA F 1345 8.76 8.17 -34.32
C ALA F 1345 8.22 6.98 -35.08
N GLU F 1346 8.65 5.78 -34.70
CA GLU F 1346 8.16 4.61 -35.40
C GLU F 1346 7.01 3.94 -34.69
N ASN F 1347 6.80 4.26 -33.41
CA ASN F 1347 5.62 3.80 -32.68
C ASN F 1347 5.29 4.82 -31.61
N ARG F 1348 4.16 4.60 -30.92
CA ARG F 1348 3.75 5.53 -29.89
C ARG F 1348 4.59 5.41 -28.62
N LYS F 1349 5.41 4.36 -28.49
CA LYS F 1349 6.39 4.31 -27.43
C LYS F 1349 7.51 5.31 -27.63
N ASP F 1350 7.68 5.84 -28.83
CA ASP F 1350 8.70 6.82 -29.16
C ASP F 1350 8.16 8.23 -29.24
N ILE F 1351 6.97 8.46 -28.70
CA ILE F 1351 6.38 9.78 -28.60
C ILE F 1351 6.20 10.06 -27.12
N PRO F 1352 6.56 11.25 -26.62
CA PRO F 1352 6.40 11.54 -25.19
C PRO F 1352 4.95 11.58 -24.77
N ILE F 1353 4.73 11.45 -23.45
CA ILE F 1353 3.40 11.25 -22.89
C ILE F 1353 2.57 12.52 -23.06
N GLU F 1354 3.25 13.66 -23.01
CA GLU F 1354 2.60 14.95 -23.13
C GLU F 1354 2.06 15.16 -24.53
N LEU F 1355 2.66 14.50 -25.53
CA LEU F 1355 2.22 14.55 -26.92
C LEU F 1355 1.54 13.25 -27.32
N ASN F 1356 0.82 12.65 -26.37
CA ASN F 1356 -0.12 11.55 -26.59
C ASN F 1356 0.60 10.27 -27.04
N GLY F 1357 1.76 10.02 -26.47
CA GLY F 1357 2.44 8.75 -26.64
C GLY F 1357 2.12 7.82 -25.49
N VAL F 1358 2.60 6.60 -25.58
CA VAL F 1358 2.29 5.62 -24.56
C VAL F 1358 3.47 5.49 -23.61
N LEU F 1359 3.20 4.97 -22.42
CA LEU F 1359 4.19 5.00 -21.35
C LEU F 1359 5.15 3.84 -21.50
N ASP F 1360 6.42 4.16 -21.67
CA ASP F 1360 7.47 3.16 -21.76
C ASP F 1360 8.48 3.43 -20.66
N ALA F 1361 8.45 2.59 -19.64
CA ALA F 1361 9.34 2.65 -18.49
C ALA F 1361 9.31 1.28 -17.83
N PRO F 1362 10.28 0.92 -17.01
CA PRO F 1362 10.16 -0.32 -16.24
C PRO F 1362 9.06 -0.16 -15.21
N LEU F 1363 8.49 -1.29 -14.80
CA LEU F 1363 7.28 -1.24 -13.99
C LEU F 1363 7.61 -0.80 -12.57
N SER F 1364 8.80 -1.14 -12.08
CA SER F 1364 9.24 -0.66 -10.77
C SER F 1364 9.45 0.84 -10.78
N MET F 1365 9.90 1.37 -11.91
CA MET F 1365 10.08 2.81 -12.04
C MET F 1365 8.75 3.53 -12.08
N ILE F 1366 7.76 2.95 -12.77
CA ILE F 1366 6.43 3.54 -12.82
C ILE F 1366 5.78 3.54 -11.45
N SER F 1367 5.97 2.45 -10.71
CA SER F 1367 5.40 2.36 -9.37
C SER F 1367 6.07 3.33 -8.42
N THR F 1368 7.37 3.57 -8.59
CA THR F 1368 8.06 4.42 -7.63
C THR F 1368 7.85 5.90 -7.94
N VAL F 1369 8.33 6.38 -9.10
CA VAL F 1369 8.26 7.81 -9.33
C VAL F 1369 6.94 8.19 -10.00
N GLY F 1370 6.58 7.54 -11.10
CA GLY F 1370 5.24 7.68 -11.62
C GLY F 1370 5.13 8.86 -12.56
N LEU F 1371 4.95 8.57 -13.86
CA LEU F 1371 4.63 9.51 -14.94
C LEU F 1371 5.75 10.48 -15.29
N GLU F 1372 6.78 10.54 -14.46
CA GLU F 1372 8.05 11.12 -14.83
C GLU F 1372 8.98 10.03 -15.31
N SER F 1373 8.54 8.79 -15.17
CA SER F 1373 9.32 7.64 -15.59
C SER F 1373 9.49 7.55 -17.09
N GLY F 1374 8.65 8.22 -17.88
CA GLY F 1374 8.84 8.29 -19.31
C GLY F 1374 10.09 9.09 -19.67
N ASN F 1375 10.15 10.32 -19.18
CA ASN F 1375 11.32 11.17 -19.38
C ASN F 1375 12.55 10.55 -18.74
N LEU F 1376 12.39 9.99 -17.55
CA LEU F 1376 13.51 9.43 -16.82
C LEU F 1376 14.09 8.23 -17.54
N TYR F 1377 13.23 7.36 -18.04
CA TYR F 1377 13.73 6.18 -18.72
C TYR F 1377 14.29 6.52 -20.09
N PHE F 1378 13.79 7.57 -20.74
CA PHE F 1378 14.38 8.00 -21.99
C PHE F 1378 15.79 8.55 -21.77
N LEU F 1379 15.99 9.31 -20.71
CA LEU F 1379 17.32 9.84 -20.44
C LEU F 1379 18.29 8.74 -20.01
N ILE F 1380 17.80 7.74 -19.29
CA ILE F 1380 18.63 6.60 -18.93
C ILE F 1380 19.02 5.79 -20.17
N LYS F 1381 18.11 5.67 -21.14
CA LYS F 1381 18.46 4.99 -22.39
C LYS F 1381 19.51 5.77 -23.17
N LEU F 1382 19.43 7.10 -23.14
CA LEU F 1382 20.46 7.88 -23.82
C LEU F 1382 21.81 7.76 -23.14
N LEU F 1383 21.83 7.64 -21.81
CA LEU F 1383 23.08 7.41 -21.11
C LEU F 1383 23.65 6.04 -21.45
N SER F 1384 22.79 5.02 -21.48
CA SER F 1384 23.22 3.68 -21.86
C SER F 1384 23.64 3.56 -23.31
N LYS F 1385 23.24 4.49 -24.16
CA LYS F 1385 23.62 4.43 -25.56
C LYS F 1385 24.86 5.27 -25.88
N TYR F 1386 25.03 6.45 -25.29
CA TYR F 1386 26.05 7.37 -25.76
C TYR F 1386 27.16 7.68 -24.77
N THR F 1387 27.20 7.04 -23.62
CA THR F 1387 28.36 7.39 -22.82
C THR F 1387 29.59 6.60 -23.27
N PRO F 1388 30.80 7.13 -23.04
CA PRO F 1388 32.01 6.37 -23.36
C PRO F 1388 32.09 5.07 -22.58
N VAL F 1389 32.78 4.09 -23.15
CA VAL F 1389 32.71 2.71 -22.70
C VAL F 1389 33.32 2.54 -21.31
N MET F 1390 34.34 3.34 -20.99
CA MET F 1390 34.96 3.25 -19.68
C MET F 1390 34.05 3.80 -18.58
N GLN F 1391 33.20 4.76 -18.92
CA GLN F 1391 32.15 5.21 -18.00
C GLN F 1391 30.80 4.64 -18.43
N LYS F 1392 30.60 3.36 -18.17
CA LYS F 1392 29.27 2.81 -18.39
C LYS F 1392 28.74 2.05 -17.18
N ARG F 1393 29.60 1.34 -16.46
CA ARG F 1393 29.21 0.64 -15.25
C ARG F 1393 29.51 1.52 -14.04
N GLU F 1394 29.08 2.78 -14.12
CA GLU F 1394 29.27 3.74 -13.06
C GLU F 1394 27.96 4.43 -12.73
N SER F 1395 28.03 5.34 -11.75
CA SER F 1395 26.85 6.01 -11.25
C SER F 1395 26.31 6.98 -12.29
N VAL F 1396 25.10 7.50 -12.02
CA VAL F 1396 24.47 8.37 -12.99
C VAL F 1396 25.14 9.74 -13.00
N VAL F 1397 25.72 10.16 -11.88
CA VAL F 1397 26.38 11.45 -11.82
C VAL F 1397 27.70 11.42 -12.59
N ASN F 1398 28.42 10.30 -12.49
CA ASN F 1398 29.65 10.17 -13.24
C ASN F 1398 29.41 10.00 -14.73
N GLN F 1399 28.20 9.66 -15.14
CA GLN F 1399 27.90 9.56 -16.56
C GLN F 1399 27.31 10.84 -17.13
N ILE F 1400 26.58 11.61 -16.30
CA ILE F 1400 26.07 12.91 -16.75
C ILE F 1400 27.23 13.90 -16.93
N ALA F 1401 28.32 13.69 -16.20
CA ALA F 1401 29.50 14.50 -16.44
C ALA F 1401 30.18 14.22 -17.78
N GLU F 1402 29.82 13.13 -18.45
CA GLU F 1402 30.38 12.80 -19.76
C GLU F 1402 29.46 13.18 -20.91
N VAL F 1403 28.53 14.11 -20.68
CA VAL F 1403 27.69 14.61 -21.77
C VAL F 1403 28.49 15.60 -22.63
N LYS F 1404 29.50 16.24 -22.07
CA LYS F 1404 30.40 17.12 -22.80
C LYS F 1404 31.20 16.39 -23.88
N ASN F 1405 31.31 15.07 -23.82
CA ASN F 1405 31.98 14.31 -24.84
C ASN F 1405 31.01 13.71 -25.85
N TRP F 1406 29.72 14.00 -25.72
CA TRP F 1406 28.80 13.56 -26.75
C TRP F 1406 28.90 14.44 -27.98
N LYS F 1407 28.78 13.81 -29.15
CA LYS F 1407 28.59 14.52 -30.40
C LYS F 1407 27.12 14.41 -30.75
N VAL F 1408 26.56 15.48 -31.32
CA VAL F 1408 25.12 15.53 -31.55
C VAL F 1408 24.77 15.30 -33.01
N GLU F 1409 25.74 15.18 -33.90
CA GLU F 1409 25.43 14.94 -35.29
C GLU F 1409 25.01 13.50 -35.56
N ASP F 1410 25.28 12.58 -34.65
CA ASP F 1410 24.88 11.19 -34.80
C ASP F 1410 23.68 10.81 -33.94
N LEU F 1411 23.02 11.79 -33.33
CA LEU F 1411 21.78 11.50 -32.62
C LEU F 1411 20.66 11.23 -33.62
N THR F 1412 19.81 10.26 -33.29
CA THR F 1412 18.67 9.90 -34.10
C THR F 1412 17.66 11.05 -34.08
N ASP F 1413 16.90 11.19 -35.17
CA ASP F 1413 15.92 12.27 -35.30
C ASP F 1413 14.86 12.20 -34.22
N ASN F 1414 14.49 10.97 -33.83
CA ASN F 1414 13.64 10.78 -32.66
C ASN F 1414 14.28 11.33 -31.40
N GLU F 1415 15.58 11.07 -31.20
CA GLU F 1415 16.24 11.51 -29.98
C GLU F 1415 16.40 13.02 -29.96
N ILE F 1416 16.67 13.62 -31.13
CA ILE F 1416 16.77 15.07 -31.24
C ILE F 1416 15.42 15.71 -30.95
N PHE F 1417 14.35 15.12 -31.47
CA PHE F 1417 13.01 15.61 -31.21
C PHE F 1417 12.64 15.52 -29.73
N ARG F 1418 12.92 14.38 -29.10
CA ARG F 1418 12.49 14.24 -27.71
C ARG F 1418 13.36 15.04 -26.76
N LEU F 1419 14.59 15.37 -27.16
CA LEU F 1419 15.38 16.27 -26.35
C LEU F 1419 14.92 17.72 -26.53
N LYS F 1420 14.52 18.10 -27.75
CA LYS F 1420 14.01 19.45 -27.95
C LYS F 1420 12.66 19.64 -27.28
N ILE F 1421 11.91 18.56 -27.08
CA ILE F 1421 10.73 18.60 -26.21
C ILE F 1421 11.15 18.93 -24.78
N LEU F 1422 12.17 18.24 -24.29
CA LEU F 1422 12.62 18.45 -22.92
C LEU F 1422 13.33 19.78 -22.75
N ARG F 1423 13.97 20.27 -23.81
CA ARG F 1423 14.74 21.50 -23.67
C ARG F 1423 13.85 22.73 -23.71
N TYR F 1424 12.87 22.77 -24.59
CA TYR F 1424 12.13 24.01 -24.83
C TYR F 1424 10.69 23.98 -24.36
N LEU F 1425 10.10 22.80 -24.21
CA LEU F 1425 8.73 22.71 -23.71
C LEU F 1425 8.63 22.17 -22.30
N VAL F 1426 9.68 21.59 -21.76
CA VAL F 1426 9.70 21.21 -20.36
C VAL F 1426 10.54 22.18 -19.54
N LEU F 1427 11.70 22.59 -20.02
CA LEU F 1427 12.57 23.51 -19.33
C LEU F 1427 12.46 24.89 -19.97
N ASP F 1428 13.31 25.80 -19.53
CA ASP F 1428 13.28 27.18 -20.00
C ASP F 1428 14.48 27.46 -20.90
N ALA F 1429 14.35 28.51 -21.70
CA ALA F 1429 15.38 28.87 -22.66
C ALA F 1429 16.53 29.64 -22.03
N GLU F 1430 16.30 30.28 -20.90
CA GLU F 1430 17.30 31.08 -20.22
C GLU F 1430 18.12 30.28 -19.22
N MET F 1431 17.84 28.99 -19.08
CA MET F 1431 18.57 28.14 -18.16
C MET F 1431 19.98 27.88 -18.67
N ASP F 1432 20.83 27.35 -17.80
CA ASP F 1432 22.26 27.32 -18.04
C ASP F 1432 22.85 26.05 -17.43
N PRO F 1433 23.86 25.46 -18.07
CA PRO F 1433 24.48 24.25 -17.50
C PRO F 1433 25.35 24.51 -16.28
N SER F 1434 25.61 25.75 -15.92
CA SER F 1434 26.44 26.06 -14.75
C SER F 1434 25.61 26.51 -13.55
N ASP F 1435 24.28 26.41 -13.61
CA ASP F 1435 23.47 26.75 -12.47
C ASP F 1435 23.58 25.69 -11.39
N ILE F 1436 23.11 26.02 -10.19
CA ILE F 1436 23.22 25.10 -9.07
C ILE F 1436 21.90 24.79 -8.39
N MET F 1437 20.86 25.61 -8.52
CA MET F 1437 19.63 25.40 -7.75
C MET F 1437 18.37 25.58 -8.59
N GLY F 1438 18.31 24.91 -9.74
CA GLY F 1438 17.12 24.97 -10.55
C GLY F 1438 15.97 24.14 -10.00
N GLU F 1439 14.83 24.23 -10.68
CA GLU F 1439 13.60 23.59 -10.24
C GLU F 1439 13.66 22.09 -10.50
N THR F 1440 12.75 21.36 -9.86
CA THR F 1440 12.62 19.92 -10.03
C THR F 1440 11.40 19.61 -10.89
N SER F 1441 11.14 18.32 -11.05
CA SER F 1441 9.97 17.87 -11.79
C SER F 1441 8.68 18.19 -11.05
N ASP F 1442 8.74 18.27 -9.73
CA ASP F 1442 7.56 18.61 -8.95
C ASP F 1442 7.13 20.05 -9.18
N MET F 1443 8.08 20.93 -9.44
CA MET F 1443 7.76 22.33 -9.69
C MET F 1443 7.61 22.61 -11.18
N ARG F 1444 6.88 21.75 -11.88
CA ARG F 1444 6.70 21.87 -13.33
C ARG F 1444 5.36 21.25 -13.71
N GLY F 1445 4.46 22.06 -14.26
CA GLY F 1445 3.24 21.53 -14.81
C GLY F 1445 3.51 20.80 -16.12
N ARG F 1446 2.88 19.64 -16.28
CA ARG F 1446 3.29 18.70 -17.31
C ARG F 1446 2.42 18.71 -18.57
N SER F 1447 1.27 19.34 -18.56
CA SER F 1447 0.39 19.28 -19.72
C SER F 1447 0.87 20.20 -20.83
N ILE F 1448 0.55 19.84 -22.07
CA ILE F 1448 0.81 20.70 -23.21
C ILE F 1448 -0.48 20.92 -23.99
N LEU F 1449 -1.10 19.83 -24.45
CA LEU F 1449 -2.22 19.88 -25.37
C LEU F 1449 -3.50 19.61 -24.60
N THR F 1450 -4.10 20.67 -24.04
CA THR F 1450 -5.36 20.51 -23.34
C THR F 1450 -6.45 21.21 -24.14
N PRO F 1451 -7.55 20.53 -24.43
CA PRO F 1451 -8.65 21.17 -25.16
C PRO F 1451 -9.34 22.23 -24.31
N ARG F 1452 -9.62 23.36 -24.95
CA ARG F 1452 -10.34 24.47 -24.32
C ARG F 1452 -11.81 24.31 -24.62
N LYS F 1453 -12.63 24.20 -23.58
CA LYS F 1453 -14.06 24.02 -23.73
C LYS F 1453 -14.78 25.32 -23.46
N PHE F 1454 -15.69 25.70 -24.34
CA PHE F 1454 -16.47 26.92 -24.17
C PHE F 1454 -17.74 26.58 -23.41
N THR F 1455 -17.72 26.81 -22.10
CA THR F 1455 -18.87 26.49 -21.26
C THR F 1455 -19.29 27.73 -20.49
N THR F 1456 -20.57 27.73 -20.11
CA THR F 1456 -21.10 28.73 -19.18
C THR F 1456 -20.89 28.25 -17.76
N ALA F 1457 -20.83 29.21 -16.84
CA ALA F 1457 -20.43 28.94 -15.46
C ALA F 1457 -21.45 28.11 -14.71
N GLY F 1458 -22.67 28.61 -14.59
CA GLY F 1458 -23.71 27.90 -13.87
C GLY F 1458 -24.76 28.88 -13.38
N SER F 1459 -25.50 28.45 -12.36
CA SER F 1459 -26.55 29.29 -11.79
C SER F 1459 -26.02 30.15 -10.65
N LEU F 1460 -25.54 29.49 -9.59
CA LEU F 1460 -24.83 30.10 -8.46
C LEU F 1460 -25.64 31.17 -7.73
N ARG F 1461 -26.96 31.13 -7.85
CA ARG F 1461 -27.79 32.10 -7.15
C ARG F 1461 -27.91 31.77 -5.67
N LYS F 1462 -27.72 30.51 -5.31
CA LYS F 1462 -27.93 30.06 -3.95
C LYS F 1462 -26.80 30.45 -3.00
N LEU F 1463 -25.69 30.96 -3.51
CA LEU F 1463 -24.53 31.23 -2.67
C LEU F 1463 -24.52 32.66 -2.19
N TYR F 1464 -24.04 32.85 -0.96
CA TYR F 1464 -23.99 34.17 -0.36
C TYR F 1464 -22.73 34.92 -0.79
N SER F 1465 -21.59 34.21 -0.77
CA SER F 1465 -20.33 34.81 -1.18
C SER F 1465 -20.31 35.12 -2.66
N PHE F 1466 -21.07 34.38 -3.47
CA PHE F 1466 -21.13 34.70 -4.88
C PHE F 1466 -21.91 35.97 -5.13
N SER F 1467 -22.95 36.21 -4.33
CA SER F 1467 -23.67 37.47 -4.43
C SER F 1467 -22.80 38.63 -3.98
N LYS F 1468 -21.96 38.40 -2.97
CA LYS F 1468 -21.01 39.44 -2.57
C LYS F 1468 -19.95 39.68 -3.64
N TYR F 1469 -19.57 38.62 -4.35
CA TYR F 1469 -18.65 38.75 -5.48
C TYR F 1469 -19.26 39.59 -6.60
N GLN F 1470 -20.50 39.29 -6.97
CA GLN F 1470 -21.17 40.09 -8.00
C GLN F 1470 -21.45 41.51 -7.55
N ASP F 1471 -21.63 41.73 -6.25
CA ASP F 1471 -21.69 43.10 -5.75
C ASP F 1471 -20.33 43.77 -5.76
N ARG F 1472 -19.25 42.98 -5.80
CA ARG F 1472 -17.93 43.59 -5.84
C ARG F 1472 -17.49 43.91 -7.26
N LEU F 1473 -17.93 43.12 -8.26
CA LEU F 1473 -17.65 43.51 -9.65
C LEU F 1473 -18.35 44.79 -10.06
N SER F 1474 -19.59 44.99 -9.63
CA SER F 1474 -20.33 46.20 -9.95
C SER F 1474 -20.00 47.35 -9.01
N SER F 1475 -19.08 47.15 -8.07
CA SER F 1475 -18.67 48.22 -7.19
C SER F 1475 -17.86 49.25 -7.98
N PRO F 1476 -17.96 50.53 -7.62
CA PRO F 1476 -17.23 51.55 -8.37
C PRO F 1476 -15.74 51.49 -8.06
N GLY F 1477 -14.97 50.92 -8.99
CA GLY F 1477 -13.54 50.71 -8.83
C GLY F 1477 -13.14 49.98 -7.56
N GLY F 1478 -13.85 48.90 -7.25
CA GLY F 1478 -13.66 48.24 -5.97
C GLY F 1478 -12.82 46.99 -6.05
N MET F 1479 -12.72 46.42 -7.25
CA MET F 1479 -12.05 45.15 -7.42
C MET F 1479 -10.53 45.31 -7.31
N VAL F 1480 -10.01 46.50 -7.59
CA VAL F 1480 -8.57 46.69 -7.52
C VAL F 1480 -8.08 46.74 -6.08
N GLU F 1481 -8.95 47.10 -5.13
CA GLU F 1481 -8.57 46.98 -3.72
C GLU F 1481 -8.41 45.52 -3.32
N LEU F 1482 -9.28 44.65 -3.83
CA LEU F 1482 -9.12 43.22 -3.62
C LEU F 1482 -7.83 42.71 -4.22
N PHE F 1483 -7.52 43.15 -5.45
CA PHE F 1483 -6.29 42.66 -6.08
C PHE F 1483 -5.04 43.19 -5.38
N THR F 1484 -5.06 44.45 -4.94
CA THR F 1484 -3.86 44.97 -4.29
C THR F 1484 -3.72 44.43 -2.88
N TYR F 1485 -4.82 44.06 -2.21
CA TYR F 1485 -4.70 43.42 -0.92
C TYR F 1485 -4.17 42.01 -1.05
N LEU F 1486 -4.55 41.33 -2.13
CA LEU F 1486 -3.97 40.02 -2.40
C LEU F 1486 -2.50 40.11 -2.75
N LEU F 1487 -2.08 41.19 -3.42
CA LEU F 1487 -0.72 41.23 -3.90
C LEU F 1487 0.23 41.73 -2.81
N GLU F 1488 -0.22 42.64 -1.95
CA GLU F 1488 0.67 43.13 -0.90
C GLU F 1488 0.80 42.12 0.23
N LYS F 1489 -0.13 41.17 0.29
CA LYS F 1489 -0.08 40.05 1.23
C LYS F 1489 -0.21 38.78 0.40
N PRO F 1490 0.88 38.33 -0.22
CA PRO F 1490 0.77 37.33 -1.29
C PRO F 1490 0.74 35.90 -0.81
N GLU F 1491 0.96 35.64 0.48
CA GLU F 1491 1.12 34.26 0.93
C GLU F 1491 -0.21 33.51 0.92
N LEU F 1492 -1.31 34.25 0.96
CA LEU F 1492 -2.62 33.61 0.89
C LEU F 1492 -3.10 33.51 -0.55
N LEU F 1493 -2.20 33.04 -1.40
CA LEU F 1493 -2.56 32.49 -2.70
C LEU F 1493 -2.25 31.01 -2.78
N VAL F 1494 -1.53 30.47 -1.78
CA VAL F 1494 -1.14 29.07 -1.78
C VAL F 1494 -1.54 28.40 -0.47
N THR F 1495 -1.90 29.18 0.53
CA THR F 1495 -2.26 28.62 1.82
C THR F 1495 -3.42 29.40 2.43
N LYS F 1496 -3.85 28.97 3.61
CA LYS F 1496 -4.98 29.54 4.30
C LYS F 1496 -4.58 30.81 5.04
N GLY F 1497 -5.57 31.62 5.39
CA GLY F 1497 -5.35 32.87 6.08
C GLY F 1497 -5.50 32.70 7.58
N GLU F 1498 -4.79 33.53 8.33
CA GLU F 1498 -4.78 33.40 9.78
C GLU F 1498 -5.96 34.06 10.46
N ASP F 1499 -6.69 34.93 9.76
CA ASP F 1499 -7.85 35.58 10.34
C ASP F 1499 -8.97 35.67 9.30
N MET F 1500 -10.10 36.23 9.73
CA MET F 1500 -11.31 36.20 8.91
C MET F 1500 -11.21 37.11 7.71
N LYS F 1501 -10.39 38.17 7.78
CA LYS F 1501 -10.23 39.08 6.66
C LYS F 1501 -9.57 38.39 5.48
N ASP F 1502 -8.49 37.67 5.76
CA ASP F 1502 -7.76 36.96 4.71
C ASP F 1502 -8.63 35.88 4.08
N TYR F 1503 -9.40 35.19 4.90
CA TYR F 1503 -10.27 34.14 4.40
C TYR F 1503 -11.38 34.70 3.53
N MET F 1504 -11.97 35.82 3.94
CA MET F 1504 -13.04 36.40 3.14
C MET F 1504 -12.54 36.91 1.81
N GLU F 1505 -11.34 37.51 1.78
CA GLU F 1505 -10.84 37.99 0.50
C GLU F 1505 -10.39 36.83 -0.40
N SER F 1506 -9.92 35.74 0.20
CA SER F 1506 -9.59 34.57 -0.59
C SER F 1506 -10.83 33.91 -1.19
N VAL F 1507 -11.91 33.83 -0.41
CA VAL F 1507 -13.16 33.23 -0.90
C VAL F 1507 -13.76 34.07 -2.01
N ILE F 1508 -13.67 35.39 -1.90
CA ILE F 1508 -14.14 36.27 -2.97
C ILE F 1508 -13.28 36.10 -4.22
N PHE F 1509 -11.96 36.03 -4.04
CA PHE F 1509 -11.06 35.93 -5.19
C PHE F 1509 -11.17 34.59 -5.91
N ARG F 1510 -11.53 33.53 -5.20
CA ARG F 1510 -11.62 32.23 -5.88
C ARG F 1510 -12.76 32.11 -6.88
N TYR F 1511 -13.61 33.11 -7.03
CA TYR F 1511 -14.57 33.09 -8.11
C TYR F 1511 -14.01 33.66 -9.42
N ASN F 1512 -12.84 34.29 -9.40
CA ASN F 1512 -12.26 34.72 -10.67
C ASN F 1512 -11.72 33.56 -11.48
N SER F 1513 -11.41 32.44 -10.86
CA SER F 1513 -11.03 31.25 -11.60
C SER F 1513 -12.29 30.60 -12.14
N LYS F 1514 -12.26 30.24 -13.42
CA LYS F 1514 -13.42 29.61 -14.03
C LYS F 1514 -13.64 28.21 -13.49
N ARG F 1515 -12.56 27.45 -13.28
CA ARG F 1515 -12.67 26.02 -13.02
C ARG F 1515 -13.32 25.74 -11.67
N PHE F 1516 -13.14 26.66 -10.72
CA PHE F 1516 -13.85 26.55 -9.45
C PHE F 1516 -15.34 26.79 -9.64
N LYS F 1517 -15.71 27.74 -10.50
CA LYS F 1517 -17.11 28.02 -10.73
C LYS F 1517 -17.80 26.90 -11.48
N GLU F 1518 -17.10 26.24 -12.41
CA GLU F 1518 -17.68 25.03 -13.00
C GLU F 1518 -17.61 23.85 -12.06
N SER F 1519 -16.76 23.91 -11.02
CA SER F 1519 -16.80 22.85 -10.02
C SER F 1519 -18.00 22.98 -9.11
N LEU F 1520 -18.47 24.22 -8.88
CA LEU F 1520 -19.60 24.40 -7.99
C LEU F 1520 -20.89 23.87 -8.59
N SER F 1521 -21.12 24.13 -9.87
CA SER F 1521 -22.27 23.55 -10.55
C SER F 1521 -22.01 22.07 -10.79
N ILE F 1522 -23.01 21.24 -10.50
CA ILE F 1522 -22.83 19.80 -10.58
C ILE F 1522 -22.79 19.34 -12.04
N GLN F 1523 -22.01 18.31 -12.31
CA GLN F 1523 -21.92 17.76 -13.65
C GLN F 1523 -21.70 16.26 -13.56
N ASN F 1524 -22.06 15.57 -14.62
CA ASN F 1524 -21.84 14.13 -14.68
C ASN F 1524 -20.72 13.80 -15.65
N PRO F 1525 -19.96 12.73 -15.40
CA PRO F 1525 -18.85 12.41 -16.30
C PRO F 1525 -19.28 11.88 -17.65
N ALA F 1526 -20.53 11.47 -17.81
CA ALA F 1526 -20.97 10.95 -19.10
C ALA F 1526 -21.08 12.07 -20.13
N GLN F 1527 -21.60 13.22 -19.72
CA GLN F 1527 -21.71 14.34 -20.65
C GLN F 1527 -20.34 14.93 -20.96
N LEU F 1528 -19.43 14.94 -19.98
CA LEU F 1528 -18.06 15.34 -20.24
C LEU F 1528 -17.39 14.39 -21.21
N PHE F 1529 -17.66 13.10 -21.08
CA PHE F 1529 -17.10 12.11 -21.99
C PHE F 1529 -17.59 12.32 -23.41
N ILE F 1530 -18.90 12.54 -23.58
CA ILE F 1530 -19.45 12.71 -24.92
C ILE F 1530 -18.96 14.00 -25.54
N GLU F 1531 -18.79 15.06 -24.72
CA GLU F 1531 -18.27 16.31 -25.26
C GLU F 1531 -16.81 16.18 -25.68
N GLN F 1532 -16.01 15.44 -24.91
CA GLN F 1532 -14.63 15.23 -25.32
C GLN F 1532 -14.51 14.33 -26.53
N ILE F 1533 -15.49 13.45 -26.77
CA ILE F 1533 -15.54 12.72 -28.04
C ILE F 1533 -15.86 13.67 -29.17
N LEU F 1534 -16.97 14.40 -29.07
CA LEU F 1534 -17.52 15.12 -30.21
C LEU F 1534 -16.67 16.33 -30.56
N PHE F 1535 -16.00 16.93 -29.59
CA PHE F 1535 -15.21 18.13 -29.85
C PHE F 1535 -13.77 17.76 -30.17
N SER F 1536 -13.56 16.82 -31.08
CA SER F 1536 -12.23 16.34 -31.37
C SER F 1536 -11.64 16.95 -32.63
N HIS F 1537 -12.47 17.34 -33.59
CA HIS F 1537 -11.95 18.02 -34.77
C HIS F 1537 -12.20 19.51 -34.74
N LYS F 1538 -12.68 20.04 -33.63
CA LYS F 1538 -12.77 21.47 -33.46
C LYS F 1538 -11.38 22.04 -33.23
N PRO F 1539 -11.19 23.31 -33.51
CA PRO F 1539 -10.02 23.99 -32.99
C PRO F 1539 -10.18 24.22 -31.50
N VAL F 1540 -9.49 23.42 -30.67
CA VAL F 1540 -9.65 23.52 -29.23
C VAL F 1540 -8.31 23.68 -28.54
N ILE F 1541 -7.23 23.66 -29.31
CA ILE F 1541 -5.89 23.80 -28.76
C ILE F 1541 -5.42 25.22 -29.02
N ASP F 1542 -5.34 26.03 -27.96
CA ASP F 1542 -4.81 27.38 -28.07
C ASP F 1542 -3.30 27.30 -28.22
N PHE F 1543 -2.83 27.35 -29.45
CA PHE F 1543 -1.42 27.07 -29.72
C PHE F 1543 -0.51 28.21 -29.33
N SER F 1544 -1.05 29.42 -29.14
CA SER F 1544 -0.24 30.55 -28.70
C SER F 1544 0.33 30.34 -27.32
N GLY F 1545 -0.42 29.66 -26.44
CA GLY F 1545 0.12 29.31 -25.14
C GLY F 1545 1.24 28.32 -25.17
N ILE F 1546 1.31 27.49 -26.22
CA ILE F 1546 2.43 26.57 -26.40
C ILE F 1546 3.63 27.28 -27.02
N ARG F 1547 3.36 28.14 -28.02
CA ARG F 1547 4.40 28.94 -28.65
C ARG F 1547 5.07 29.90 -27.67
N ASP F 1548 4.34 30.38 -26.67
CA ASP F 1548 4.94 31.25 -25.65
C ASP F 1548 5.92 30.54 -24.74
N LYS F 1549 5.95 29.21 -24.79
CA LYS F 1549 6.85 28.43 -23.97
C LYS F 1549 8.32 28.66 -24.32
N TYR F 1550 8.64 28.70 -25.61
CA TYR F 1550 10.02 28.92 -26.03
C TYR F 1550 10.26 30.34 -26.55
N ILE F 1551 10.62 30.45 -27.83
CA ILE F 1551 10.91 31.75 -28.45
C ILE F 1551 9.81 32.78 -28.20
N ASN F 1552 10.16 33.83 -27.45
CA ASN F 1552 9.23 34.90 -27.13
C ASN F 1552 7.89 34.40 -26.60
N LEU F 1566 -4.09 34.46 -34.71
CA LEU F 1566 -3.96 33.04 -35.00
C LEU F 1566 -5.26 32.34 -34.59
N GLY F 1567 -5.50 32.27 -33.29
CA GLY F 1567 -6.71 31.66 -32.75
C GLY F 1567 -6.46 30.28 -32.19
N LYS F 1568 -7.55 29.51 -32.12
CA LYS F 1568 -7.45 28.11 -31.74
C LYS F 1568 -7.01 27.29 -32.94
N VAL F 1569 -6.81 26.00 -32.70
CA VAL F 1569 -6.05 25.10 -33.56
C VAL F 1569 -6.46 23.67 -33.21
N THR F 1570 -6.60 22.79 -34.21
CA THR F 1570 -6.99 21.41 -33.92
C THR F 1570 -5.80 20.63 -33.38
N PHE F 1571 -6.00 19.33 -33.14
CA PHE F 1571 -4.89 18.53 -32.65
C PHE F 1571 -3.85 18.32 -33.73
N THR F 1572 -4.29 18.03 -34.96
CA THR F 1572 -3.37 17.67 -36.02
C THR F 1572 -2.55 18.88 -36.47
N GLU F 1573 -3.17 20.05 -36.61
CA GLU F 1573 -2.35 21.19 -36.96
C GLU F 1573 -1.56 21.71 -35.77
N ALA F 1574 -1.92 21.34 -34.54
CA ALA F 1574 -1.02 21.62 -33.42
C ALA F 1574 0.24 20.76 -33.51
N TYR F 1575 0.07 19.48 -33.83
CA TYR F 1575 1.20 18.58 -34.10
C TYR F 1575 2.08 19.15 -35.21
N ARG F 1576 1.44 19.62 -36.28
CA ARG F 1576 2.18 20.12 -37.43
C ARG F 1576 2.92 21.42 -37.12
N LEU F 1577 2.27 22.36 -36.45
CA LEU F 1577 2.92 23.63 -36.13
C LEU F 1577 4.03 23.43 -35.11
N LEU F 1578 3.83 22.50 -34.18
CA LEU F 1578 4.86 22.22 -33.19
C LEU F 1578 6.09 21.59 -33.83
N MET F 1579 5.89 20.60 -34.71
CA MET F 1579 7.03 19.97 -35.34
C MET F 1579 7.66 20.89 -36.39
N ARG F 1580 6.88 21.84 -36.91
CA ARG F 1580 7.43 22.89 -37.77
C ARG F 1580 8.37 23.78 -36.98
N ASP F 1581 7.97 24.15 -35.75
CA ASP F 1581 8.77 25.08 -34.97
C ASP F 1581 10.02 24.42 -34.41
N LEU F 1582 9.92 23.16 -34.00
CA LEU F 1582 11.07 22.50 -33.40
C LEU F 1582 12.16 22.16 -34.40
N SER F 1583 11.88 22.19 -35.70
CA SER F 1583 12.95 22.02 -36.67
C SER F 1583 13.81 23.26 -36.77
N SER F 1584 13.30 24.42 -36.37
CA SER F 1584 14.05 25.67 -36.45
C SER F 1584 15.00 25.87 -35.29
N LEU F 1585 14.73 25.22 -34.16
CA LEU F 1585 15.57 25.36 -32.97
C LEU F 1585 16.80 24.46 -33.07
N GLU F 1586 17.78 24.74 -32.22
CA GLU F 1586 19.05 24.02 -32.26
C GLU F 1586 19.29 23.32 -30.93
N LEU F 1587 20.15 22.31 -30.97
CA LEU F 1587 20.41 21.46 -29.82
C LEU F 1587 21.90 21.14 -29.78
N THR F 1588 22.57 21.57 -28.74
CA THR F 1588 24.01 21.37 -28.55
C THR F 1588 24.26 20.58 -27.27
N ASN F 1589 25.54 20.40 -26.95
CA ASN F 1589 25.91 19.70 -25.72
C ASN F 1589 25.51 20.48 -24.49
N ASP F 1590 25.54 21.80 -24.57
CA ASP F 1590 25.14 22.63 -23.43
C ASP F 1590 23.66 22.45 -23.12
N ASP F 1591 22.85 22.23 -24.15
CA ASP F 1591 21.42 22.06 -23.95
C ASP F 1591 21.12 20.69 -23.34
N ILE F 1592 21.89 19.67 -23.71
CA ILE F 1592 21.68 18.35 -23.11
C ILE F 1592 22.18 18.36 -21.66
N GLN F 1593 23.22 19.14 -21.37
CA GLN F 1593 23.64 19.27 -19.99
C GLN F 1593 22.64 20.09 -19.18
N VAL F 1594 21.89 20.96 -19.83
CA VAL F 1594 20.76 21.59 -19.15
C VAL F 1594 19.69 20.56 -18.84
N ILE F 1595 19.40 19.68 -19.82
CA ILE F 1595 18.32 18.70 -19.67
C ILE F 1595 18.63 17.70 -18.56
N TYR F 1596 19.86 17.20 -18.50
CA TYR F 1596 20.21 16.26 -17.45
C TYR F 1596 20.34 16.91 -16.09
N SER F 1597 20.71 18.20 -16.03
CA SER F 1597 20.85 18.85 -14.74
C SER F 1597 19.51 19.16 -14.10
N TYR F 1598 18.45 19.22 -14.88
CA TYR F 1598 17.17 19.72 -14.41
C TYR F 1598 16.10 18.66 -14.32
N ILE F 1599 16.39 17.43 -14.72
CA ILE F 1599 15.42 16.36 -14.64
C ILE F 1599 15.95 15.30 -13.68
N ILE F 1600 17.27 15.14 -13.60
CA ILE F 1600 17.89 14.10 -12.82
C ILE F 1600 18.69 14.66 -11.65
N LEU F 1601 19.66 15.53 -11.92
CA LEU F 1601 20.61 15.96 -10.89
C LEU F 1601 20.00 16.84 -9.83
N ASN F 1602 18.80 17.38 -10.05
CA ASN F 1602 18.11 18.05 -8.97
C ASN F 1602 17.67 17.03 -7.94
N ASP F 1603 16.76 16.18 -8.33
CA ASP F 1603 15.99 15.43 -7.36
C ASP F 1603 16.77 14.20 -6.93
N PRO F 1604 16.92 13.97 -5.62
CA PRO F 1604 17.64 12.77 -5.16
C PRO F 1604 16.92 11.49 -5.47
N MET F 1605 15.58 11.52 -5.55
CA MET F 1605 14.83 10.33 -5.91
C MET F 1605 15.08 9.94 -7.36
N MET F 1606 15.21 10.92 -8.26
CA MET F 1606 15.49 10.58 -9.65
C MET F 1606 16.90 10.04 -9.80
N ILE F 1607 17.84 10.55 -9.00
CA ILE F 1607 19.21 10.03 -9.00
C ILE F 1607 19.23 8.59 -8.52
N THR F 1608 18.54 8.29 -7.42
CA THR F 1608 18.62 6.92 -6.94
C THR F 1608 17.80 5.96 -7.79
N ILE F 1609 16.76 6.43 -8.47
CA ILE F 1609 16.02 5.52 -9.36
C ILE F 1609 16.83 5.24 -10.63
N ALA F 1610 17.47 6.26 -11.18
CA ALA F 1610 18.35 6.04 -12.32
C ALA F 1610 19.53 5.15 -11.96
N ASN F 1611 20.02 5.28 -10.73
CA ASN F 1611 21.13 4.43 -10.31
C ASN F 1611 20.67 3.00 -10.08
N THR F 1612 19.43 2.80 -9.64
CA THR F 1612 18.92 1.43 -9.52
C THR F 1612 18.75 0.80 -10.89
N HIS F 1613 18.35 1.58 -11.88
CA HIS F 1613 18.16 0.97 -13.19
C HIS F 1613 19.48 0.72 -13.90
N ILE F 1614 20.49 1.55 -13.67
CA ILE F 1614 21.77 1.35 -14.34
C ILE F 1614 22.58 0.24 -13.67
N LEU F 1615 22.68 0.27 -12.34
CA LEU F 1615 23.68 -0.49 -11.62
C LEU F 1615 23.17 -1.80 -11.04
N SER F 1616 22.06 -2.32 -11.53
CA SER F 1616 21.46 -3.46 -10.89
C SER F 1616 22.06 -4.77 -11.36
N ILE F 1617 22.11 -5.74 -10.45
CA ILE F 1617 22.57 -7.09 -10.73
C ILE F 1617 21.47 -8.02 -10.25
N TYR F 1618 20.91 -8.81 -11.15
CA TYR F 1618 19.85 -9.74 -10.80
C TYR F 1618 20.41 -11.06 -10.33
N GLY F 1619 19.62 -11.77 -9.53
CA GLY F 1619 20.16 -12.94 -8.86
C GLY F 1619 19.41 -14.23 -9.05
N SER F 1620 19.15 -14.92 -7.96
CA SER F 1620 18.60 -16.27 -8.01
C SER F 1620 17.09 -16.21 -8.03
N PRO F 1621 16.43 -16.80 -9.02
CA PRO F 1621 14.97 -16.84 -9.02
C PRO F 1621 14.44 -17.81 -7.97
N GLN F 1622 13.39 -17.37 -7.27
CA GLN F 1622 12.68 -18.24 -6.36
C GLN F 1622 11.24 -17.75 -6.23
N ARG F 1623 10.38 -18.63 -5.75
CA ARG F 1623 8.95 -18.34 -5.66
C ARG F 1623 8.67 -17.37 -4.54
N ARG F 1624 7.46 -16.84 -4.54
CA ARG F 1624 6.99 -15.94 -3.51
C ARG F 1624 6.29 -16.78 -2.44
N MET F 1625 7.08 -17.41 -1.58
CA MET F 1625 6.50 -18.31 -0.61
C MET F 1625 5.91 -17.55 0.57
N GLY F 1626 6.67 -16.65 1.16
CA GLY F 1626 6.09 -15.80 2.18
C GLY F 1626 6.17 -14.33 1.85
N MET F 1627 5.05 -13.71 1.56
CA MET F 1627 4.98 -12.29 1.26
C MET F 1627 4.87 -11.51 2.56
N SER F 1628 5.18 -10.22 2.49
CA SER F 1628 5.12 -9.40 3.69
C SER F 1628 4.89 -7.95 3.30
N CYS F 1629 4.47 -7.16 4.28
CA CYS F 1629 4.08 -5.79 4.05
C CYS F 1629 5.17 -4.84 4.48
N SER F 1630 5.48 -3.86 3.64
CA SER F 1630 6.57 -2.94 3.90
C SER F 1630 6.20 -1.56 3.37
N THR F 1631 6.49 -0.54 4.17
CA THR F 1631 6.18 0.83 3.80
C THR F 1631 7.30 1.41 2.95
N MET F 1632 6.93 2.38 2.12
CA MET F 1632 7.88 2.96 1.19
C MET F 1632 8.71 4.04 1.88
N PRO F 1633 10.03 3.90 1.95
CA PRO F 1633 10.83 4.92 2.60
C PRO F 1633 11.02 6.11 1.67
N GLU F 1634 11.23 7.27 2.28
CA GLU F 1634 11.43 8.48 1.52
C GLU F 1634 12.88 8.57 1.04
N PHE F 1635 13.05 8.94 -0.22
CA PHE F 1635 14.37 8.88 -0.83
C PHE F 1635 15.13 10.17 -0.68
N ARG F 1636 14.49 11.22 -0.15
CA ARG F 1636 15.13 12.51 0.07
C ARG F 1636 15.41 12.63 1.56
N ASN F 1637 16.58 12.09 1.94
CA ASN F 1637 16.90 11.78 3.33
C ASN F 1637 17.22 13.02 4.14
N LEU F 1638 17.53 14.12 3.49
CA LEU F 1638 18.06 15.30 4.15
C LEU F 1638 17.08 16.46 4.02
N LYS F 1639 16.94 17.22 5.10
CA LYS F 1639 16.02 18.35 5.13
C LYS F 1639 16.77 19.64 5.40
N LEU F 1640 16.27 20.73 4.83
CA LEU F 1640 16.83 22.06 5.03
C LEU F 1640 15.92 22.96 5.83
N ILE F 1641 14.61 22.80 5.67
CA ILE F 1641 13.63 23.66 6.30
C ILE F 1641 12.98 22.89 7.44
N HIS F 1642 12.96 23.49 8.63
CA HIS F 1642 12.36 22.80 9.77
C HIS F 1642 11.08 23.45 10.28
N HIS F 1643 10.59 24.51 9.65
CA HIS F 1643 9.25 24.97 9.96
C HIS F 1643 8.28 24.48 8.90
N SER F 1644 7.00 24.63 9.21
CA SER F 1644 5.95 24.26 8.26
C SER F 1644 5.96 25.23 7.09
N PRO F 1645 5.63 24.77 5.87
CA PRO F 1645 5.78 25.62 4.68
C PRO F 1645 4.92 26.87 4.67
N ALA F 1646 3.71 26.79 5.23
CA ALA F 1646 2.87 27.98 5.32
C ALA F 1646 3.50 29.03 6.22
N LEU F 1647 4.17 28.58 7.28
CA LEU F 1647 4.82 29.50 8.20
C LEU F 1647 6.04 30.14 7.55
N VAL F 1648 6.77 29.38 6.73
CA VAL F 1648 7.94 29.91 6.05
C VAL F 1648 7.54 30.92 4.99
N LEU F 1649 6.46 30.63 4.25
CA LEU F 1649 6.02 31.59 3.24
C LEU F 1649 5.43 32.84 3.87
N ARG F 1650 4.77 32.69 5.02
CA ARG F 1650 4.25 33.86 5.73
C ARG F 1650 5.37 34.70 6.29
N ALA F 1651 6.48 34.07 6.69
CA ALA F 1651 7.64 34.83 7.14
C ALA F 1651 8.50 35.33 6.00
N TYR F 1652 8.33 34.81 4.79
CA TYR F 1652 9.00 35.34 3.62
C TYR F 1652 8.23 36.48 2.97
N SER F 1653 6.92 36.55 3.19
CA SER F 1653 6.16 37.70 2.71
C SER F 1653 6.55 38.98 3.44
N LYS F 1654 7.10 38.88 4.63
CA LYS F 1654 7.82 39.94 5.31
C LYS F 1654 9.30 39.58 5.29
N ASN F 1655 10.11 40.36 6.00
CA ASN F 1655 11.48 39.95 6.27
C ASN F 1655 11.73 39.71 7.75
N ASN F 1656 10.69 39.29 8.47
CA ASN F 1656 10.74 39.17 9.92
C ASN F 1656 10.39 37.74 10.31
N PRO F 1657 11.29 37.02 10.98
CA PRO F 1657 10.90 35.77 11.62
C PRO F 1657 9.94 36.05 12.78
N ASP F 1658 8.74 35.47 12.68
CA ASP F 1658 7.68 35.77 13.63
C ASP F 1658 7.44 34.60 14.59
N PRO F 1664 8.96 30.18 14.63
CA PRO F 1664 9.22 31.47 15.27
C PRO F 1664 10.58 31.51 15.97
N THR F 1665 11.15 30.34 16.23
CA THR F 1665 12.26 30.18 17.16
C THR F 1665 13.53 30.92 16.76
N GLU F 1666 14.19 30.46 15.71
CA GLU F 1666 15.30 31.21 15.13
C GLU F 1666 14.99 31.63 13.70
N MET F 1667 14.79 30.66 12.79
CA MET F 1667 14.41 30.85 11.38
C MET F 1667 15.40 31.73 10.63
N ALA F 1668 16.63 31.85 11.12
CA ALA F 1668 17.65 32.60 10.40
C ALA F 1668 18.18 31.76 9.26
N ARG F 1669 18.13 30.43 9.40
CA ARG F 1669 18.62 29.57 8.34
C ARG F 1669 17.56 29.35 7.27
N ASP F 1670 16.29 29.23 7.66
CA ASP F 1670 15.27 28.83 6.68
C ASP F 1670 14.98 29.95 5.69
N LEU F 1671 14.92 31.19 6.16
CA LEU F 1671 14.72 32.31 5.25
C LEU F 1671 15.93 32.51 4.34
N VAL F 1672 17.14 32.25 4.81
CA VAL F 1672 18.25 32.47 3.91
C VAL F 1672 18.43 31.31 2.95
N HIS F 1673 17.96 30.09 3.31
CA HIS F 1673 17.90 29.03 2.32
C HIS F 1673 16.88 29.34 1.24
N LEU F 1674 15.73 29.89 1.65
CA LEU F 1674 14.72 30.28 0.67
C LEU F 1674 15.20 31.44 -0.20
N LYS F 1675 15.98 32.36 0.38
CA LYS F 1675 16.50 33.47 -0.40
C LYS F 1675 17.60 33.01 -1.35
N GLU F 1676 18.43 32.05 -0.94
CA GLU F 1676 19.39 31.46 -1.87
C GLU F 1676 18.68 30.75 -3.01
N PHE F 1677 17.56 30.09 -2.73
CA PHE F 1677 16.85 29.40 -3.81
C PHE F 1677 16.18 30.38 -4.75
N VAL F 1678 15.61 31.47 -4.24
CA VAL F 1678 14.96 32.44 -5.11
C VAL F 1678 15.99 33.19 -5.95
N GLU F 1679 17.16 33.49 -5.38
CA GLU F 1679 18.12 34.26 -6.15
C GLU F 1679 18.92 33.41 -7.13
N ASN F 1680 19.23 32.16 -6.76
CA ASN F 1680 20.15 31.39 -7.60
C ASN F 1680 19.48 30.74 -8.78
N THR F 1681 18.16 30.60 -8.78
CA THR F 1681 17.49 30.23 -10.02
C THR F 1681 16.77 31.41 -10.65
N ASN F 1682 16.81 32.57 -10.01
CA ASN F 1682 16.33 33.85 -10.55
C ASN F 1682 14.84 33.82 -10.86
N LEU F 1683 14.03 33.33 -9.91
CA LEU F 1683 12.58 33.35 -10.09
C LEU F 1683 12.06 34.77 -10.12
N GLU F 1684 12.64 35.63 -9.29
CA GLU F 1684 12.15 36.98 -9.13
C GLU F 1684 12.43 37.82 -10.37
N GLU F 1685 13.61 37.63 -10.96
CA GLU F 1685 13.95 38.38 -12.18
C GLU F 1685 13.15 37.88 -13.37
N LYS F 1686 12.90 36.57 -13.46
CA LYS F 1686 12.06 36.04 -14.54
C LYS F 1686 10.63 36.55 -14.41
N MET F 1687 10.13 36.63 -13.18
CA MET F 1687 8.79 37.18 -12.95
C MET F 1687 8.73 38.66 -13.30
N LYS F 1688 9.78 39.40 -12.98
CA LYS F 1688 9.82 40.82 -13.33
C LYS F 1688 9.92 41.02 -14.84
N VAL F 1689 10.66 40.15 -15.53
CA VAL F 1689 10.73 40.20 -16.99
C VAL F 1689 9.37 39.89 -17.61
N ARG F 1690 8.66 38.91 -17.06
CA ARG F 1690 7.34 38.58 -17.60
C ARG F 1690 6.32 39.69 -17.37
N ILE F 1691 6.34 40.31 -16.18
CA ILE F 1691 5.36 41.36 -15.94
C ILE F 1691 5.75 42.62 -16.70
N ALA F 1692 7.05 42.84 -16.95
CA ALA F 1692 7.46 43.99 -17.74
C ALA F 1692 7.11 43.80 -19.21
N MET F 1693 7.23 42.57 -19.73
CA MET F 1693 6.91 42.38 -21.14
C MET F 1693 5.40 42.34 -21.36
N ASN F 1694 4.62 41.91 -20.36
CA ASN F 1694 3.18 42.07 -20.51
C ASN F 1694 2.75 43.51 -20.24
N GLU F 1695 3.55 44.28 -19.50
CA GLU F 1695 3.32 45.71 -19.42
C GLU F 1695 3.59 46.40 -20.75
N ALA F 1696 4.64 45.98 -21.45
CA ALA F 1696 4.96 46.57 -22.74
C ALA F 1696 3.95 46.14 -23.80
N GLU F 1697 3.47 44.89 -23.73
CA GLU F 1697 2.44 44.45 -24.65
C GLU F 1697 1.10 45.11 -24.35
N LYS F 1698 0.82 45.41 -23.10
CA LYS F 1698 -0.51 45.93 -22.76
C LYS F 1698 -0.53 47.45 -22.67
N GLY F 1699 0.46 48.05 -22.00
CA GLY F 1699 0.54 49.49 -21.88
C GLY F 1699 -0.08 50.04 -20.61
N GLN F 1700 -1.12 49.40 -20.09
CA GLN F 1700 -1.74 49.82 -18.84
C GLN F 1700 -1.38 48.82 -17.75
N ARG F 1701 -1.28 49.33 -16.52
CA ARG F 1701 -0.69 48.60 -15.40
C ARG F 1701 -1.56 47.44 -14.97
N ASP F 1702 -1.19 46.22 -15.36
CA ASP F 1702 -1.98 45.03 -15.14
C ASP F 1702 -1.70 44.45 -13.76
N ILE F 1703 -2.74 43.90 -13.15
CA ILE F 1703 -2.62 43.26 -11.83
C ILE F 1703 -3.02 41.80 -11.84
N VAL F 1704 -3.94 41.38 -12.72
CA VAL F 1704 -4.41 39.99 -12.73
C VAL F 1704 -3.30 39.05 -13.20
N PHE F 1705 -2.59 39.46 -14.25
CA PHE F 1705 -1.41 38.73 -14.69
C PHE F 1705 -0.33 38.73 -13.61
N GLU F 1706 -0.23 39.84 -12.86
CA GLU F 1706 0.74 39.87 -11.76
C GLU F 1706 0.37 38.91 -10.65
N LEU F 1707 -0.93 38.72 -10.40
CA LEU F 1707 -1.31 37.75 -9.38
C LEU F 1707 -1.15 36.32 -9.88
N LYS F 1708 -1.28 36.10 -11.18
CA LYS F 1708 -0.97 34.77 -11.71
C LYS F 1708 0.52 34.47 -11.58
N GLU F 1709 1.36 35.50 -11.79
CA GLU F 1709 2.79 35.32 -11.62
C GLU F 1709 3.17 35.13 -10.15
N MET F 1710 2.55 35.89 -9.25
CA MET F 1710 2.77 35.71 -7.82
C MET F 1710 2.29 34.35 -7.35
N THR F 1711 1.18 33.87 -7.90
CA THR F 1711 0.66 32.56 -7.54
C THR F 1711 1.62 31.45 -7.95
N ARG F 1712 2.13 31.53 -9.18
CA ARG F 1712 3.11 30.54 -9.65
C ARG F 1712 4.40 30.62 -8.86
N PHE F 1713 4.82 31.84 -8.52
CA PHE F 1713 6.04 32.05 -7.74
C PHE F 1713 5.94 31.43 -6.36
N TYR F 1714 4.84 31.68 -5.66
CA TYR F 1714 4.70 31.13 -4.32
C TYR F 1714 4.35 29.65 -4.36
N GLN F 1715 3.81 29.14 -5.48
CA GLN F 1715 3.71 27.69 -5.65
C GLN F 1715 5.08 27.05 -5.70
N VAL F 1716 5.99 27.62 -6.49
CA VAL F 1716 7.33 27.06 -6.65
C VAL F 1716 8.09 27.14 -5.32
N CYS F 1717 7.92 28.25 -4.60
CA CYS F 1717 8.54 28.37 -3.28
C CYS F 1717 7.94 27.35 -2.29
N TYR F 1718 6.63 27.13 -2.37
CA TYR F 1718 5.92 26.21 -1.49
C TYR F 1718 6.38 24.78 -1.70
N GLU F 1719 6.54 24.37 -2.95
CA GLU F 1719 7.10 23.04 -3.18
C GLU F 1719 8.59 23.00 -2.96
N TYR F 1720 9.26 24.14 -2.85
CA TYR F 1720 10.66 24.08 -2.46
C TYR F 1720 10.82 23.78 -0.98
N VAL F 1721 10.02 24.42 -0.11
CA VAL F 1721 10.25 24.25 1.32
C VAL F 1721 9.80 22.86 1.80
N LYS F 1722 8.50 22.55 1.73
CA LYS F 1722 7.88 21.23 1.82
C LYS F 1722 8.41 20.36 2.97
N SER F 1723 8.08 20.74 4.20
CA SER F 1723 8.59 20.01 5.36
C SER F 1723 7.50 19.18 6.02
N HIS F 1726 5.97 10.70 6.25
CA HIS F 1726 5.20 11.71 5.53
C HIS F 1726 3.92 11.10 4.98
N LYS F 1727 4.06 10.22 3.99
CA LYS F 1727 2.93 9.49 3.45
C LYS F 1727 2.94 8.05 3.97
N ILE F 1728 1.86 7.34 3.71
CA ILE F 1728 1.73 5.95 4.11
C ILE F 1728 1.56 5.13 2.84
N LYS F 1729 2.65 4.56 2.35
CA LYS F 1729 2.64 3.74 1.15
C LYS F 1729 3.17 2.37 1.51
N VAL F 1730 2.30 1.48 1.98
CA VAL F 1730 2.70 0.13 2.32
C VAL F 1730 2.51 -0.76 1.11
N PHE F 1731 3.52 -1.58 0.81
CA PHE F 1731 3.49 -2.42 -0.37
C PHE F 1731 3.43 -3.87 0.10
N ILE F 1732 3.24 -4.79 -0.83
CA ILE F 1732 3.32 -6.19 -0.48
C ILE F 1732 4.48 -6.82 -1.25
N LEU F 1733 5.57 -7.08 -0.55
CA LEU F 1733 6.86 -7.44 -1.11
C LEU F 1733 7.28 -8.83 -0.66
N PRO F 1734 8.18 -9.51 -1.39
CA PRO F 1734 8.51 -10.89 -1.02
C PRO F 1734 9.33 -11.04 0.23
N ALA F 1735 9.92 -9.98 0.74
CA ALA F 1735 10.57 -9.98 2.04
C ALA F 1735 10.33 -8.62 2.67
N LYS F 1736 10.81 -8.43 3.88
CA LYS F 1736 10.65 -7.15 4.55
C LYS F 1736 11.82 -6.24 4.24
N SER F 1737 11.52 -5.01 3.87
CA SER F 1737 12.51 -4.01 3.51
C SER F 1737 12.68 -3.08 4.70
N TYR F 1738 13.87 -3.06 5.27
CA TYR F 1738 14.12 -2.21 6.42
C TYR F 1738 14.76 -0.88 6.02
N THR F 1739 15.68 -0.90 5.08
CA THR F 1739 16.36 0.28 4.62
C THR F 1739 15.71 0.79 3.35
N THR F 1740 16.35 1.76 2.70
CA THR F 1740 15.88 2.30 1.43
C THR F 1740 16.35 1.46 0.26
N THR F 1741 17.62 1.08 0.26
CA THR F 1741 18.17 0.26 -0.82
C THR F 1741 17.57 -1.13 -0.83
N ASP F 1742 17.13 -1.64 0.33
CA ASP F 1742 16.41 -2.91 0.35
C ASP F 1742 15.04 -2.77 -0.26
N PHE F 1743 14.40 -1.61 -0.08
CA PHE F 1743 13.10 -1.39 -0.72
C PHE F 1743 13.26 -1.31 -2.23
N CYS F 1744 14.32 -0.65 -2.71
CA CYS F 1744 14.50 -0.61 -4.16
C CYS F 1744 14.91 -1.97 -4.72
N SER F 1745 15.62 -2.77 -3.93
CA SER F 1745 15.93 -4.14 -4.33
C SER F 1745 14.67 -4.97 -4.44
N LEU F 1746 13.76 -4.83 -3.49
CA LEU F 1746 12.55 -5.63 -3.53
C LEU F 1746 11.57 -5.11 -4.56
N MET F 1747 11.61 -3.83 -4.88
CA MET F 1747 10.76 -3.34 -5.97
C MET F 1747 11.26 -3.79 -7.32
N GLN F 1748 12.57 -3.82 -7.54
CA GLN F 1748 13.03 -4.37 -8.79
C GLN F 1748 12.92 -5.88 -8.86
N GLY F 1749 13.10 -6.55 -7.74
CA GLY F 1749 13.05 -8.00 -7.78
C GLY F 1749 11.66 -8.57 -7.87
N ASN F 1750 10.64 -7.80 -7.54
CA ASN F 1750 9.28 -8.30 -7.57
C ASN F 1750 8.62 -8.14 -8.92
N LEU F 1751 8.90 -7.04 -9.62
CA LEU F 1751 8.07 -6.59 -10.72
C LEU F 1751 8.65 -6.92 -12.08
N ILE F 1752 9.23 -8.10 -12.24
CA ILE F 1752 9.84 -8.48 -13.51
C ILE F 1752 9.19 -9.73 -14.10
N LYS F 1753 8.87 -10.72 -13.28
CA LYS F 1753 8.19 -11.93 -13.74
C LYS F 1753 6.96 -12.15 -12.87
N ASP F 1754 5.95 -12.80 -13.44
CA ASP F 1754 4.83 -13.24 -12.62
C ASP F 1754 5.19 -14.41 -11.72
N LYS F 1755 6.01 -15.33 -12.21
CA LYS F 1755 6.16 -16.62 -11.56
C LYS F 1755 7.12 -16.60 -10.39
N GLU F 1756 8.18 -15.81 -10.45
CA GLU F 1756 9.16 -15.80 -9.37
C GLU F 1756 9.60 -14.37 -9.07
N TRP F 1757 10.51 -14.23 -8.10
CA TRP F 1757 11.10 -12.95 -7.74
C TRP F 1757 12.61 -13.13 -7.59
N TYR F 1758 13.36 -12.06 -7.82
CA TYR F 1758 14.81 -12.12 -7.92
C TYR F 1758 15.46 -11.37 -6.76
N THR F 1759 16.69 -11.74 -6.44
CA THR F 1759 17.47 -11.04 -5.45
C THR F 1759 18.37 -10.04 -6.15
N VAL F 1760 18.13 -8.76 -5.92
CA VAL F 1760 18.74 -7.69 -6.70
C VAL F 1760 19.73 -6.98 -5.81
N HIS F 1761 21.01 -7.14 -6.09
CA HIS F 1761 22.02 -6.30 -5.48
C HIS F 1761 22.57 -5.36 -6.55
N TYR F 1762 23.23 -4.31 -6.08
CA TYR F 1762 23.56 -3.17 -6.90
C TYR F 1762 25.07 -3.07 -7.07
N LEU F 1763 25.49 -2.48 -8.19
CA LEU F 1763 26.92 -2.34 -8.49
C LEU F 1763 27.61 -1.37 -7.53
N LYS F 1764 27.06 -0.16 -7.40
CA LYS F 1764 27.64 0.85 -6.52
C LYS F 1764 26.55 1.53 -5.71
N GLN F 1765 26.95 2.46 -4.85
CA GLN F 1765 26.00 3.20 -4.03
C GLN F 1765 24.96 3.87 -4.91
N ILE F 1766 23.69 3.52 -4.69
CA ILE F 1766 22.60 4.07 -5.47
C ILE F 1766 21.83 5.16 -4.73
N LEU F 1767 22.58 6.10 -4.13
CA LEU F 1767 21.96 7.19 -3.39
C LEU F 1767 22.75 8.49 -3.55
N SER F 1768 22.15 9.60 -3.15
CA SER F 1768 22.80 10.91 -3.25
C SER F 1768 22.78 11.63 -1.91
N GLY F 1769 23.18 12.90 -1.91
CA GLY F 1769 23.21 13.67 -0.68
C GLY F 1769 22.12 14.71 -0.54
N GLY F 1770 20.86 14.30 -0.68
CA GLY F 1770 19.68 15.10 -0.41
C GLY F 1770 19.63 16.33 -1.29
N HIS F 1771 19.17 17.44 -0.68
CA HIS F 1771 19.16 18.78 -1.27
C HIS F 1771 18.33 18.80 -2.55
N LYS F 1772 17.01 18.70 -2.33
CA LYS F 1772 15.98 18.42 -3.34
C LYS F 1772 16.09 19.23 -4.63
N ALA F 1773 16.04 20.56 -4.55
CA ALA F 1773 16.21 21.33 -5.78
C ALA F 1773 17.64 21.83 -5.95
N ILE F 1774 18.64 20.97 -5.76
CA ILE F 1774 20.04 21.38 -5.79
C ILE F 1774 20.81 20.31 -6.55
N MET F 1775 21.76 20.73 -7.40
CA MET F 1775 22.54 19.80 -8.20
C MET F 1775 23.38 18.87 -7.32
N GLN F 1776 23.72 17.73 -7.88
CA GLN F 1776 24.62 16.78 -7.23
C GLN F 1776 25.73 16.43 -8.21
N HIS F 1777 26.88 17.07 -8.05
CA HIS F 1777 28.01 16.81 -8.93
C HIS F 1777 29.07 15.96 -8.26
N ASN F 1778 28.79 15.40 -7.10
CA ASN F 1778 29.74 14.58 -6.36
C ASN F 1778 29.17 13.17 -6.21
N ALA F 1779 29.97 12.18 -6.56
CA ALA F 1779 29.59 10.79 -6.35
C ALA F 1779 29.95 10.36 -4.95
N THR F 1780 29.74 9.08 -4.66
CA THR F 1780 30.01 8.50 -3.36
C THR F 1780 31.29 7.68 -3.42
N SER F 1781 32.10 7.78 -2.37
CA SER F 1781 33.23 6.88 -2.19
C SER F 1781 32.74 5.46 -2.01
N GLU F 1782 33.44 4.51 -2.61
CA GLU F 1782 32.96 3.13 -2.63
C GLU F 1782 33.53 2.32 -1.48
N GLN F 1783 33.07 2.68 -0.29
CA GLN F 1783 33.45 1.97 0.93
C GLN F 1783 32.52 0.79 1.15
N ASN F 1784 31.27 0.91 0.67
CA ASN F 1784 30.29 -0.16 0.78
C ASN F 1784 30.74 -1.40 0.01
N ILE F 1785 31.35 -1.20 -1.15
CA ILE F 1785 31.84 -2.30 -1.96
C ILE F 1785 32.95 -3.04 -1.23
N ALA F 1786 33.82 -2.30 -0.54
CA ALA F 1786 34.88 -2.92 0.23
C ALA F 1786 34.33 -3.73 1.39
N PHE F 1787 33.27 -3.20 2.03
CA PHE F 1787 32.65 -3.89 3.14
C PHE F 1787 32.03 -5.22 2.70
N GLU F 1788 31.20 -5.17 1.65
CA GLU F 1788 30.60 -6.39 1.10
C GLU F 1788 31.66 -7.37 0.65
N CYS F 1789 32.73 -6.88 0.02
CA CYS F 1789 33.77 -7.74 -0.51
C CYS F 1789 34.44 -8.54 0.58
N PHE F 1790 34.89 -7.88 1.64
CA PHE F 1790 35.64 -8.67 2.61
C PHE F 1790 34.75 -9.42 3.56
N LYS F 1791 33.50 -9.01 3.74
CA LYS F 1791 32.56 -9.84 4.49
C LYS F 1791 32.29 -11.15 3.74
N LEU F 1792 32.03 -11.06 2.43
CA LEU F 1792 31.83 -12.25 1.61
C LEU F 1792 33.07 -13.13 1.57
N ILE F 1793 34.25 -12.53 1.47
CA ILE F 1793 35.47 -13.31 1.34
C ILE F 1793 35.78 -14.08 2.62
N THR F 1794 35.67 -13.41 3.78
CA THR F 1794 35.92 -14.11 5.04
C THR F 1794 34.88 -15.20 5.31
N HIS F 1795 33.62 -14.94 5.02
CA HIS F 1795 32.64 -15.99 5.34
C HIS F 1795 32.60 -17.13 4.33
N PHE F 1796 32.86 -16.85 3.05
CA PHE F 1796 33.12 -17.91 2.09
C PHE F 1796 34.32 -18.74 2.48
N ALA F 1797 35.40 -18.09 2.92
CA ALA F 1797 36.64 -18.79 3.18
C ALA F 1797 36.57 -19.64 4.44
N ASP F 1798 35.79 -19.25 5.43
CA ASP F 1798 35.70 -20.12 6.60
C ASP F 1798 34.46 -21.01 6.60
N SER F 1799 33.56 -20.84 5.64
CA SER F 1799 32.46 -21.78 5.50
C SER F 1799 32.76 -22.90 4.52
N PHE F 1800 33.44 -22.64 3.42
CA PHE F 1800 33.53 -23.63 2.35
C PHE F 1800 34.94 -24.15 2.15
N ILE F 1801 35.97 -23.34 2.40
CA ILE F 1801 37.34 -23.79 2.20
C ILE F 1801 37.82 -24.52 3.45
N ASP F 1802 38.68 -25.54 3.26
CA ASP F 1802 39.30 -26.25 4.36
C ASP F 1802 40.12 -25.30 5.23
N SER F 1803 40.16 -25.61 6.53
CA SER F 1803 40.67 -24.67 7.52
C SER F 1803 42.19 -24.55 7.44
N LEU F 1804 42.86 -25.61 7.03
CA LEU F 1804 44.31 -25.63 7.04
C LEU F 1804 44.91 -24.76 5.95
N SER F 1805 44.12 -24.44 4.92
CA SER F 1805 44.56 -23.49 3.88
C SER F 1805 43.45 -22.45 3.67
N ARG F 1806 43.46 -21.41 4.49
CA ARG F 1806 42.59 -20.26 4.31
C ARG F 1806 43.35 -18.95 4.19
N SER F 1807 44.54 -18.85 4.77
CA SER F 1807 45.32 -17.62 4.64
C SER F 1807 45.89 -17.48 3.24
N ALA F 1808 46.35 -18.60 2.67
CA ALA F 1808 46.84 -18.58 1.30
C ALA F 1808 45.72 -18.30 0.31
N PHE F 1809 44.53 -18.81 0.60
CA PHE F 1809 43.35 -18.47 -0.20
C PHE F 1809 43.04 -16.99 -0.13
N LEU F 1810 43.16 -16.39 1.06
CA LEU F 1810 42.91 -14.96 1.23
C LEU F 1810 43.91 -14.12 0.47
N GLN F 1811 45.19 -14.50 0.53
CA GLN F 1811 46.23 -13.78 -0.18
C GLN F 1811 46.05 -13.90 -1.68
N LEU F 1812 45.69 -15.09 -2.15
CA LEU F 1812 45.48 -15.31 -3.57
C LEU F 1812 44.20 -14.63 -4.06
N ILE F 1813 43.24 -14.37 -3.17
CA ILE F 1813 42.11 -13.53 -3.56
C ILE F 1813 42.54 -12.08 -3.67
N ILE F 1814 43.15 -11.54 -2.60
CA ILE F 1814 43.42 -10.10 -2.50
C ILE F 1814 44.39 -9.64 -3.57
N ASP F 1815 45.39 -10.45 -3.89
CA ASP F 1815 46.42 -9.97 -4.81
C ASP F 1815 45.96 -10.06 -6.26
N GLU F 1816 44.85 -10.73 -6.52
CA GLU F 1816 44.69 -11.31 -7.86
C GLU F 1816 43.25 -11.31 -8.36
N PHE F 1817 42.25 -10.91 -7.57
CA PHE F 1817 40.87 -10.87 -8.06
C PHE F 1817 40.37 -9.44 -8.11
N SER F 1818 39.06 -9.32 -8.31
CA SER F 1818 38.36 -8.04 -8.27
C SER F 1818 36.89 -8.28 -7.96
N TYR F 1819 36.32 -7.45 -7.09
CA TYR F 1819 34.91 -7.54 -6.74
C TYR F 1819 34.17 -6.34 -7.32
N LYS F 1820 33.13 -6.62 -8.10
CA LYS F 1820 32.28 -5.60 -8.75
C LYS F 1820 33.10 -4.58 -9.54
N ASP F 1821 33.97 -5.11 -10.40
CA ASP F 1821 34.84 -4.38 -11.34
C ASP F 1821 35.90 -3.54 -10.65
N VAL F 1822 36.13 -3.71 -9.36
CA VAL F 1822 37.15 -2.97 -8.63
C VAL F 1822 38.13 -3.97 -8.05
N LYS F 1823 39.42 -3.72 -8.26
CA LYS F 1823 40.48 -4.62 -7.77
C LYS F 1823 40.44 -4.73 -6.27
N VAL F 1824 40.44 -5.96 -5.76
CA VAL F 1824 40.22 -6.21 -4.33
C VAL F 1824 41.39 -5.73 -3.48
N SER F 1825 42.57 -5.57 -4.08
CA SER F 1825 43.66 -4.90 -3.37
C SER F 1825 43.33 -3.45 -3.08
N LYS F 1826 42.59 -2.80 -3.99
CA LYS F 1826 42.17 -1.43 -3.73
C LYS F 1826 41.10 -1.37 -2.65
N LEU F 1827 40.20 -2.36 -2.60
CA LEU F 1827 39.21 -2.36 -1.52
C LEU F 1827 39.86 -2.63 -0.17
N TYR F 1828 40.92 -3.44 -0.18
CA TYR F 1828 41.67 -3.67 1.05
C TYR F 1828 42.42 -2.41 1.47
N ASP F 1829 42.89 -1.63 0.49
CA ASP F 1829 43.50 -0.33 0.83
C ASP F 1829 42.45 0.65 1.34
N ILE F 1830 41.21 0.52 0.89
CA ILE F 1830 40.13 1.37 1.42
C ILE F 1830 39.84 1.02 2.87
N ILE F 1831 39.83 -0.27 3.19
CA ILE F 1831 39.55 -0.69 4.57
C ILE F 1831 40.70 -0.30 5.50
N LYS F 1832 41.95 -0.48 5.05
CA LYS F 1832 43.09 -0.14 5.91
C LYS F 1832 43.20 1.36 6.14
N ASN F 1833 42.85 2.17 5.16
CA ASN F 1833 42.92 3.62 5.32
C ASN F 1833 41.70 4.21 6.00
N GLY F 1834 40.68 3.41 6.26
CA GLY F 1834 39.47 3.91 6.88
C GLY F 1834 39.64 4.10 8.37
N TYR F 1835 38.54 4.49 9.00
CA TYR F 1835 38.50 4.69 10.44
C TYR F 1835 37.65 3.65 11.15
N ASN F 1836 37.26 2.58 10.46
CA ASN F 1836 36.58 1.47 11.10
C ASN F 1836 37.28 0.17 10.79
N ARG F 1837 38.59 0.17 11.03
CA ARG F 1837 39.37 -1.05 11.00
C ARG F 1837 38.98 -2.04 12.08
N THR F 1838 38.26 -1.59 13.11
CA THR F 1838 37.81 -2.47 14.18
C THR F 1838 36.69 -3.41 13.76
N ASP F 1839 36.02 -3.11 12.65
CA ASP F 1839 35.04 -4.05 12.12
C ASP F 1839 35.70 -5.25 11.46
N PHE F 1840 36.96 -5.11 11.05
CA PHE F 1840 37.64 -6.12 10.25
C PHE F 1840 38.86 -6.68 10.95
N ILE F 1841 38.75 -6.84 12.28
CA ILE F 1841 39.87 -7.37 13.06
C ILE F 1841 40.32 -8.77 12.65
N PRO F 1842 39.43 -9.77 12.43
CA PRO F 1842 39.94 -11.05 11.91
C PRO F 1842 40.50 -10.97 10.51
N LEU F 1843 39.98 -10.05 9.68
CA LEU F 1843 40.58 -9.86 8.36
C LEU F 1843 41.91 -9.14 8.47
N LEU F 1844 42.06 -8.23 9.43
CA LEU F 1844 43.32 -7.52 9.56
C LEU F 1844 44.40 -8.39 10.18
N PHE F 1845 44.00 -9.42 10.91
CA PHE F 1845 44.94 -10.46 11.29
C PHE F 1845 44.99 -11.51 10.17
N ARG F 1846 45.98 -12.40 10.25
CA ARG F 1846 46.37 -13.39 9.24
C ARG F 1846 46.88 -12.76 7.95
N THR F 1847 47.09 -11.44 7.95
CA THR F 1847 47.65 -10.74 6.82
C THR F 1847 48.69 -9.71 7.20
N GLY F 1848 48.81 -9.37 8.48
CA GLY F 1848 49.88 -8.52 8.96
C GLY F 1848 49.62 -7.05 8.97
N ASP F 1849 48.37 -6.61 8.96
CA ASP F 1849 48.06 -5.18 9.01
C ASP F 1849 47.13 -4.94 10.19
N LEU F 1850 47.71 -4.85 11.37
CA LEU F 1850 46.93 -4.76 12.60
C LEU F 1850 47.87 -4.25 13.69
N ARG F 1851 47.41 -3.31 14.50
CA ARG F 1851 48.23 -2.80 15.58
C ARG F 1851 47.35 -2.42 16.76
N GLN F 1852 47.99 -1.87 17.78
CA GLN F 1852 47.40 -1.80 19.11
C GLN F 1852 46.29 -0.78 19.18
N ALA F 1853 46.37 0.28 18.36
CA ALA F 1853 45.34 1.32 18.34
C ALA F 1853 44.00 0.76 17.90
N ASP F 1854 44.02 -0.23 17.00
CA ASP F 1854 42.80 -0.88 16.55
C ASP F 1854 42.15 -1.67 17.67
N LEU F 1855 42.96 -2.41 18.43
CA LEU F 1855 42.42 -3.22 19.52
C LEU F 1855 41.90 -2.35 20.66
N ASP F 1856 42.62 -1.25 20.94
CA ASP F 1856 42.18 -0.32 21.98
C ASP F 1856 40.91 0.39 21.56
N LYS F 1857 40.79 0.70 20.27
CA LYS F 1857 39.59 1.33 19.74
C LYS F 1857 38.40 0.38 19.80
N TYR F 1858 38.67 -0.87 19.43
CA TYR F 1858 37.68 -1.95 19.41
C TYR F 1858 37.16 -2.28 20.80
N ASP F 1859 38.05 -2.26 21.78
CA ASP F 1859 37.68 -2.58 23.15
C ASP F 1859 36.62 -1.63 23.71
N ALA F 1860 36.73 -0.36 23.37
CA ALA F 1860 35.76 0.61 23.85
C ALA F 1860 34.36 0.27 23.33
N MET F 1861 34.27 -0.11 22.06
CA MET F 1861 32.98 -0.45 21.46
C MET F 1861 32.28 -1.56 22.24
N LYS F 1862 32.56 -2.82 21.88
CA LYS F 1862 31.95 -3.96 22.55
C LYS F 1862 32.61 -4.23 23.89
N SER F 1863 32.08 -3.60 24.94
CA SER F 1863 32.62 -3.78 26.28
C SER F 1863 31.89 -4.87 27.05
N HIS F 1864 32.64 -5.79 27.64
CA HIS F 1864 32.06 -6.88 28.40
C HIS F 1864 32.49 -6.84 29.86
N GLU F 1865 32.01 -7.78 30.66
CA GLU F 1865 32.35 -7.83 32.07
C GLU F 1865 33.33 -8.94 32.38
N ARG F 1866 34.30 -8.67 33.25
CA ARG F 1866 35.29 -9.65 33.62
C ARG F 1866 35.33 -9.79 35.14
N VAL F 1867 35.07 -10.99 35.63
CA VAL F 1867 35.17 -11.29 37.06
C VAL F 1867 36.47 -12.03 37.29
N THR F 1868 36.90 -12.09 38.55
CA THR F 1868 38.02 -12.93 38.95
C THR F 1868 37.66 -13.69 40.21
N TRP F 1869 38.64 -14.43 40.71
CA TRP F 1869 38.82 -14.78 42.12
C TRP F 1869 37.63 -15.49 42.80
N ASN F 1870 37.37 -16.73 42.40
CA ASN F 1870 36.41 -17.57 43.09
C ASN F 1870 37.13 -18.51 44.07
N ASP F 1871 38.14 -18.00 44.78
CA ASP F 1871 39.01 -18.76 45.69
C ASP F 1871 38.17 -19.39 46.80
N TRP F 1872 37.42 -18.62 47.58
CA TRP F 1872 36.58 -19.22 48.60
C TRP F 1872 35.25 -18.48 48.71
N ILE F 1883 40.32 -12.48 50.13
CA ILE F 1883 38.89 -12.60 49.96
C ILE F 1883 38.47 -11.34 49.21
N ASN F 1884 39.22 -11.06 48.15
CA ASN F 1884 39.16 -9.78 47.45
C ASN F 1884 38.83 -10.00 45.99
N LEU F 1885 37.76 -9.36 45.53
CA LEU F 1885 37.23 -9.54 44.19
C LEU F 1885 37.71 -8.40 43.29
N THR F 1886 37.96 -8.71 42.03
CA THR F 1886 38.42 -7.73 41.06
C THR F 1886 37.56 -7.82 39.80
N ILE F 1887 36.53 -6.97 39.74
CA ILE F 1887 35.58 -6.98 38.64
C ILE F 1887 35.99 -5.87 37.68
N THR F 1888 36.58 -6.24 36.54
CA THR F 1888 37.10 -5.26 35.62
C THR F 1888 36.20 -5.14 34.40
N GLY F 1889 36.04 -3.92 33.92
CA GLY F 1889 35.36 -3.65 32.68
C GLY F 1889 36.10 -2.55 31.96
N TYR F 1890 35.52 -1.99 30.91
CA TYR F 1890 36.23 -0.95 30.14
C TYR F 1890 36.27 0.35 30.93
N ASN F 1891 37.46 0.70 31.45
CA ASN F 1891 37.70 1.85 32.32
C ASN F 1891 36.87 1.79 33.60
N ARG F 1892 36.48 0.60 34.04
CA ARG F 1892 35.57 0.42 35.16
C ARG F 1892 36.04 -0.79 35.94
N SER F 1893 36.55 -0.59 37.14
CA SER F 1893 36.99 -1.72 37.95
C SER F 1893 36.69 -1.45 39.42
N ILE F 1894 36.29 -2.50 40.13
CA ILE F 1894 35.96 -2.42 41.54
C ILE F 1894 36.91 -3.36 42.27
N THR F 1895 37.13 -3.10 43.56
CA THR F 1895 37.88 -4.00 44.42
C THR F 1895 37.18 -4.04 45.76
N ILE F 1896 36.75 -5.24 46.17
CA ILE F 1896 35.87 -5.41 47.32
C ILE F 1896 36.56 -6.30 48.33
N ILE F 1897 36.71 -5.79 49.56
CA ILE F 1897 37.54 -6.41 50.59
C ILE F 1897 36.69 -6.68 51.83
N GLY F 1898 36.52 -7.95 52.16
CA GLY F 1898 35.82 -8.30 53.38
C GLY F 1898 35.63 -9.78 53.56
N GLU F 1899 35.16 -10.15 54.76
CA GLU F 1899 34.90 -11.53 55.15
C GLU F 1899 33.55 -11.99 54.61
N ASP F 1900 33.06 -13.12 55.16
CA ASP F 1900 31.69 -13.52 54.89
C ASP F 1900 30.69 -12.57 55.57
N ASN F 1901 30.97 -12.16 56.81
CA ASN F 1901 30.04 -11.28 57.50
C ASN F 1901 30.21 -9.82 57.09
N LYS F 1902 31.36 -9.23 57.39
CA LYS F 1902 31.52 -7.79 57.32
C LYS F 1902 32.54 -7.43 56.24
N LEU F 1903 32.21 -6.40 55.47
CA LEU F 1903 33.09 -5.89 54.43
C LEU F 1903 33.80 -4.64 54.94
N THR F 1904 35.10 -4.53 54.67
CA THR F 1904 35.89 -3.44 55.23
C THR F 1904 35.78 -2.17 54.41
N TYR F 1905 36.26 -2.18 53.17
CA TYR F 1905 36.09 -1.04 52.28
C TYR F 1905 36.07 -1.55 50.85
N ALA F 1906 35.57 -0.71 49.95
CA ALA F 1906 35.48 -1.08 48.55
C ALA F 1906 35.94 0.09 47.70
N GLU F 1907 36.81 -0.18 46.74
CA GLU F 1907 37.40 0.85 45.89
C GLU F 1907 36.87 0.66 44.49
N LEU F 1908 36.14 1.65 43.99
CA LEU F 1908 35.78 1.66 42.59
C LEU F 1908 36.88 2.40 41.84
N CYS F 1909 37.00 2.14 40.54
CA CYS F 1909 37.95 2.86 39.69
C CYS F 1909 37.28 3.15 38.35
N LEU F 1910 37.23 4.41 37.96
CA LEU F 1910 36.50 4.85 36.79
C LEU F 1910 37.39 5.70 35.89
N THR F 1911 36.81 6.18 34.80
CA THR F 1911 37.50 7.15 33.95
C THR F 1911 37.04 8.57 34.22
N ARG F 1912 35.79 8.74 34.62
CA ARG F 1912 35.25 10.03 35.01
C ARG F 1912 34.35 9.82 36.22
N LYS F 1913 34.26 10.86 37.04
CA LYS F 1913 33.59 10.77 38.33
C LYS F 1913 32.34 11.65 38.29
N THR F 1914 31.25 11.09 37.77
CA THR F 1914 29.96 11.77 37.70
C THR F 1914 28.93 10.83 38.30
N PRO F 1915 27.91 11.38 38.98
CA PRO F 1915 26.97 10.50 39.70
C PRO F 1915 26.08 9.65 38.80
N GLU F 1916 25.97 10.00 37.52
CA GLU F 1916 25.36 9.08 36.57
C GLU F 1916 26.27 7.88 36.34
N ASN F 1917 27.54 8.15 36.03
CA ASN F 1917 28.45 7.10 35.59
C ASN F 1917 28.81 6.17 36.74
N ILE F 1918 28.76 6.67 37.98
CA ILE F 1918 29.03 5.82 39.14
C ILE F 1918 27.94 4.78 39.29
N THR F 1919 26.67 5.18 39.14
CA THR F 1919 25.59 4.23 39.28
C THR F 1919 25.50 3.30 38.07
N ILE F 1920 25.85 3.80 36.88
CA ILE F 1920 25.90 2.95 35.69
C ILE F 1920 26.97 1.88 35.84
N SER F 1921 28.15 2.28 36.29
CA SER F 1921 29.25 1.35 36.50
C SER F 1921 28.95 0.39 37.64
N GLY F 1922 28.28 0.87 38.68
CA GLY F 1922 27.88 -0.01 39.76
C GLY F 1922 26.84 -1.00 39.33
N ARG F 1923 25.98 -0.61 38.40
CA ARG F 1923 24.98 -1.55 37.89
C ARG F 1923 25.63 -2.62 37.02
N LYS F 1924 26.53 -2.21 36.13
CA LYS F 1924 27.10 -3.17 35.18
C LYS F 1924 28.12 -4.08 35.86
N LEU F 1925 28.98 -3.54 36.72
CA LEU F 1925 29.99 -4.34 37.39
C LEU F 1925 29.41 -5.26 38.48
N LEU F 1926 28.16 -5.06 38.88
CA LEU F 1926 27.55 -5.86 39.93
C LEU F 1926 26.35 -6.60 39.36
N GLY F 1927 26.56 -7.21 38.20
CA GLY F 1927 25.50 -7.95 37.53
C GLY F 1927 26.00 -9.30 37.04
N SER F 1928 27.28 -9.56 37.24
CA SER F 1928 27.89 -10.82 36.83
C SER F 1928 27.86 -11.83 37.97
N ARG F 1929 28.90 -12.65 38.04
CA ARG F 1929 29.00 -13.66 39.09
C ARG F 1929 29.52 -13.02 40.37
N HIS F 1930 28.65 -12.90 41.37
CA HIS F 1930 29.03 -12.30 42.64
C HIS F 1930 28.96 -13.28 43.79
N GLY F 1931 30.11 -13.59 44.39
CA GLY F 1931 30.16 -14.49 45.51
C GLY F 1931 28.87 -14.57 46.29
N LEU F 1932 28.47 -13.49 46.95
CA LEU F 1932 27.47 -13.59 47.99
C LEU F 1932 26.43 -12.49 47.90
N LYS F 1933 25.59 -12.42 48.93
CA LYS F 1933 24.40 -11.58 48.97
C LYS F 1933 24.50 -10.48 50.02
N PHE F 1934 25.73 -10.19 50.46
CA PHE F 1934 26.08 -9.00 51.26
C PHE F 1934 25.39 -8.99 52.62
N GLU F 1935 25.10 -10.16 53.18
CA GLU F 1935 24.06 -10.29 54.20
C GLU F 1935 24.53 -9.76 55.55
N ASN F 1936 24.48 -8.43 55.67
CA ASN F 1936 24.53 -7.68 56.92
C ASN F 1936 24.03 -6.27 56.61
N MET F 1937 24.23 -5.35 57.55
CA MET F 1937 23.97 -3.93 57.31
C MET F 1937 25.04 -3.10 57.99
N SER F 1938 24.88 -1.78 57.90
CA SER F 1938 25.75 -0.82 58.56
C SER F 1938 25.05 0.53 58.55
N LYS F 1939 25.11 1.25 59.67
CA LYS F 1939 24.59 2.61 59.70
C LYS F 1939 25.46 3.49 58.83
N ILE F 1940 24.84 4.50 58.21
CA ILE F 1940 25.36 5.03 56.97
C ILE F 1940 25.02 6.51 56.83
N GLN F 1941 25.99 7.26 56.33
CA GLN F 1941 25.93 8.72 56.25
C GLN F 1941 26.01 9.24 54.83
N ASN F 1946 27.96 10.58 49.36
CA ASN F 1946 28.47 9.38 50.02
C ASN F 1946 27.83 8.14 49.41
N TYR F 1947 28.65 7.29 48.82
CA TYR F 1947 28.17 6.17 48.02
C TYR F 1947 28.38 4.84 48.72
N TYR F 1948 27.40 3.96 48.59
CA TYR F 1948 27.43 2.66 49.23
C TYR F 1948 26.87 1.65 48.26
N ILE F 1949 27.07 0.37 48.57
CA ILE F 1949 26.49 -0.71 47.80
C ILE F 1949 25.28 -1.24 48.58
N THR F 1950 24.18 -1.51 47.87
CA THR F 1950 22.90 -1.88 48.46
C THR F 1950 22.39 -3.19 47.89
N TYR F 1951 21.18 -3.56 48.30
CA TYR F 1951 20.41 -4.62 47.66
C TYR F 1951 18.96 -4.50 48.10
N ARG F 1952 18.04 -4.65 47.16
CA ARG F 1952 16.64 -4.81 47.52
C ARG F 1952 16.32 -6.28 47.44
N LYS F 1953 15.30 -6.72 48.16
CA LYS F 1953 14.89 -8.10 48.01
C LYS F 1953 13.79 -8.19 46.97
N LYS F 1954 13.77 -9.30 46.27
CA LYS F 1954 12.84 -9.58 45.20
C LYS F 1954 12.45 -11.05 45.35
N ASP F 1955 11.18 -11.35 45.09
CA ASP F 1955 10.56 -12.55 45.62
C ASP F 1955 11.19 -13.80 45.00
N ARG F 1956 11.29 -14.85 45.83
CA ARG F 1956 11.94 -16.12 45.50
C ARG F 1956 13.40 -15.95 45.09
N HIS F 1957 14.23 -15.52 46.05
CA HIS F 1957 15.70 -15.54 45.95
C HIS F 1957 16.22 -14.67 44.82
N GLN F 1958 15.77 -13.43 44.74
CA GLN F 1958 16.26 -12.48 43.76
C GLN F 1958 16.61 -11.16 44.44
N PHE F 1959 17.68 -10.52 43.97
CA PHE F 1959 18.12 -9.23 44.50
C PHE F 1959 18.69 -8.42 43.34
N VAL F 1960 18.83 -7.11 43.53
CA VAL F 1960 19.52 -6.28 42.55
C VAL F 1960 20.69 -5.60 43.27
N TYR F 1961 21.82 -5.51 42.57
CA TYR F 1961 23.09 -5.08 43.16
C TYR F 1961 23.58 -3.86 42.42
N GLN F 1962 23.50 -2.70 43.06
CA GLN F 1962 23.91 -1.46 42.43
C GLN F 1962 24.24 -0.43 43.50
N ILE F 1963 25.07 0.53 43.13
CA ILE F 1963 25.56 1.55 44.04
C ILE F 1963 24.61 2.72 44.05
N HIS F 1964 24.22 3.16 45.24
CA HIS F 1964 23.42 4.36 45.43
C HIS F 1964 24.16 5.36 46.31
N SER F 1965 23.71 6.60 46.24
CA SER F 1965 24.01 7.59 47.26
C SER F 1965 23.12 7.32 48.47
N HIS F 1966 23.62 7.72 49.66
CA HIS F 1966 22.85 7.67 50.89
C HIS F 1966 21.51 8.38 50.76
N GLU F 1967 21.53 9.56 50.16
CA GLU F 1967 20.33 10.33 49.91
C GLU F 1967 19.37 9.56 49.01
N SER F 1968 19.90 8.88 48.00
CA SER F 1968 19.05 8.15 47.08
C SER F 1968 18.54 6.86 47.70
N ILE F 1969 19.28 6.30 48.66
CA ILE F 1969 18.77 5.17 49.44
C ILE F 1969 17.54 5.61 50.24
N THR F 1970 17.65 6.78 50.88
CA THR F 1970 16.51 7.29 51.64
C THR F 1970 15.33 7.67 50.75
N ARG F 1971 15.61 8.29 49.60
CA ARG F 1971 14.54 8.72 48.69
C ARG F 1971 13.81 7.53 48.08
N ARG F 1972 14.56 6.51 47.67
CA ARG F 1972 13.89 5.36 47.07
C ARG F 1972 13.20 4.52 48.12
N ASN F 1973 13.69 4.53 49.36
CA ASN F 1973 12.95 3.87 50.43
C ASN F 1973 11.66 4.60 50.75
N GLU F 1974 11.67 5.93 50.66
CA GLU F 1974 10.45 6.69 50.82
C GLU F 1974 9.45 6.42 49.70
N GLU F 1975 9.92 6.39 48.45
CA GLU F 1975 9.01 6.20 47.33
C GLU F 1975 8.46 4.79 47.28
N HIS F 1976 9.26 3.79 47.67
CA HIS F 1976 8.67 2.47 47.77
C HIS F 1976 7.91 2.29 49.08
N MET F 1977 8.05 3.22 50.03
CA MET F 1977 7.12 3.31 51.15
C MET F 1977 5.90 4.16 50.86
N ALA F 1978 5.51 4.33 49.60
CA ALA F 1978 4.18 4.84 49.30
C ALA F 1978 3.14 3.83 49.75
N ILE F 1979 1.98 4.33 50.17
CA ILE F 1979 0.91 3.47 50.66
C ILE F 1979 0.33 2.75 49.45
N ARG F 1980 0.76 1.52 49.21
CA ARG F 1980 0.26 0.80 48.04
C ARG F 1980 0.11 -0.71 48.23
N THR F 1981 0.03 -1.41 47.10
CA THR F 1981 -0.14 -2.85 47.10
C THR F 1981 1.20 -3.59 47.03
N ARG F 1982 2.16 -3.02 46.30
CA ARG F 1982 3.48 -3.62 46.17
C ARG F 1982 4.08 -3.86 47.55
N ILE F 1983 4.37 -5.11 47.87
CA ILE F 1983 4.92 -5.41 49.19
C ILE F 1983 6.33 -4.90 49.30
N TYR F 1984 6.59 -4.15 50.37
CA TYR F 1984 7.74 -3.27 50.46
C TYR F 1984 9.03 -4.00 50.73
N ASN F 1985 10.07 -3.61 50.00
CA ASN F 1985 11.39 -4.21 50.10
C ASN F 1985 12.41 -3.09 50.28
N GLU F 1986 13.14 -3.11 51.38
CA GLU F 1986 14.12 -2.06 51.58
C GLU F 1986 15.35 -2.30 50.73
N ILE F 1987 16.07 -1.22 50.44
CA ILE F 1987 17.42 -1.31 49.92
C ILE F 1987 18.38 -1.15 51.09
N THR F 1988 18.56 -2.24 51.83
CA THR F 1988 19.37 -2.20 53.04
C THR F 1988 20.83 -2.14 52.64
N PRO F 1989 21.52 -1.09 53.03
CA PRO F 1989 22.82 -0.80 52.41
C PRO F 1989 24.00 -1.41 53.14
N VAL F 1990 25.01 -1.75 52.36
CA VAL F 1990 26.26 -2.28 52.90
C VAL F 1990 27.42 -1.44 52.37
N CYS F 1991 28.63 -2.01 52.49
CA CYS F 1991 29.96 -1.38 52.51
C CYS F 1991 30.25 -0.13 51.68
N VAL F 1992 31.09 0.73 52.24
CA VAL F 1992 31.41 2.03 51.66
C VAL F 1992 32.11 1.86 50.33
N VAL F 1993 31.83 2.73 49.39
CA VAL F 1993 32.47 2.70 48.08
C VAL F 1993 33.34 3.93 47.90
N ASN F 1994 34.65 3.70 47.88
CA ASN F 1994 35.63 4.75 47.60
C ASN F 1994 35.73 4.91 46.10
N VAL F 1995 35.38 6.08 45.59
CA VAL F 1995 35.35 6.33 44.16
C VAL F 1995 36.62 7.11 43.78
N ALA F 1996 37.53 6.42 43.12
CA ALA F 1996 38.74 7.01 42.54
C ALA F 1996 38.61 7.02 41.03
N GLU F 1997 39.60 7.58 40.35
CA GLU F 1997 39.61 7.55 38.89
C GLU F 1997 41.03 7.36 38.39
N VAL F 1998 41.19 6.46 37.42
CA VAL F 1998 42.48 6.14 36.84
C VAL F 1998 42.28 5.89 35.36
N ASP F 1999 43.36 6.00 34.59
CA ASP F 1999 43.30 5.78 33.15
C ASP F 1999 43.10 4.29 32.86
N GLY F 2000 42.04 3.98 32.13
CA GLY F 2000 41.74 2.60 31.78
C GLY F 2000 42.92 1.87 31.16
N ASP F 2001 43.23 0.69 31.68
CA ASP F 2001 44.33 -0.11 31.16
C ASP F 2001 43.94 -0.85 29.89
N GLN F 2002 44.93 -1.42 29.22
CA GLN F 2002 44.69 -2.16 27.98
C GLN F 2002 44.36 -3.63 28.27
N ARG F 2003 43.17 -4.05 27.84
CA ARG F 2003 42.72 -5.42 28.06
C ARG F 2003 43.31 -6.42 27.06
N ILE F 2004 43.51 -5.97 25.83
CA ILE F 2004 44.06 -6.82 24.78
C ILE F 2004 45.37 -6.31 24.19
N LEU F 2005 46.33 -7.22 24.07
CA LEU F 2005 47.64 -6.90 23.50
C LEU F 2005 47.78 -7.63 22.19
N ILE F 2006 48.40 -6.99 21.21
CA ILE F 2006 48.57 -7.61 19.90
C ILE F 2006 49.40 -8.88 19.97
N ARG F 2007 50.45 -8.85 20.79
CA ARG F 2007 51.30 -10.02 20.96
C ARG F 2007 50.47 -11.15 21.57
N SER F 2008 49.59 -10.78 22.49
CA SER F 2008 48.72 -11.72 23.20
C SER F 2008 48.02 -12.68 22.25
N LEU F 2009 47.19 -12.14 21.34
CA LEU F 2009 46.26 -12.95 20.58
C LEU F 2009 46.93 -13.77 19.47
N ASP F 2010 48.23 -13.57 19.26
CA ASP F 2010 48.98 -14.43 18.35
C ASP F 2010 49.10 -15.83 18.95
N TYR F 2011 49.17 -15.92 20.28
CA TYR F 2011 49.18 -17.23 20.93
C TYR F 2011 47.78 -17.80 21.06
N LEU F 2012 46.77 -16.93 21.18
CA LEU F 2012 45.42 -17.38 21.50
C LEU F 2012 44.74 -17.99 20.29
N ASN F 2013 45.30 -17.76 19.10
CA ASN F 2013 44.61 -18.06 17.86
C ASN F 2013 45.28 -19.15 17.04
N ASN F 2014 46.21 -19.89 17.64
CA ASN F 2014 46.94 -20.91 16.89
C ASN F 2014 46.11 -22.15 16.63
N ASP F 2015 45.09 -22.39 17.42
CA ASP F 2015 44.18 -23.52 17.21
C ASP F 2015 42.89 -23.10 16.52
N ILE F 2016 42.72 -21.82 16.22
CA ILE F 2016 41.49 -21.31 15.61
C ILE F 2016 41.86 -20.84 14.20
N PHE F 2017 41.53 -21.64 13.20
CA PHE F 2017 41.81 -21.32 11.81
C PHE F 2017 40.51 -20.85 11.18
N SER F 2018 40.18 -19.57 11.35
CA SER F 2018 38.96 -19.02 10.79
C SER F 2018 39.14 -17.53 10.59
N LEU F 2019 38.74 -17.04 9.42
CA LEU F 2019 39.03 -15.65 9.06
C LEU F 2019 37.96 -14.68 9.50
N SER F 2020 37.00 -15.11 10.31
CA SER F 2020 35.91 -14.24 10.73
C SER F 2020 35.52 -14.47 12.17
N ARG F 2021 36.39 -15.06 12.98
CA ARG F 2021 35.98 -15.68 14.22
C ARG F 2021 36.99 -15.46 15.35
N ILE F 2022 38.02 -14.63 15.13
CA ILE F 2022 39.20 -14.49 15.98
C ILE F 2022 38.86 -14.14 17.43
N LYS F 2023 39.64 -14.65 18.38
CA LYS F 2023 39.40 -14.37 19.78
C LYS F 2023 40.43 -13.36 20.28
N VAL F 2024 39.95 -12.36 21.03
CA VAL F 2024 40.80 -11.28 21.51
C VAL F 2024 40.83 -11.34 23.03
N GLY F 2025 40.36 -12.44 23.58
CA GLY F 2025 40.38 -12.61 25.02
C GLY F 2025 40.14 -14.07 25.36
N LEU F 2026 39.68 -14.30 26.59
CA LEU F 2026 39.45 -15.67 27.04
C LEU F 2026 38.25 -16.28 26.34
N ASP F 2027 37.14 -15.55 26.29
CA ASP F 2027 35.94 -16.06 25.67
C ASP F 2027 35.29 -15.12 24.66
N GLU F 2028 35.66 -13.84 24.63
CA GLU F 2028 35.03 -12.93 23.68
C GLU F 2028 35.69 -13.10 22.31
N PHE F 2029 34.89 -13.00 21.27
CA PHE F 2029 35.34 -13.19 19.90
C PHE F 2029 35.29 -11.86 19.15
N ALA F 2030 35.75 -11.93 17.91
CA ALA F 2030 35.72 -10.80 16.99
C ALA F 2030 35.24 -11.41 15.68
N THR F 2031 34.14 -10.91 15.13
CA THR F 2031 33.63 -11.49 13.89
C THR F 2031 33.29 -10.48 12.79
N ILE F 2032 33.77 -10.74 11.59
CA ILE F 2032 33.48 -9.89 10.44
C ILE F 2032 32.02 -10.15 10.04
N LYS F 2033 31.30 -9.10 9.67
CA LYS F 2033 29.90 -9.26 9.28
C LYS F 2033 29.70 -10.10 8.01
N LYS F 2034 28.72 -10.98 8.03
CA LYS F 2034 28.40 -11.84 6.89
C LYS F 2034 27.77 -11.08 5.72
N ALA F 2035 28.07 -11.48 4.49
CA ALA F 2035 27.55 -10.75 3.34
C ALA F 2035 26.48 -11.44 2.48
N HIS F 2036 25.90 -12.54 2.98
CA HIS F 2036 24.86 -13.29 2.26
C HIS F 2036 25.21 -13.70 0.83
N PHE F 2037 26.02 -14.75 0.72
CA PHE F 2037 26.52 -15.34 -0.55
C PHE F 2037 26.04 -14.95 -1.96
N SER F 2038 24.73 -14.76 -2.18
CA SER F 2038 24.14 -14.38 -3.47
C SER F 2038 24.96 -13.35 -4.26
N LYS F 2039 25.70 -12.53 -3.52
CA LYS F 2039 26.60 -11.54 -4.10
C LYS F 2039 27.95 -12.13 -4.47
N MET F 2040 28.08 -13.45 -4.44
CA MET F 2040 29.34 -14.08 -4.81
C MET F 2040 29.53 -14.17 -6.31
N VAL F 2041 28.56 -13.74 -7.10
CA VAL F 2041 28.68 -13.87 -8.54
C VAL F 2041 29.60 -12.78 -9.08
N SER F 2042 29.85 -11.74 -8.30
CA SER F 2042 30.51 -10.54 -8.79
C SER F 2042 32.02 -10.58 -8.62
N PHE F 2043 32.62 -11.76 -8.60
CA PHE F 2043 34.07 -11.92 -8.60
C PHE F 2043 34.51 -12.22 -10.03
N GLU F 2044 35.41 -11.41 -10.56
CA GLU F 2044 36.01 -11.67 -11.85
C GLU F 2044 37.48 -11.97 -11.61
N GLY F 2045 37.81 -13.24 -11.45
CA GLY F 2045 39.15 -13.62 -11.09
C GLY F 2045 39.65 -14.84 -11.82
N PRO F 2046 40.93 -14.79 -12.24
CA PRO F 2046 41.53 -15.95 -12.91
C PRO F 2046 41.19 -17.22 -12.12
N PRO F 2047 41.42 -18.40 -12.72
CA PRO F 2047 41.13 -19.69 -12.10
C PRO F 2047 41.95 -20.00 -10.84
N ILE F 2048 41.45 -20.93 -10.04
CA ILE F 2048 42.11 -21.34 -8.80
C ILE F 2048 42.05 -22.85 -8.65
N LYS F 2049 42.89 -23.55 -9.42
CA LYS F 2049 42.92 -25.01 -9.39
C LYS F 2049 43.50 -25.58 -8.10
N THR F 2050 42.75 -26.50 -7.49
CA THR F 2050 43.18 -27.14 -6.26
C THR F 2050 42.91 -28.64 -6.37
N GLY F 2051 43.86 -29.36 -6.97
CA GLY F 2051 43.73 -30.79 -7.16
C GLY F 2051 42.79 -31.15 -8.29
N LEU F 2052 41.49 -31.00 -8.06
CA LEU F 2052 40.50 -31.24 -9.11
C LEU F 2052 39.35 -30.25 -9.09
N LEU F 2053 39.42 -29.18 -8.30
CA LEU F 2053 38.34 -28.22 -8.20
C LEU F 2053 38.83 -26.83 -8.56
N ASP F 2054 37.92 -26.03 -9.13
CA ASP F 2054 38.14 -24.61 -9.34
C ASP F 2054 37.27 -23.87 -8.33
N LEU F 2055 37.91 -23.25 -7.35
CA LEU F 2055 37.17 -22.52 -6.33
C LEU F 2055 36.59 -21.22 -6.88
N THR F 2056 37.11 -20.72 -8.00
CA THR F 2056 36.46 -19.62 -8.71
C THR F 2056 35.09 -20.05 -9.22
N GLU F 2057 35.00 -21.27 -9.76
CA GLU F 2057 33.71 -21.82 -10.16
C GLU F 2057 32.83 -22.13 -8.96
N LEU F 2058 33.43 -22.36 -7.79
CA LEU F 2058 32.63 -22.50 -6.57
C LEU F 2058 32.06 -21.17 -6.14
N MET F 2059 32.81 -20.08 -6.35
CA MET F 2059 32.28 -18.74 -6.12
C MET F 2059 31.15 -18.44 -7.08
N LYS F 2060 31.31 -18.81 -8.35
CA LYS F 2060 30.30 -18.54 -9.36
C LYS F 2060 29.15 -19.54 -9.33
N SER F 2061 29.22 -20.57 -8.49
CA SER F 2061 28.15 -21.55 -8.40
C SER F 2061 26.93 -20.93 -7.72
N GLN F 2062 25.78 -21.53 -7.97
CA GLN F 2062 24.56 -21.02 -7.36
C GLN F 2062 23.77 -22.09 -6.61
N ASP F 2063 24.02 -23.36 -6.89
CA ASP F 2063 23.34 -24.46 -6.22
C ASP F 2063 24.16 -25.07 -5.09
N LEU F 2064 25.42 -24.69 -4.95
CA LEU F 2064 26.32 -25.32 -4.00
C LEU F 2064 26.79 -24.38 -2.91
N LEU F 2065 26.35 -23.13 -2.90
CA LEU F 2065 26.75 -22.17 -1.88
C LEU F 2065 25.74 -22.08 -0.75
N ASN F 2066 24.80 -23.01 -0.67
CA ASN F 2066 23.84 -23.05 0.42
C ASN F 2066 24.55 -23.41 1.72
N LEU F 2067 23.99 -22.99 2.84
CA LEU F 2067 24.58 -23.32 4.11
C LEU F 2067 23.89 -24.51 4.76
N ASN F 2068 22.85 -25.06 4.14
CA ASN F 2068 22.20 -26.25 4.64
C ASN F 2068 22.97 -27.48 4.19
N TYR F 2069 23.02 -28.48 5.06
CA TYR F 2069 23.70 -29.73 4.73
C TYR F 2069 22.86 -30.57 3.77
N ASP F 2070 21.54 -30.49 3.89
CA ASP F 2070 20.65 -31.32 3.08
C ASP F 2070 20.56 -30.82 1.64
N ASN F 2071 20.65 -29.50 1.42
CA ASN F 2071 20.54 -28.98 0.07
C ASN F 2071 21.81 -29.17 -0.74
N ILE F 2072 22.90 -29.61 -0.11
CA ILE F 2072 24.13 -29.92 -0.83
C ILE F 2072 24.25 -31.43 -0.92
N ARG F 2073 23.79 -32.14 0.12
CA ARG F 2073 23.78 -33.59 0.07
C ARG F 2073 22.84 -34.12 -1.01
N ASN F 2074 21.66 -33.50 -1.15
CA ASN F 2074 20.68 -33.94 -2.13
C ASN F 2074 20.81 -33.18 -3.45
N SER F 2075 21.99 -32.66 -3.74
CA SER F 2075 22.16 -31.81 -4.91
C SER F 2075 22.59 -32.63 -6.11
N ASN F 2076 22.67 -31.98 -7.26
CA ASN F 2076 22.72 -32.63 -8.57
C ASN F 2076 24.17 -32.77 -9.03
N LEU F 2077 24.40 -33.69 -9.98
CA LEU F 2077 25.72 -33.85 -10.56
C LEU F 2077 26.01 -32.80 -11.61
N ILE F 2078 24.97 -32.24 -12.23
CA ILE F 2078 25.16 -31.16 -13.20
C ILE F 2078 25.72 -29.93 -12.49
N SER F 2079 25.23 -29.64 -11.29
CA SER F 2079 25.75 -28.53 -10.50
C SER F 2079 27.16 -28.76 -9.98
N PHE F 2080 27.59 -30.01 -9.83
CA PHE F 2080 28.95 -30.29 -9.39
C PHE F 2080 29.92 -30.40 -10.54
N SER F 2081 29.44 -30.71 -11.74
CA SER F 2081 30.29 -30.81 -12.92
C SER F 2081 30.83 -29.45 -13.37
N LYS F 2082 30.32 -28.36 -12.81
CA LYS F 2082 30.90 -27.04 -13.06
C LYS F 2082 32.27 -26.90 -12.43
N LEU F 2083 32.52 -27.59 -11.32
CA LEU F 2083 33.72 -27.35 -10.52
C LEU F 2083 34.93 -28.13 -10.99
N ILE F 2084 34.72 -29.25 -11.68
CA ILE F 2084 35.79 -30.22 -11.90
C ILE F 2084 36.78 -29.71 -12.93
N CYS F 2085 38.06 -29.64 -12.52
CA CYS F 2085 39.17 -29.31 -13.40
C CYS F 2085 40.39 -30.02 -12.84
N CYS F 2086 40.69 -31.20 -13.36
CA CYS F 2086 41.66 -32.09 -12.72
C CYS F 2086 43.08 -31.93 -13.20
N GLU F 2087 43.30 -32.20 -14.49
CA GLU F 2087 44.63 -32.34 -15.10
C GLU F 2087 45.50 -33.34 -14.35
N GLY F 2088 45.02 -34.57 -14.16
CA GLY F 2088 45.82 -35.62 -13.61
C GLY F 2088 45.85 -35.85 -12.10
N SER F 2089 44.70 -36.12 -11.48
CA SER F 2089 44.68 -36.68 -10.14
C SER F 2089 44.43 -38.19 -10.24
N ASP F 2090 44.25 -38.84 -9.10
CA ASP F 2090 43.96 -40.27 -9.10
C ASP F 2090 42.90 -40.70 -8.08
N ASN F 2091 42.30 -39.78 -7.34
CA ASN F 2091 41.26 -40.11 -6.38
C ASN F 2091 40.47 -38.85 -6.08
N ILE F 2092 39.16 -39.01 -5.89
CA ILE F 2092 38.33 -37.90 -5.45
C ILE F 2092 38.58 -37.50 -4.01
N ASN F 2093 38.98 -38.44 -3.14
CA ASN F 2093 39.23 -38.13 -1.74
C ASN F 2093 40.50 -37.31 -1.58
N ASP F 2094 41.47 -37.48 -2.47
CA ASP F 2094 42.67 -36.67 -2.41
C ASP F 2094 42.43 -35.28 -2.97
N GLY F 2095 41.44 -35.14 -3.86
CA GLY F 2095 41.17 -33.83 -4.43
C GLY F 2095 40.21 -33.00 -3.60
N LEU F 2096 39.35 -33.64 -2.81
CA LEU F 2096 38.42 -32.91 -1.98
C LEU F 2096 39.01 -32.49 -0.63
N GLU F 2097 40.33 -32.56 -0.47
CA GLU F 2097 40.93 -32.12 0.79
C GLU F 2097 40.89 -30.61 0.95
N PHE F 2098 40.75 -29.86 -0.13
CA PHE F 2098 40.70 -28.40 -0.07
C PHE F 2098 39.27 -27.91 0.11
N LEU F 2099 38.59 -28.46 1.11
CA LEU F 2099 37.25 -28.01 1.46
C LEU F 2099 37.10 -27.99 2.97
N SER F 2100 35.95 -27.49 3.42
CA SER F 2100 35.73 -27.27 4.85
C SER F 2100 35.52 -28.58 5.59
N ASP F 2101 35.95 -28.63 6.84
CA ASP F 2101 35.68 -29.75 7.73
C ASP F 2101 34.82 -29.34 8.90
N ASP F 2102 34.28 -28.13 8.89
CA ASP F 2102 33.46 -27.65 9.98
C ASP F 2102 32.03 -28.15 9.79
N PRO F 2103 31.30 -28.42 10.88
CA PRO F 2103 29.91 -28.86 10.74
C PRO F 2103 29.00 -27.73 10.28
N MET F 2104 28.17 -28.04 9.29
CA MET F 2104 27.25 -27.05 8.74
C MET F 2104 26.08 -26.80 9.67
N ASN F 2105 25.27 -25.80 9.32
CA ASN F 2105 24.08 -25.47 10.09
C ASN F 2105 22.81 -25.91 9.36
N PHE F 2106 22.45 -27.19 9.50
CA PHE F 2106 21.26 -27.73 8.84
C PHE F 2106 19.97 -27.42 9.59
N THR F 2107 18.84 -27.89 9.07
CA THR F 2107 17.55 -27.66 9.70
C THR F 2107 16.80 -28.94 10.08
N GLU F 2108 15.92 -28.84 11.06
CA GLU F 2108 15.13 -29.96 11.53
C GLU F 2108 13.71 -29.49 11.81
N GLY F 2109 12.75 -29.95 11.02
CA GLY F 2109 11.37 -29.53 11.15
C GLY F 2109 10.51 -30.43 11.98
N GLU F 2110 9.81 -29.83 12.95
CA GLU F 2110 8.90 -30.55 13.82
C GLU F 2110 7.48 -30.06 13.58
N ALA F 2111 6.52 -30.93 13.85
CA ALA F 2111 5.12 -30.56 13.83
C ALA F 2111 4.78 -29.76 15.08
N ILE F 2112 3.69 -29.00 15.00
CA ILE F 2112 3.41 -28.05 16.07
C ILE F 2112 2.31 -28.53 17.01
N HIS F 2113 1.53 -29.54 16.60
CA HIS F 2113 0.38 -30.06 17.34
C HIS F 2113 -0.63 -28.96 17.67
N SER F 2114 -1.22 -28.41 16.62
CA SER F 2114 -2.28 -27.43 16.72
C SER F 2114 -3.44 -27.86 15.85
N THR F 2115 -4.55 -27.13 15.93
CA THR F 2115 -5.70 -27.50 15.13
C THR F 2115 -5.55 -27.08 13.67
N PRO F 2116 -5.04 -25.87 13.35
CA PRO F 2116 -4.47 -25.71 12.00
C PRO F 2116 -3.06 -26.29 11.97
N ILE F 2117 -2.92 -27.59 11.72
CA ILE F 2117 -1.63 -28.24 11.94
C ILE F 2117 -0.62 -27.78 10.88
N PHE F 2118 0.62 -27.57 11.32
CA PHE F 2118 1.70 -27.18 10.43
C PHE F 2118 3.02 -27.61 11.02
N ASN F 2119 4.08 -27.38 10.27
CA ASN F 2119 5.44 -27.66 10.67
C ASN F 2119 6.22 -26.36 10.76
N ILE F 2120 7.18 -26.31 11.67
CA ILE F 2120 8.02 -25.12 11.83
C ILE F 2120 9.48 -25.50 11.66
N TYR F 2121 10.07 -25.13 10.54
CA TYR F 2121 11.47 -25.45 10.25
C TYR F 2121 12.44 -24.41 10.79
N TYR F 2122 13.67 -24.84 11.06
CA TYR F 2122 14.70 -23.95 11.57
C TYR F 2122 16.07 -24.58 11.36
N SER F 2123 17.13 -23.78 11.47
CA SER F 2123 18.49 -24.27 11.28
C SER F 2123 19.03 -24.86 12.59
N LYS F 2124 20.16 -25.54 12.51
CA LYS F 2124 20.76 -26.15 13.69
C LYS F 2124 22.05 -26.88 13.36
N ARG F 2125 23.09 -26.63 14.15
CA ARG F 2125 24.38 -27.27 13.94
C ARG F 2125 24.20 -28.79 13.92
N GLY F 2126 24.76 -29.43 12.90
CA GLY F 2126 24.65 -30.88 12.76
C GLY F 2126 25.73 -31.64 13.52
N GLU F 2127 25.79 -32.94 13.28
CA GLU F 2127 26.77 -33.80 13.94
C GLU F 2127 28.16 -33.60 13.35
N ARG F 2128 29.18 -34.03 14.07
CA ARG F 2128 30.55 -33.87 13.62
C ARG F 2128 30.72 -34.37 12.18
N HIS F 2129 29.85 -35.28 11.75
CA HIS F 2129 29.96 -35.85 10.41
C HIS F 2129 29.33 -34.97 9.34
N MET F 2130 28.50 -34.00 9.72
CA MET F 2130 27.77 -33.17 8.77
C MET F 2130 28.62 -31.98 8.33
N THR F 2131 29.73 -32.29 7.69
CA THR F 2131 30.67 -31.29 7.19
C THR F 2131 30.28 -30.89 5.78
N TYR F 2132 31.17 -30.19 5.09
CA TYR F 2132 30.96 -29.87 3.69
C TYR F 2132 31.55 -30.94 2.77
N ARG F 2133 32.71 -31.49 3.15
CA ARG F 2133 33.34 -32.56 2.37
C ARG F 2133 32.46 -33.79 2.34
N ASN F 2134 31.79 -34.10 3.45
CA ASN F 2134 30.93 -35.27 3.48
C ASN F 2134 29.71 -35.11 2.60
N ALA F 2135 29.18 -33.89 2.52
CA ALA F 2135 28.06 -33.63 1.61
C ALA F 2135 28.49 -33.76 0.16
N ILE F 2136 29.70 -33.26 -0.16
CA ILE F 2136 30.20 -33.40 -1.52
C ILE F 2136 30.47 -34.86 -1.86
N LYS F 2137 31.00 -35.63 -0.90
CA LYS F 2137 31.27 -37.04 -1.15
C LYS F 2137 29.99 -37.86 -1.32
N LEU F 2138 28.96 -37.55 -0.53
CA LEU F 2138 27.69 -38.24 -0.70
C LEU F 2138 27.03 -37.89 -2.03
N LEU F 2139 27.15 -36.61 -2.44
CA LEU F 2139 26.70 -36.19 -3.78
C LEU F 2139 27.41 -37.00 -4.86
N ILE F 2140 28.73 -37.11 -4.75
CA ILE F 2140 29.53 -37.79 -5.77
C ILE F 2140 29.16 -39.26 -5.84
N GLU F 2141 29.03 -39.93 -4.69
CA GLU F 2141 28.68 -41.35 -4.67
C GLU F 2141 27.31 -41.60 -5.27
N ARG F 2142 26.30 -40.86 -4.80
CA ARG F 2142 24.93 -41.09 -5.27
C ARG F 2142 24.76 -40.77 -6.75
N GLU F 2143 25.09 -39.54 -7.14
CA GLU F 2143 24.88 -39.14 -8.53
C GLU F 2143 25.86 -39.81 -9.48
N THR F 2144 27.01 -40.28 -9.00
CA THR F 2144 27.93 -41.01 -9.85
C THR F 2144 27.46 -42.44 -10.07
N LYS F 2145 26.84 -43.07 -9.06
CA LYS F 2145 26.22 -44.37 -9.29
C LYS F 2145 25.08 -44.28 -10.29
N ILE F 2146 24.31 -43.19 -10.22
CA ILE F 2146 23.25 -42.96 -11.21
C ILE F 2146 23.84 -42.74 -12.61
N PHE F 2147 24.94 -41.99 -12.71
CA PHE F 2147 25.50 -41.73 -14.03
C PHE F 2147 26.23 -42.95 -14.59
N GLU F 2148 26.79 -43.80 -13.73
CA GLU F 2148 27.41 -45.03 -14.20
C GLU F 2148 26.37 -46.02 -14.69
N GLU F 2149 25.23 -46.11 -14.01
CA GLU F 2149 24.18 -46.95 -14.57
C GLU F 2149 23.44 -46.28 -15.72
N ALA F 2150 23.67 -45.00 -15.96
CA ALA F 2150 23.05 -44.34 -17.11
C ALA F 2150 23.85 -44.55 -18.38
N PHE F 2151 25.18 -44.65 -18.28
CA PHE F 2151 26.02 -44.87 -19.46
C PHE F 2151 26.72 -46.21 -19.41
N THR F 2152 25.97 -47.27 -19.11
CA THR F 2152 26.53 -48.62 -19.16
C THR F 2152 26.94 -48.99 -20.58
N PHE F 2153 26.00 -48.92 -21.53
CA PHE F 2153 26.17 -49.17 -22.96
C PHE F 2153 26.68 -50.58 -23.29
N SER F 2154 26.66 -51.51 -22.34
CA SER F 2154 27.23 -52.83 -22.52
C SER F 2154 26.56 -53.76 -21.50
N GLU F 2155 27.13 -54.93 -21.32
CA GLU F 2155 26.64 -55.91 -20.36
C GLU F 2155 27.54 -56.04 -19.14
N ASN F 2156 28.86 -55.89 -19.33
CA ASN F 2156 29.82 -56.19 -18.26
C ASN F 2156 29.76 -55.13 -17.16
N GLY F 2157 30.07 -53.88 -17.52
CA GLY F 2157 30.05 -52.81 -16.53
C GLY F 2157 30.66 -51.55 -17.09
N PHE F 2158 30.92 -50.60 -16.19
CA PHE F 2158 31.45 -49.30 -16.54
C PHE F 2158 32.98 -49.31 -16.63
N ILE F 2159 33.60 -50.40 -16.19
CA ILE F 2159 35.06 -50.51 -16.16
C ILE F 2159 35.58 -51.43 -17.25
N SER F 2160 34.70 -52.08 -18.01
CA SER F 2160 35.11 -53.04 -19.02
C SER F 2160 35.80 -52.35 -20.18
N PRO F 2161 36.71 -53.04 -20.89
CA PRO F 2161 37.39 -52.41 -22.03
C PRO F 2161 36.48 -52.08 -23.20
N GLU F 2162 35.34 -52.76 -23.33
CA GLU F 2162 34.41 -52.42 -24.39
C GLU F 2162 33.67 -51.11 -24.07
N ASN F 2163 33.28 -50.93 -22.81
CA ASN F 2163 32.64 -49.68 -22.43
C ASN F 2163 33.65 -48.54 -22.42
N LEU F 2164 34.89 -48.84 -22.03
CA LEU F 2164 35.92 -47.82 -22.06
C LEU F 2164 36.30 -47.48 -23.51
N GLY F 2165 36.09 -48.42 -24.42
CA GLY F 2165 36.27 -48.11 -25.82
C GLY F 2165 35.14 -47.24 -26.37
N CYS F 2166 33.91 -47.50 -25.95
CA CYS F 2166 32.80 -46.76 -26.54
C CYS F 2166 32.65 -45.37 -25.91
N LEU F 2167 33.08 -45.21 -24.66
CA LEU F 2167 33.10 -43.89 -24.04
C LEU F 2167 34.15 -42.99 -24.66
N GLU F 2168 35.21 -43.61 -25.19
CA GLU F 2168 36.34 -42.89 -25.77
C GLU F 2168 35.92 -42.10 -26.98
N ALA F 2169 35.05 -42.68 -27.80
CA ALA F 2169 34.54 -41.98 -28.97
C ALA F 2169 33.62 -40.83 -28.57
N VAL F 2170 32.88 -40.99 -27.48
CA VAL F 2170 31.97 -39.92 -27.05
C VAL F 2170 32.75 -38.76 -26.47
N VAL F 2171 33.81 -39.05 -25.70
CA VAL F 2171 34.66 -38.00 -25.16
C VAL F 2171 35.42 -37.30 -26.29
N SER F 2172 35.84 -38.06 -27.31
CA SER F 2172 36.50 -37.45 -28.46
C SER F 2172 35.54 -36.59 -29.26
N LEU F 2173 34.29 -37.03 -29.37
CA LEU F 2173 33.28 -36.32 -30.13
C LEU F 2173 32.91 -34.99 -29.48
N ILE F 2174 32.68 -35.01 -28.18
CA ILE F 2174 32.31 -33.81 -27.43
C ILE F 2174 33.30 -32.67 -27.66
N LYS F 2175 34.57 -32.95 -27.45
CA LYS F 2175 35.61 -31.94 -27.63
C LYS F 2175 35.94 -31.76 -29.10
N LEU F 2176 35.64 -32.77 -29.89
CA LEU F 2176 35.93 -32.72 -31.32
C LEU F 2176 34.98 -31.81 -32.09
N LEU F 2177 34.05 -31.17 -31.38
CA LEU F 2177 33.12 -30.27 -32.02
C LEU F 2177 32.95 -28.99 -31.20
N LYS F 2178 31.93 -28.21 -31.55
CA LYS F 2178 31.61 -26.97 -30.86
C LYS F 2178 31.22 -27.25 -29.41
N THR F 2179 31.75 -26.41 -28.52
CA THR F 2179 31.59 -26.61 -27.08
C THR F 2179 30.14 -26.28 -26.69
N ASN F 2180 29.34 -27.31 -26.51
CA ASN F 2180 27.96 -27.20 -26.09
C ASN F 2180 27.88 -27.35 -24.58
N GLU F 2181 26.81 -26.81 -23.98
CA GLU F 2181 26.58 -26.98 -22.55
C GLU F 2181 26.29 -28.45 -22.21
N TRP F 2182 25.46 -29.12 -23.02
CA TRP F 2182 25.16 -30.52 -22.77
C TRP F 2182 26.38 -31.39 -23.01
N SER F 2183 27.16 -31.06 -24.05
CA SER F 2183 28.36 -31.80 -24.38
C SER F 2183 29.41 -31.67 -23.29
N THR F 2184 29.56 -30.48 -22.72
CA THR F 2184 30.55 -30.32 -21.67
C THR F 2184 30.05 -30.90 -20.34
N VAL F 2185 28.74 -30.96 -20.12
CA VAL F 2185 28.24 -31.65 -18.93
C VAL F 2185 28.51 -33.15 -19.02
N ILE F 2186 28.27 -33.75 -20.21
CA ILE F 2186 28.58 -35.17 -20.41
C ILE F 2186 30.08 -35.43 -20.28
N ASP F 2187 30.90 -34.51 -20.80
CA ASP F 2187 32.35 -34.63 -20.71
C ASP F 2187 32.84 -34.59 -19.26
N LYS F 2188 32.37 -33.60 -18.48
CA LYS F 2188 32.80 -33.49 -17.10
C LYS F 2188 32.27 -34.65 -16.24
N CYS F 2189 31.09 -35.17 -16.55
CA CYS F 2189 30.56 -36.27 -15.76
C CYS F 2189 31.30 -37.58 -16.04
N ILE F 2190 31.64 -37.84 -17.32
CA ILE F 2190 32.46 -39.01 -17.64
C ILE F 2190 33.85 -38.87 -17.03
N HIS F 2191 34.34 -37.62 -16.96
CA HIS F 2191 35.64 -37.38 -16.34
C HIS F 2191 35.61 -37.64 -14.83
N ILE F 2192 34.55 -37.20 -14.14
CA ILE F 2192 34.39 -37.47 -12.71
C ILE F 2192 34.26 -38.97 -12.44
N CYS F 2193 33.49 -39.66 -13.28
CA CYS F 2193 33.32 -41.11 -13.11
C CYS F 2193 34.62 -41.86 -13.34
N LEU F 2194 35.43 -41.45 -14.31
CA LEU F 2194 36.71 -42.13 -14.47
C LEU F 2194 37.73 -41.72 -13.42
N ILE F 2195 37.56 -40.56 -12.77
CA ILE F 2195 38.42 -40.25 -11.63
C ILE F 2195 38.05 -41.13 -10.44
N LYS F 2196 36.75 -41.37 -10.23
CA LYS F 2196 36.29 -42.11 -9.05
C LYS F 2196 36.75 -43.56 -9.09
N ASN F 2197 36.65 -44.20 -10.26
CA ASN F 2197 37.03 -45.61 -10.38
C ASN F 2197 38.53 -45.81 -10.51
N GLY F 2198 39.31 -44.74 -10.58
CA GLY F 2198 40.75 -44.88 -10.67
C GLY F 2198 41.27 -45.03 -12.07
N MET F 2199 40.60 -44.45 -13.06
CA MET F 2199 41.04 -44.52 -14.45
C MET F 2199 41.22 -43.15 -15.06
N ASP F 2200 41.75 -42.19 -14.29
CA ASP F 2200 41.95 -40.84 -14.79
C ASP F 2200 43.04 -40.79 -15.85
N HIS F 2201 44.10 -41.59 -15.67
CA HIS F 2201 45.16 -41.67 -16.67
C HIS F 2201 44.64 -42.24 -17.98
N MET F 2202 43.66 -43.15 -17.90
CA MET F 2202 43.08 -43.71 -19.11
C MET F 2202 42.15 -42.69 -19.76
N TYR F 2203 41.57 -41.78 -18.97
CA TYR F 2203 40.81 -40.68 -19.55
C TYR F 2203 41.73 -39.72 -20.28
N HIS F 2204 42.87 -39.39 -19.69
CA HIS F 2204 43.75 -38.42 -20.32
C HIS F 2204 44.59 -39.07 -21.42
N SER F 2205 44.48 -40.40 -21.57
CA SER F 2205 45.06 -41.07 -22.72
C SER F 2205 44.04 -41.24 -23.84
N PHE F 2206 42.93 -40.51 -23.80
CA PHE F 2206 41.93 -40.61 -24.85
C PHE F 2206 42.36 -39.91 -26.13
N ASP F 2207 41.90 -40.46 -27.25
CA ASP F 2207 42.02 -39.86 -28.57
C ASP F 2207 40.92 -40.49 -29.40
N VAL F 2208 40.85 -40.15 -30.67
CA VAL F 2208 39.92 -40.90 -31.54
C VAL F 2208 40.49 -42.30 -31.76
N PRO F 2209 39.65 -43.33 -31.86
CA PRO F 2209 40.17 -44.69 -32.05
C PRO F 2209 40.70 -44.88 -33.45
N LYS F 2210 41.33 -46.05 -33.65
CA LYS F 2210 41.86 -46.40 -34.97
C LYS F 2210 40.76 -46.78 -35.96
N CYS F 2211 39.53 -46.99 -35.49
CA CYS F 2211 38.41 -47.30 -36.37
C CYS F 2211 37.65 -46.04 -36.79
N PHE F 2212 38.29 -44.89 -36.70
CA PHE F 2212 37.74 -43.66 -37.25
C PHE F 2212 38.76 -42.83 -38.00
N MET F 2213 39.99 -43.30 -38.12
CA MET F 2213 41.00 -42.70 -38.97
C MET F 2213 41.07 -43.43 -40.30
N GLY F 2214 41.58 -42.74 -41.31
CA GLY F 2214 41.92 -43.38 -42.57
C GLY F 2214 43.41 -43.67 -42.63
N ASN F 2215 44.19 -42.78 -42.02
CA ASN F 2215 45.64 -42.88 -41.95
C ASN F 2215 46.06 -42.48 -40.55
N PRO F 2216 47.19 -43.00 -40.05
CA PRO F 2216 47.61 -42.62 -38.68
C PRO F 2216 48.01 -41.17 -38.55
N ILE F 2217 48.92 -40.69 -39.40
CA ILE F 2217 49.40 -39.32 -39.27
C ILE F 2217 48.38 -38.36 -39.87
N THR F 2218 47.83 -38.70 -41.03
CA THR F 2218 46.81 -37.87 -41.69
C THR F 2218 45.52 -38.03 -40.90
N ARG F 2219 45.25 -37.03 -40.05
CA ARG F 2219 44.09 -37.06 -39.17
C ARG F 2219 42.81 -36.85 -39.96
N ASP F 2220 42.12 -37.94 -40.27
CA ASP F 2220 40.88 -37.91 -41.03
C ASP F 2220 39.76 -38.49 -40.19
N ILE F 2221 38.57 -37.89 -40.30
CA ILE F 2221 37.45 -38.24 -39.45
C ILE F 2221 36.36 -38.86 -40.31
N ASN F 2222 36.18 -40.17 -40.17
CA ASN F 2222 35.18 -40.91 -40.95
C ASN F 2222 33.81 -40.58 -40.38
N TRP F 2223 33.20 -39.52 -40.94
CA TRP F 2223 31.99 -38.97 -40.36
C TRP F 2223 30.79 -39.87 -40.56
N VAL F 2224 30.76 -40.65 -41.65
CA VAL F 2224 29.62 -41.54 -41.91
C VAL F 2224 29.60 -42.68 -40.89
N MET F 2225 30.76 -43.28 -40.65
CA MET F 2225 30.88 -44.32 -39.64
C MET F 2225 30.66 -43.76 -38.23
N PHE F 2226 31.03 -42.50 -38.03
CA PHE F 2226 30.84 -41.88 -36.73
C PHE F 2226 29.36 -41.58 -36.48
N ARG F 2227 28.65 -41.19 -37.54
CA ARG F 2227 27.21 -40.99 -37.48
C ARG F 2227 26.49 -42.31 -37.24
N GLU F 2228 27.01 -43.39 -37.82
CA GLU F 2228 26.46 -44.72 -37.56
C GLU F 2228 26.71 -45.13 -36.10
N PHE F 2229 27.85 -44.71 -35.54
CA PHE F 2229 28.14 -44.96 -34.13
C PHE F 2229 27.16 -44.24 -33.22
N ILE F 2230 26.93 -42.95 -33.49
CA ILE F 2230 26.03 -42.17 -32.64
C ILE F 2230 24.59 -42.63 -32.81
N ASN F 2231 24.23 -43.03 -34.04
CA ASN F 2231 22.86 -43.46 -34.30
C ASN F 2231 22.57 -44.81 -33.66
N SER F 2232 23.60 -45.64 -33.49
CA SER F 2232 23.45 -46.95 -32.87
C SER F 2232 23.87 -46.97 -31.40
N LEU F 2233 23.80 -45.82 -30.72
CA LEU F 2233 24.22 -45.75 -29.33
C LEU F 2233 23.04 -46.03 -28.44
N PRO F 2234 23.06 -47.09 -27.64
CA PRO F 2234 21.89 -47.48 -26.83
C PRO F 2234 21.70 -46.60 -25.60
N GLY F 2235 21.19 -45.39 -25.82
CA GLY F 2235 20.93 -44.48 -24.72
C GLY F 2235 19.77 -44.94 -23.86
N THR F 2236 19.97 -44.88 -22.55
CA THR F 2236 19.02 -45.45 -21.60
C THR F 2236 17.82 -44.52 -21.41
N ASP F 2237 16.93 -44.95 -20.53
CA ASP F 2237 15.64 -44.28 -20.31
C ASP F 2237 15.49 -43.65 -18.93
N ILE F 2238 16.46 -43.84 -18.04
CA ILE F 2238 16.32 -43.42 -16.64
C ILE F 2238 16.53 -41.91 -16.57
N PRO F 2239 15.65 -41.17 -15.89
CA PRO F 2239 15.87 -39.74 -15.69
C PRO F 2239 17.04 -39.51 -14.75
N PRO F 2240 17.72 -38.35 -14.85
CA PRO F 2240 17.52 -37.27 -15.81
C PRO F 2240 18.50 -37.32 -16.98
N TRP F 2241 19.06 -38.50 -17.25
CA TRP F 2241 20.08 -38.60 -18.28
C TRP F 2241 19.55 -39.05 -19.63
N ASN F 2242 18.28 -39.49 -19.68
CA ASN F 2242 17.69 -39.86 -20.97
C ASN F 2242 17.43 -38.64 -21.82
N VAL F 2243 16.90 -37.57 -21.22
CA VAL F 2243 16.62 -36.33 -21.94
C VAL F 2243 17.92 -35.69 -22.41
N MET F 2244 18.93 -35.68 -21.54
CA MET F 2244 20.20 -35.06 -21.87
C MET F 2244 20.97 -35.86 -22.91
N THR F 2245 20.91 -37.19 -22.81
CA THR F 2245 21.53 -38.06 -23.80
C THR F 2245 20.87 -37.90 -25.16
N GLU F 2246 19.54 -37.82 -25.17
CA GLU F 2246 18.80 -37.69 -26.42
C GLU F 2246 19.04 -36.34 -27.08
N ASN F 2247 19.12 -35.27 -26.28
CA ASN F 2247 19.39 -33.94 -26.83
C ASN F 2247 20.83 -33.83 -27.31
N PHE F 2248 21.76 -34.49 -26.60
CA PHE F 2248 23.14 -34.57 -27.05
C PHE F 2248 23.25 -35.25 -28.40
N LYS F 2249 22.56 -36.38 -28.56
CA LYS F 2249 22.58 -37.12 -29.82
C LYS F 2249 21.96 -36.30 -30.94
N LYS F 2250 20.85 -35.61 -30.65
CA LYS F 2250 20.20 -34.78 -31.66
C LYS F 2250 21.09 -33.63 -32.11
N LYS F 2251 21.77 -32.96 -31.18
CA LYS F 2251 22.55 -31.81 -31.59
C LYS F 2251 23.85 -32.24 -32.27
N CYS F 2252 24.37 -33.42 -31.91
CA CYS F 2252 25.55 -33.92 -32.63
C CYS F 2252 25.21 -34.32 -34.06
N ILE F 2253 24.08 -35.02 -34.25
CA ILE F 2253 23.62 -35.38 -35.59
C ILE F 2253 23.28 -34.13 -36.39
N ALA F 2254 22.68 -33.13 -35.73
CA ALA F 2254 22.32 -31.90 -36.41
C ALA F 2254 23.55 -31.08 -36.79
N LEU F 2255 24.58 -31.09 -35.95
CA LEU F 2255 25.77 -30.31 -36.24
C LEU F 2255 26.61 -30.97 -37.33
N ILE F 2256 26.64 -32.31 -37.35
CA ILE F 2256 27.33 -32.95 -38.47
C ILE F 2256 26.51 -32.88 -39.75
N ASN F 2257 25.18 -32.76 -39.67
CA ASN F 2257 24.41 -32.45 -40.87
C ASN F 2257 24.68 -31.03 -41.35
N SER F 2258 24.89 -30.10 -40.41
CA SER F 2258 25.10 -28.71 -40.77
C SER F 2258 26.52 -28.49 -41.30
N LYS F 2259 27.45 -29.38 -40.98
CA LYS F 2259 28.77 -29.25 -41.59
C LYS F 2259 28.72 -29.60 -43.07
N PHE F 2260 28.09 -30.71 -43.42
CA PHE F 2260 27.92 -31.09 -44.83
C PHE F 2260 26.84 -30.23 -45.49
N SER F 2267 26.40 -51.14 -31.60
CA SER F 2267 26.18 -52.55 -31.90
C SER F 2267 27.50 -53.24 -32.23
N GLU F 2268 27.90 -53.16 -33.49
CA GLU F 2268 29.18 -53.73 -33.92
C GLU F 2268 30.37 -52.89 -33.49
N PHE F 2269 30.14 -51.61 -33.20
CA PHE F 2269 31.22 -50.70 -32.79
C PHE F 2269 31.81 -51.12 -31.45
N THR F 2270 30.94 -51.43 -30.48
CA THR F 2270 31.39 -51.85 -29.16
C THR F 2270 31.97 -53.25 -29.20
N LYS F 2271 31.52 -54.08 -30.14
CA LYS F 2271 32.10 -55.41 -30.32
C LYS F 2271 33.47 -55.30 -30.95
N LEU F 2272 33.71 -54.25 -31.73
CA LEU F 2272 35.03 -54.02 -32.30
C LEU F 2272 35.98 -53.46 -31.25
N MET F 2273 35.65 -52.30 -30.70
CA MET F 2273 36.51 -51.66 -29.71
C MET F 2273 36.14 -52.08 -28.29
ZN ZN G . 41.70 -35.72 -14.74
MG MG H . -15.18 -8.02 8.97
#